data_5M1D
#
_entry.id   5M1D
#
_cell.length_a   194.199
_cell.length_b   194.199
_cell.length_c   107.598
_cell.angle_alpha   90.00
_cell.angle_beta   90.00
_cell.angle_gamma   90.00
#
_symmetry.space_group_name_H-M   'P 43 21 2'
#
loop_
_entity.id
_entity.type
_entity.pdbx_description
1 polymer '3-octaprenyl-4-hydroxybenzoate carboxy-lyase'
2 non-polymer 'MANGANESE (II) ION'
3 non-polymer '1-deoxy-5-O-phosphono-1-(3,3,4,5-tetramethyl-9,11-dioxo-2,3,8,9,10,11-hexahydro-7H-quinolino[1,8-fg]pteridin-12-ium-7-y l)-D-ribitol'
4 non-polymer 'SODIUM ION'
5 non-polymer 'SULFATE ION'
6 water water
#
_entity_poly.entity_id   1
_entity_poly.type   'polypeptide(L)'
_entity_poly.pdbx_seq_one_letter_code
;MGSSHHHHHHSSGLVPRGSHMDAMKYNDLRDFLTLLEQQGELKRITLPVDPHLEITEIADRTLRAGGPALLFENPKGYSM
PVLCNLFGTPKRVAMGMGQEDVSALREVGKLLAFLKEPEPPKGFRDLFDKLPQFKQVLNMPTKRLRGAPCQQKIVSGDDV
DLNRIPIMTCWPEDAAPLITWGLTVTRGPHKERQNLGIYRQQLIGKNKLIMRWLSHRGGALDYQEWCAAHPGERFPVSVA
LGADPATILGAVTPVPDTLSEYAFAGLLRGTKTEVVKCISNDLEVPASAEIVLEGYIEQGETAPEGPYGDHTGYYNEVDS
FPVFTVTHITQREDAIYHSTYTGRPPDEPAVLGVALNEVFVPILQKQFPEIVDFYLPPEGCSYRLAVVTIKKQYAGHAKR
VMMGVWSFLRQFMYTKFVIVCDDDVNARDWNDVIWAITTRMDPARDTVLVENTPIDYLDFASPVSGLGSKMGLDATNKWP
GETQREWGRPIKKDPDVVAHIDAIWDELAIFNNGKSA
;
_entity_poly.pdbx_strand_id   A,B,C
#
loop_
_chem_comp.id
_chem_comp.type
_chem_comp.name
_chem_comp.formula
4LU non-polymer '1-deoxy-5-O-phosphono-1-(3,3,4,5-tetramethyl-9,11-dioxo-2,3,8,9,10,11-hexahydro-7H-quinolino[1,8-fg]pteridin-12-ium-7-y l)-D-ribitol' 'C22 H30 N4 O9 P 1'
MN non-polymer 'MANGANESE (II) ION' 'Mn 2'
NA non-polymer 'SODIUM ION' 'Na 1'
SO4 non-polymer 'SULFATE ION' 'O4 S -2'
#
# COMPACT_ATOMS: atom_id res chain seq x y z
N TYR A 26 -19.95 -14.53 33.49
CA TYR A 26 -18.72 -13.69 33.41
C TYR A 26 -17.47 -14.54 33.21
N ASN A 27 -16.95 -14.49 31.99
CA ASN A 27 -15.75 -15.23 31.63
C ASN A 27 -14.57 -14.57 32.33
N ASP A 28 -13.94 -15.33 33.23
CA ASP A 28 -12.58 -15.05 33.67
C ASP A 28 -11.59 -15.69 32.68
N LEU A 29 -10.31 -15.75 33.03
CA LEU A 29 -9.29 -16.31 32.13
C LEU A 29 -9.42 -17.83 31.94
N ARG A 30 -9.77 -18.53 33.02
CA ARG A 30 -9.92 -20.01 32.98
C ARG A 30 -11.03 -20.47 32.05
N ASP A 31 -12.13 -19.72 32.01
CA ASP A 31 -13.18 -19.99 31.05
C ASP A 31 -12.65 -19.84 29.63
N PHE A 32 -11.87 -18.79 29.39
CA PHE A 32 -11.27 -18.54 28.08
C PHE A 32 -10.35 -19.70 27.66
N LEU A 33 -9.61 -20.25 28.61
CA LEU A 33 -8.69 -21.32 28.29
C LEU A 33 -9.41 -22.62 27.93
N THR A 34 -10.51 -22.88 28.62
CA THR A 34 -11.37 -24.03 28.30
C THR A 34 -11.99 -23.86 26.91
N LEU A 35 -12.43 -22.65 26.58
CA LEU A 35 -12.94 -22.38 25.23
C LEU A 35 -11.87 -22.69 24.17
N LEU A 36 -10.66 -22.20 24.41
CA LEU A 36 -9.54 -22.44 23.48
C LEU A 36 -9.20 -23.91 23.38
N GLU A 37 -9.21 -24.61 24.49
CA GLU A 37 -8.85 -26.00 24.45
C GLU A 37 -9.87 -26.79 23.63
N GLN A 38 -11.16 -26.51 23.82
CA GLN A 38 -12.22 -27.15 23.01
C GLN A 38 -12.03 -26.95 21.51
N GLN A 39 -11.39 -25.85 21.11
CA GLN A 39 -11.22 -25.53 19.71
C GLN A 39 -9.84 -25.87 19.14
N GLY A 40 -9.01 -26.59 19.91
CA GLY A 40 -7.68 -26.98 19.48
C GLY A 40 -6.71 -25.82 19.44
N GLU A 41 -7.00 -24.78 20.22
CA GLU A 41 -6.19 -23.56 20.28
C GLU A 41 -5.38 -23.44 21.57
N LEU A 42 -5.50 -24.44 22.44
CA LEU A 42 -4.64 -24.52 23.62
C LEU A 42 -4.02 -25.89 23.70
N LYS A 43 -2.70 -25.92 23.89
CA LYS A 43 -1.94 -27.16 24.04
C LYS A 43 -1.27 -27.20 25.41
N ARG A 44 -1.50 -28.27 26.18
CA ARG A 44 -0.82 -28.48 27.45
C ARG A 44 0.50 -29.25 27.26
N ILE A 45 1.60 -28.72 27.76
CA ILE A 45 2.88 -29.42 27.74
C ILE A 45 3.09 -30.06 29.11
N THR A 46 3.22 -31.39 29.16
CA THR A 46 3.55 -32.05 30.42
C THR A 46 5.04 -32.34 30.63
N LEU A 47 5.83 -32.23 29.56
CA LEU A 47 7.29 -32.39 29.69
C LEU A 47 7.89 -31.30 30.58
N PRO A 48 8.98 -31.64 31.32
CA PRO A 48 9.68 -30.59 32.05
C PRO A 48 10.24 -29.55 31.10
N VAL A 49 9.99 -28.28 31.37
CA VAL A 49 10.54 -27.22 30.55
C VAL A 49 10.99 -26.05 31.42
N ASP A 50 12.19 -25.53 31.15
CA ASP A 50 12.77 -24.47 31.95
C ASP A 50 12.22 -23.09 31.59
N PRO A 51 11.72 -22.35 32.58
CA PRO A 51 11.43 -20.93 32.36
C PRO A 51 12.64 -20.07 31.94
N HIS A 52 13.85 -20.54 32.28
CA HIS A 52 15.06 -19.94 31.79
C HIS A 52 15.28 -20.39 30.34
N LEU A 53 14.97 -19.49 29.40
CA LEU A 53 15.31 -19.65 27.97
C LEU A 53 14.48 -20.65 27.12
N GLU A 54 14.11 -21.80 27.67
CA GLU A 54 13.50 -22.89 26.88
C GLU A 54 12.06 -22.61 26.49
N ILE A 55 11.29 -22.01 27.38
CA ILE A 55 9.90 -21.68 27.04
C ILE A 55 9.83 -20.69 25.85
N THR A 56 10.63 -19.62 25.92
CA THR A 56 10.71 -18.68 24.86
C THR A 56 11.00 -19.41 23.53
N GLU A 57 11.98 -20.29 23.50
CA GLU A 57 12.32 -21.00 22.27
C GLU A 57 11.13 -21.77 21.70
N ILE A 58 10.42 -22.47 22.57
CA ILE A 58 9.26 -23.27 22.16
C ILE A 58 8.16 -22.35 21.66
N ALA A 59 7.86 -21.31 22.43
CA ALA A 59 6.80 -20.36 22.04
C ALA A 59 7.12 -19.65 20.70
N ASP A 60 8.39 -19.30 20.50
CA ASP A 60 8.80 -18.67 19.29
C ASP A 60 8.53 -19.56 18.09
N ARG A 61 8.85 -20.84 18.17
CA ARG A 61 8.62 -21.71 17.03
C ARG A 61 7.12 -21.80 16.79
N THR A 62 6.39 -21.95 17.88
CA THR A 62 4.96 -22.15 17.83
C THR A 62 4.30 -20.96 17.14
N LEU A 63 4.62 -19.74 17.59
CA LEU A 63 4.01 -18.52 17.05
C LEU A 63 4.34 -18.37 15.58
N ARG A 64 5.60 -18.56 15.22
CA ARG A 64 6.05 -18.42 13.85
C ARG A 64 5.38 -19.42 12.89
N ALA A 65 4.89 -20.54 13.42
CA ALA A 65 4.08 -21.52 12.64
C ALA A 65 2.58 -21.36 12.88
N GLY A 66 2.18 -20.26 13.49
CA GLY A 66 0.77 -19.96 13.69
C GLY A 66 0.04 -21.01 14.52
N GLY A 67 0.73 -21.62 15.48
CA GLY A 67 0.14 -22.65 16.33
C GLY A 67 -0.65 -22.12 17.54
N PRO A 68 -1.03 -23.01 18.47
CA PRO A 68 -1.91 -22.69 19.57
C PRO A 68 -1.26 -21.87 20.67
N ALA A 69 -2.07 -21.50 21.66
CA ALA A 69 -1.56 -21.00 22.94
C ALA A 69 -1.00 -22.21 23.73
N LEU A 70 -0.06 -21.93 24.64
CA LEU A 70 0.65 -22.97 25.35
C LEU A 70 0.55 -22.87 26.87
N LEU A 71 0.21 -23.99 27.51
CA LEU A 71 0.20 -24.12 28.98
C LEU A 71 1.21 -25.17 29.44
N PHE A 72 2.36 -24.72 29.95
CA PHE A 72 3.40 -25.61 30.44
C PHE A 72 3.04 -26.04 31.85
N GLU A 73 2.52 -27.25 31.97
CA GLU A 73 2.05 -27.74 33.26
C GLU A 73 3.17 -28.15 34.23
N ASN A 74 4.41 -28.28 33.74
CA ASN A 74 5.50 -28.81 34.52
C ASN A 74 6.79 -28.02 34.35
N PRO A 75 6.81 -26.76 34.81
CA PRO A 75 8.01 -25.92 34.61
C PRO A 75 9.13 -26.35 35.54
N LYS A 76 10.31 -26.61 35.01
CA LYS A 76 11.43 -27.11 35.81
C LYS A 76 11.71 -26.22 37.01
N GLY A 77 11.45 -26.74 38.21
CA GLY A 77 11.78 -26.05 39.45
C GLY A 77 10.69 -25.18 40.07
N TYR A 78 9.47 -25.29 39.56
CA TYR A 78 8.30 -24.56 40.09
C TYR A 78 7.04 -25.43 40.04
N SER A 79 6.04 -25.05 40.80
CA SER A 79 4.79 -25.83 40.83
C SER A 79 3.65 -25.15 40.06
N MET A 80 3.84 -23.85 39.77
CA MET A 80 2.84 -23.00 39.15
C MET A 80 2.99 -23.13 37.62
N PRO A 81 1.92 -23.52 36.90
CA PRO A 81 2.00 -23.62 35.43
C PRO A 81 2.21 -22.28 34.75
N VAL A 82 2.87 -22.29 33.59
CA VAL A 82 3.14 -21.07 32.85
C VAL A 82 2.33 -21.06 31.58
N LEU A 83 1.52 -20.01 31.41
CA LEU A 83 0.74 -19.80 30.18
C LEU A 83 1.42 -18.77 29.30
N CYS A 84 1.66 -19.11 28.04
CA CYS A 84 2.16 -18.11 27.14
C CYS A 84 1.63 -18.31 25.72
N ASN A 85 1.98 -17.36 24.83
CA ASN A 85 1.50 -17.31 23.46
C ASN A 85 0.00 -17.20 23.41
N LEU A 86 -0.61 -16.62 24.44
CA LEU A 86 -2.06 -16.51 24.48
C LEU A 86 -2.62 -15.85 23.24
N PHE A 87 -2.03 -14.71 22.89
CA PHE A 87 -2.51 -13.90 21.76
C PHE A 87 -1.56 -13.96 20.56
N GLY A 88 -1.03 -15.15 20.30
CA GLY A 88 -0.07 -15.31 19.21
C GLY A 88 -0.67 -15.41 17.83
N THR A 89 -1.99 -15.36 17.77
CA THR A 89 -2.72 -15.50 16.54
C THR A 89 -3.75 -14.38 16.53
N PRO A 90 -4.09 -13.80 15.34
CA PRO A 90 -5.07 -12.70 15.40
C PRO A 90 -6.49 -13.18 15.73
N LYS A 91 -6.82 -14.38 15.28
CA LYS A 91 -8.04 -15.08 15.68
C LYS A 91 -8.27 -15.09 17.20
N ARG A 92 -7.22 -15.43 17.94
CA ARG A 92 -7.30 -15.54 19.38
C ARG A 92 -7.43 -14.17 20.03
N VAL A 93 -6.95 -13.11 19.36
CA VAL A 93 -7.23 -11.76 19.84
C VAL A 93 -8.72 -11.47 19.69
N ALA A 94 -9.26 -11.82 18.53
CA ALA A 94 -10.70 -11.68 18.30
C ALA A 94 -11.53 -12.49 19.28
N MET A 95 -11.22 -13.77 19.44
CA MET A 95 -11.91 -14.60 20.44
C MET A 95 -11.87 -13.99 21.84
N GLY A 96 -10.75 -13.42 22.21
CA GLY A 96 -10.63 -12.78 23.52
C GLY A 96 -11.49 -11.53 23.69
N MET A 97 -12.01 -10.99 22.59
CA MET A 97 -13.00 -9.89 22.64
C MET A 97 -14.42 -10.39 22.39
N GLY A 98 -14.63 -11.71 22.49
CA GLY A 98 -15.94 -12.34 22.25
C GLY A 98 -16.32 -12.59 20.79
N GLN A 99 -15.54 -12.09 19.84
CA GLN A 99 -15.93 -12.09 18.41
C GLN A 99 -15.43 -13.28 17.60
N GLU A 100 -15.96 -13.41 16.38
CA GLU A 100 -15.54 -14.43 15.38
C GLU A 100 -14.21 -14.05 14.71
N ASP A 101 -14.11 -12.77 14.37
CA ASP A 101 -13.01 -12.26 13.56
C ASP A 101 -12.55 -10.87 14.06
N VAL A 102 -11.49 -10.38 13.45
CA VAL A 102 -10.71 -9.25 13.98
C VAL A 102 -11.31 -7.87 13.65
N SER A 103 -12.15 -7.80 12.62
CA SER A 103 -12.82 -6.57 12.17
C SER A 103 -13.69 -5.85 13.23
N ALA A 104 -14.17 -6.55 14.25
CA ALA A 104 -14.98 -5.86 15.26
C ALA A 104 -14.25 -4.63 15.82
N LEU A 105 -12.92 -4.70 15.77
CA LEU A 105 -12.05 -3.59 16.14
C LEU A 105 -12.21 -2.36 15.28
N ARG A 106 -12.70 -2.51 14.06
CA ARG A 106 -13.01 -1.37 13.20
C ARG A 106 -14.14 -0.52 13.79
N GLU A 107 -15.13 -1.17 14.41
CA GLU A 107 -16.23 -0.46 15.06
C GLU A 107 -15.71 0.37 16.25
N VAL A 108 -14.70 -0.13 16.92
CA VAL A 108 -14.08 0.60 18.02
C VAL A 108 -13.36 1.80 17.41
N GLY A 109 -12.84 1.62 16.19
CA GLY A 109 -12.23 2.69 15.42
C GLY A 109 -13.17 3.85 15.29
N LYS A 110 -14.38 3.56 14.85
CA LYS A 110 -15.35 4.62 14.64
C LYS A 110 -15.77 5.28 15.95
N LEU A 111 -15.87 4.50 17.02
CA LEU A 111 -16.24 5.01 18.34
C LEU A 111 -15.19 6.02 18.84
N LEU A 112 -13.93 5.59 18.84
CA LEU A 112 -12.81 6.45 19.24
C LEU A 112 -12.72 7.75 18.37
N ALA A 113 -13.16 7.71 17.11
CA ALA A 113 -13.25 8.93 16.27
C ALA A 113 -14.15 9.98 16.91
N PHE A 114 -15.36 9.58 17.32
CA PHE A 114 -16.40 10.49 17.87
C PHE A 114 -16.00 11.32 19.11
N LEU A 115 -15.05 10.84 19.93
CA LEU A 115 -14.64 11.56 21.14
C LEU A 115 -13.51 12.60 20.91
N LYS A 116 -13.60 13.41 19.85
CA LYS A 116 -12.59 14.46 19.56
C LYS A 116 -13.02 15.45 18.47
N LYS A 135 -21.98 10.11 23.90
CA LYS A 135 -21.71 8.71 24.26
C LYS A 135 -21.61 8.50 25.78
N GLN A 136 -22.52 9.17 26.51
CA GLN A 136 -22.54 9.22 28.00
C GLN A 136 -22.27 7.94 28.78
N VAL A 137 -22.89 6.84 28.36
CA VAL A 137 -22.81 5.54 29.03
C VAL A 137 -21.59 4.73 28.58
N LEU A 138 -20.57 5.45 28.04
CA LEU A 138 -19.15 4.97 28.02
C LEU A 138 -18.39 5.55 29.23
N ASN A 139 -19.15 6.21 30.11
CA ASN A 139 -18.74 6.51 31.49
C ASN A 139 -19.12 5.30 32.38
N MET A 140 -18.52 4.16 32.01
CA MET A 140 -18.88 2.83 32.52
C MET A 140 -17.89 2.37 33.60
N PRO A 141 -18.29 2.47 34.90
CA PRO A 141 -17.35 2.20 35.98
C PRO A 141 -17.07 0.71 36.17
N THR A 142 -16.29 0.39 37.20
CA THR A 142 -16.05 -1.01 37.56
C THR A 142 -17.06 -1.46 38.59
N LYS A 143 -17.31 -2.77 38.59
CA LYS A 143 -18.14 -3.40 39.60
C LYS A 143 -17.22 -3.99 40.67
N ARG A 144 -17.24 -3.40 41.87
CA ARG A 144 -16.35 -3.85 42.95
C ARG A 144 -16.95 -4.99 43.79
N LEU A 145 -16.32 -6.17 43.73
CA LEU A 145 -16.73 -7.30 44.58
C LEU A 145 -16.11 -7.15 45.97
N ARG A 146 -16.69 -7.74 47.03
CA ARG A 146 -15.96 -7.89 48.30
C ARG A 146 -15.54 -9.35 48.45
N GLY A 147 -14.26 -9.59 48.24
CA GLY A 147 -13.74 -10.95 48.14
C GLY A 147 -13.74 -11.42 46.70
N ALA A 148 -12.66 -12.11 46.36
CA ALA A 148 -12.33 -12.51 45.00
C ALA A 148 -11.35 -13.68 45.01
N PRO A 149 -11.40 -14.56 44.01
CA PRO A 149 -10.45 -15.69 44.01
C PRO A 149 -8.96 -15.31 44.08
N CYS A 150 -8.59 -14.18 43.47
CA CYS A 150 -7.21 -13.67 43.52
C CYS A 150 -6.65 -13.36 44.94
N GLN A 151 -7.49 -13.42 45.98
CA GLN A 151 -7.06 -13.24 47.36
C GLN A 151 -7.33 -14.47 48.23
N GLN A 152 -7.39 -15.64 47.60
CA GLN A 152 -7.49 -16.93 48.34
C GLN A 152 -6.24 -17.25 49.19
N LYS A 153 -5.04 -17.03 48.65
CA LYS A 153 -3.78 -17.26 49.36
C LYS A 153 -3.01 -15.95 49.38
N ILE A 154 -2.60 -15.52 50.56
CA ILE A 154 -1.95 -14.23 50.76
C ILE A 154 -0.64 -14.39 51.53
N VAL A 155 0.38 -13.65 51.14
CA VAL A 155 1.71 -13.75 51.74
C VAL A 155 2.24 -12.33 51.83
N SER A 156 2.86 -11.94 52.94
CA SER A 156 3.31 -10.55 53.07
C SER A 156 4.57 -10.32 53.92
N GLY A 157 5.13 -9.12 53.85
CA GLY A 157 6.39 -8.78 54.49
C GLY A 157 7.59 -9.64 54.17
N ASP A 158 8.10 -10.40 55.14
CA ASP A 158 9.35 -11.17 54.94
C ASP A 158 9.04 -12.45 54.20
N ASP A 159 7.77 -12.85 54.17
CA ASP A 159 7.38 -14.08 53.46
C ASP A 159 7.30 -13.96 51.95
N VAL A 160 7.31 -12.74 51.46
CA VAL A 160 7.27 -12.46 50.03
C VAL A 160 8.55 -12.98 49.40
N ASP A 161 8.39 -13.95 48.50
CA ASP A 161 9.49 -14.42 47.68
C ASP A 161 9.05 -14.56 46.22
N LEU A 162 9.44 -13.59 45.39
CA LEU A 162 9.17 -13.64 43.95
C LEU A 162 9.93 -14.78 43.26
N ASN A 163 10.95 -15.33 43.90
CA ASN A 163 11.63 -16.50 43.36
C ASN A 163 10.79 -17.77 43.30
N ARG A 164 9.68 -17.82 44.01
CA ARG A 164 8.74 -18.94 43.92
C ARG A 164 7.92 -18.93 42.63
N ILE A 165 7.83 -17.76 41.97
CA ILE A 165 7.11 -17.60 40.70
C ILE A 165 8.03 -17.95 39.52
N PRO A 166 7.50 -18.72 38.53
CA PRO A 166 8.27 -19.10 37.35
C PRO A 166 8.44 -17.97 36.32
N ILE A 167 9.01 -16.86 36.76
CA ILE A 167 9.31 -15.70 35.92
C ILE A 167 10.31 -16.14 34.85
N MET A 168 10.06 -15.79 33.60
CA MET A 168 10.86 -16.25 32.49
C MET A 168 12.09 -15.36 32.26
N THR A 169 13.17 -15.99 31.82
CA THR A 169 14.28 -15.29 31.24
C THR A 169 14.14 -15.55 29.76
N CYS A 170 14.05 -14.48 28.97
CA CYS A 170 13.71 -14.63 27.56
C CYS A 170 14.90 -14.92 26.64
N TRP A 171 15.95 -14.11 26.73
CA TRP A 171 17.05 -14.19 25.80
C TRP A 171 18.37 -14.30 26.52
N PRO A 172 19.37 -14.95 25.90
CA PRO A 172 20.58 -15.38 26.63
C PRO A 172 21.33 -14.25 27.33
N GLU A 173 21.34 -13.05 26.81
CA GLU A 173 22.10 -11.97 27.47
C GLU A 173 21.21 -10.98 28.23
N ASP A 174 19.96 -11.37 28.49
CA ASP A 174 19.09 -10.56 29.30
C ASP A 174 19.64 -10.49 30.73
N ALA A 175 19.47 -9.35 31.39
CA ALA A 175 20.08 -9.17 32.70
C ALA A 175 19.57 -10.13 33.76
N ALA A 176 18.31 -10.50 33.69
CA ALA A 176 17.65 -11.21 34.77
C ALA A 176 16.26 -11.65 34.35
N PRO A 177 15.62 -12.47 35.16
CA PRO A 177 14.22 -12.77 34.86
C PRO A 177 13.36 -11.50 34.79
N LEU A 178 12.30 -11.55 33.98
CA LEU A 178 11.54 -10.37 33.62
C LEU A 178 10.05 -10.65 33.63
N ILE A 179 9.28 -9.82 34.32
CA ILE A 179 7.82 -9.97 34.30
C ILE A 179 7.29 -9.16 33.12
N THR A 180 6.53 -9.81 32.24
CA THR A 180 6.17 -9.24 30.94
C THR A 180 4.68 -9.08 30.69
N TRP A 181 3.81 -9.69 31.50
CA TRP A 181 2.38 -9.55 31.28
C TRP A 181 1.66 -9.01 32.50
N GLY A 182 2.36 -8.17 33.26
CA GLY A 182 1.75 -7.49 34.40
C GLY A 182 0.93 -6.28 33.94
N LEU A 183 -0.32 -6.23 34.39
CA LEU A 183 -1.12 -5.01 34.30
C LEU A 183 -0.80 -4.14 35.51
N THR A 184 -0.04 -3.06 35.28
CA THR A 184 0.31 -2.16 36.38
C THR A 184 -0.79 -1.14 36.57
N VAL A 185 -1.29 -1.07 37.80
CA VAL A 185 -2.39 -0.19 38.13
C VAL A 185 -1.90 0.99 38.99
N THR A 186 -2.26 2.21 38.60
CA THR A 186 -1.89 3.39 39.36
C THR A 186 -3.00 4.42 39.37
N ARG A 187 -2.95 5.26 40.40
CA ARG A 187 -3.71 6.51 40.46
C ARG A 187 -2.70 7.65 40.58
N GLY A 188 -3.00 8.76 39.94
CA GLY A 188 -2.30 10.02 40.23
C GLY A 188 -2.95 10.74 41.41
N PRO A 189 -2.34 11.84 41.89
CA PRO A 189 -2.94 12.58 43.03
C PRO A 189 -4.10 13.53 42.66
N HIS A 190 -4.29 13.79 41.37
CA HIS A 190 -5.22 14.83 40.88
C HIS A 190 -6.56 14.32 40.31
N LYS A 191 -6.66 13.05 39.92
CA LYS A 191 -7.95 12.47 39.54
C LYS A 191 -8.14 11.02 39.99
N GLU A 192 -9.38 10.56 39.93
CA GLU A 192 -9.79 9.22 40.39
C GLU A 192 -9.35 8.10 39.42
N ARG A 193 -9.29 8.43 38.14
CA ARG A 193 -8.98 7.50 37.05
C ARG A 193 -7.83 6.54 37.41
N GLN A 194 -8.04 5.25 37.17
CA GLN A 194 -7.00 4.21 37.30
C GLN A 194 -6.42 3.84 35.92
N ASN A 195 -5.13 4.15 35.69
CA ASN A 195 -4.48 3.74 34.42
C ASN A 195 -3.96 2.32 34.58
N LEU A 196 -4.14 1.51 33.53
CA LEU A 196 -3.53 0.19 33.40
C LEU A 196 -2.50 0.26 32.29
N GLY A 197 -1.27 -0.14 32.59
CA GLY A 197 -0.27 -0.28 31.56
C GLY A 197 0.49 -1.57 31.70
N ILE A 198 1.11 -1.97 30.59
CA ILE A 198 2.00 -3.08 30.61
C ILE A 198 3.41 -2.48 30.54
N TYR A 199 4.14 -2.57 31.65
CA TYR A 199 5.53 -2.13 31.74
C TYR A 199 6.35 -3.31 32.20
N ARG A 200 7.46 -3.57 31.53
CA ARG A 200 8.28 -4.73 31.89
C ARG A 200 8.96 -4.49 33.23
N GLN A 201 9.16 -5.57 33.98
CA GLN A 201 9.68 -5.49 35.33
C GLN A 201 10.77 -6.50 35.61
N GLN A 202 12.00 -6.00 35.76
CA GLN A 202 13.14 -6.86 36.07
C GLN A 202 13.16 -7.33 37.53
N LEU A 203 13.44 -8.60 37.75
CA LEU A 203 13.64 -9.13 39.09
C LEU A 203 14.99 -8.68 39.64
N ILE A 204 15.00 -7.96 40.76
CA ILE A 204 16.28 -7.58 41.41
C ILE A 204 16.42 -8.00 42.90
N GLY A 205 15.42 -8.66 43.46
CA GLY A 205 15.45 -9.14 44.82
C GLY A 205 14.23 -10.01 45.14
N LYS A 206 14.24 -10.65 46.32
CA LYS A 206 13.07 -11.40 46.82
C LYS A 206 11.77 -10.61 46.70
N ASN A 207 11.86 -9.30 46.96
CA ASN A 207 10.70 -8.42 46.97
C ASN A 207 10.90 -7.08 46.24
N LYS A 208 11.73 -7.09 45.21
CA LYS A 208 12.04 -5.89 44.46
C LYS A 208 12.00 -6.12 42.94
N LEU A 209 11.25 -5.26 42.26
CA LEU A 209 11.19 -5.24 40.81
C LEU A 209 11.62 -3.87 40.34
N ILE A 210 12.11 -3.78 39.12
CA ILE A 210 12.32 -2.47 38.50
C ILE A 210 11.07 -2.15 37.69
N MET A 211 10.65 -0.90 37.71
CA MET A 211 9.42 -0.50 37.05
C MET A 211 9.79 0.32 35.81
N ARG A 212 9.80 -0.35 34.65
CA ARG A 212 10.31 0.27 33.46
C ARG A 212 9.20 0.85 32.60
N TRP A 213 8.70 2.00 33.06
CA TRP A 213 7.75 2.83 32.32
C TRP A 213 8.48 4.02 31.67
N LEU A 214 8.23 4.20 30.39
CA LEU A 214 8.80 5.33 29.68
C LEU A 214 8.02 6.56 30.13
N SER A 215 8.61 7.74 30.02
CA SER A 215 8.09 8.93 30.72
C SER A 215 6.73 9.49 30.26
N HIS A 216 6.23 9.07 29.11
CA HIS A 216 4.93 9.53 28.60
C HIS A 216 3.76 8.58 28.97
N ARG A 217 4.09 7.47 29.64
CA ARG A 217 3.08 6.52 30.09
C ARG A 217 2.31 7.06 31.29
N GLY A 218 1.10 6.53 31.46
CA GLY A 218 0.20 6.95 32.52
C GLY A 218 0.80 6.73 33.89
N GLY A 219 1.32 5.52 34.11
CA GLY A 219 1.99 5.20 35.37
C GLY A 219 3.10 6.17 35.73
N ALA A 220 3.98 6.48 34.77
CA ALA A 220 5.13 7.37 35.02
C ALA A 220 4.72 8.83 35.30
N LEU A 221 3.63 9.27 34.68
CA LEU A 221 3.11 10.62 34.89
C LEU A 221 2.47 10.70 36.27
N ASP A 222 1.70 9.66 36.62
CA ASP A 222 1.07 9.59 37.93
C ASP A 222 2.12 9.67 39.03
N TYR A 223 3.21 8.92 38.86
CA TYR A 223 4.30 8.88 39.86
C TYR A 223 4.95 10.24 39.97
N GLN A 224 5.26 10.82 38.82
CA GLN A 224 5.97 12.09 38.75
C GLN A 224 5.20 13.21 39.46
N GLU A 225 3.87 13.21 39.29
CA GLU A 225 2.97 14.13 39.97
C GLU A 225 2.86 13.87 41.49
N TRP A 226 2.80 12.62 41.87
CA TRP A 226 2.78 12.22 43.28
C TRP A 226 3.98 12.78 44.02
N CYS A 227 5.16 12.66 43.41
CA CYS A 227 6.40 13.16 44.00
C CYS A 227 6.40 14.68 44.26
N ALA A 228 5.89 15.44 43.30
CA ALA A 228 5.74 16.89 43.43
C ALA A 228 4.69 17.27 44.49
N ALA A 229 3.56 16.55 44.48
CA ALA A 229 2.39 16.86 45.31
C ALA A 229 2.43 16.29 46.72
N HIS A 230 3.25 15.26 46.95
CA HIS A 230 3.42 14.66 48.28
C HIS A 230 4.89 14.25 48.49
N PRO A 231 5.80 15.24 48.63
CA PRO A 231 7.24 14.98 48.71
C PRO A 231 7.65 13.93 49.75
N GLY A 232 8.42 12.93 49.31
CA GLY A 232 8.94 11.89 50.20
C GLY A 232 8.00 10.74 50.61
N GLU A 233 6.74 10.79 50.18
CA GLU A 233 5.79 9.73 50.51
C GLU A 233 5.77 8.63 49.47
N ARG A 234 5.74 7.40 49.97
CA ARG A 234 5.69 6.19 49.12
C ARG A 234 4.51 6.18 48.16
N PHE A 235 4.78 5.75 46.93
CA PHE A 235 3.77 5.76 45.87
C PHE A 235 3.14 4.38 45.75
N PRO A 236 1.86 4.25 46.16
CA PRO A 236 1.24 2.92 46.05
C PRO A 236 1.06 2.46 44.59
N VAL A 237 1.35 1.19 44.36
CA VAL A 237 1.19 0.54 43.05
C VAL A 237 0.84 -0.95 43.26
N SER A 238 0.08 -1.48 42.32
CA SER A 238 -0.31 -2.88 42.28
C SER A 238 -0.26 -3.42 40.85
N VAL A 239 0.13 -4.69 40.74
CA VAL A 239 0.27 -5.35 39.45
C VAL A 239 -0.54 -6.64 39.38
N ALA A 240 -1.41 -6.76 38.38
CA ALA A 240 -2.24 -7.97 38.23
C ALA A 240 -1.71 -8.81 37.11
N LEU A 241 -1.54 -10.11 37.39
CA LEU A 241 -1.15 -11.12 36.41
C LEU A 241 -2.28 -12.10 36.11
N GLY A 242 -2.65 -12.27 34.85
CA GLY A 242 -3.66 -13.26 34.45
C GLY A 242 -5.11 -12.86 34.58
N ALA A 243 -5.40 -11.58 34.37
CA ALA A 243 -6.77 -11.12 34.33
C ALA A 243 -7.55 -11.76 33.16
N ASP A 244 -8.86 -11.56 33.12
CA ASP A 244 -9.69 -11.93 31.95
C ASP A 244 -9.21 -11.21 30.65
N PRO A 245 -9.44 -11.84 29.48
CA PRO A 245 -8.86 -11.33 28.23
C PRO A 245 -9.32 -9.90 27.80
N ALA A 246 -10.58 -9.56 28.06
CA ALA A 246 -11.04 -8.20 27.72
C ALA A 246 -10.27 -7.12 28.51
N THR A 247 -9.97 -7.41 29.78
CA THR A 247 -9.19 -6.48 30.59
C THR A 247 -7.76 -6.32 30.03
N ILE A 248 -7.15 -7.44 29.67
CA ILE A 248 -5.79 -7.45 29.15
C ILE A 248 -5.70 -6.68 27.84
N LEU A 249 -6.66 -6.95 26.95
CA LEU A 249 -6.69 -6.27 25.66
C LEU A 249 -7.01 -4.82 25.82
N GLY A 250 -7.86 -4.50 26.80
CA GLY A 250 -8.15 -3.10 27.10
C GLY A 250 -6.95 -2.30 27.59
N ALA A 251 -6.08 -2.97 28.35
CA ALA A 251 -4.91 -2.32 28.91
C ALA A 251 -4.00 -1.80 27.82
N VAL A 252 -3.92 -2.55 26.72
CA VAL A 252 -2.99 -2.26 25.65
C VAL A 252 -3.62 -1.39 24.56
N THR A 253 -4.95 -1.24 24.55
CA THR A 253 -5.58 -0.27 23.63
C THR A 253 -5.18 1.14 24.00
N PRO A 254 -4.85 1.97 22.99
CA PRO A 254 -4.59 3.40 23.25
C PRO A 254 -5.86 4.22 23.41
N VAL A 255 -6.40 4.20 24.63
CA VAL A 255 -7.50 5.10 24.98
C VAL A 255 -6.87 6.39 25.51
N PRO A 256 -7.65 7.48 25.60
CA PRO A 256 -7.16 8.69 26.26
C PRO A 256 -6.59 8.46 27.70
N ASP A 257 -5.69 9.35 28.13
CA ASP A 257 -5.23 9.37 29.54
C ASP A 257 -6.37 9.76 30.52
N THR A 258 -7.32 10.55 30.03
CA THR A 258 -8.52 10.96 30.79
C THR A 258 -9.37 9.74 31.26
N LEU A 259 -9.37 8.67 30.47
CA LEU A 259 -10.24 7.51 30.67
C LEU A 259 -9.52 6.28 31.25
N SER A 260 -10.24 5.54 32.11
CA SER A 260 -9.73 4.27 32.64
C SER A 260 -9.84 3.19 31.57
N GLU A 261 -8.77 2.41 31.48
CA GLU A 261 -8.71 1.29 30.57
C GLU A 261 -9.72 0.19 31.01
N TYR A 262 -10.16 0.24 32.28
CA TYR A 262 -11.18 -0.67 32.78
C TYR A 262 -12.52 -0.43 32.11
N ALA A 263 -12.76 0.81 31.70
CA ALA A 263 -14.02 1.21 31.11
C ALA A 263 -14.10 0.70 29.66
N PHE A 264 -12.99 0.81 28.93
CA PHE A 264 -12.94 0.26 27.57
C PHE A 264 -13.12 -1.27 27.51
N ALA A 265 -12.54 -1.97 28.47
CA ALA A 265 -12.70 -3.42 28.52
C ALA A 265 -14.15 -3.80 28.72
N GLY A 266 -14.89 -2.97 29.47
CA GLY A 266 -16.31 -3.16 29.64
C GLY A 266 -17.08 -3.05 28.33
N LEU A 267 -16.64 -2.18 27.43
CA LEU A 267 -17.26 -2.02 26.11
C LEU A 267 -16.98 -3.21 25.20
N LEU A 268 -15.74 -3.69 25.22
CA LEU A 268 -15.41 -4.92 24.51
C LEU A 268 -16.15 -6.14 25.05
N ARG A 269 -16.37 -6.18 26.37
CA ARG A 269 -16.99 -7.34 26.98
C ARG A 269 -18.50 -7.28 26.80
N GLY A 270 -19.08 -6.10 27.00
CA GLY A 270 -20.51 -5.91 27.03
C GLY A 270 -21.04 -5.84 28.45
N THR A 271 -20.18 -6.07 29.43
CA THR A 271 -20.54 -6.06 30.86
C THR A 271 -19.42 -5.36 31.61
N LYS A 272 -19.73 -4.70 32.73
CA LYS A 272 -18.72 -4.06 33.58
C LYS A 272 -17.57 -4.99 34.01
N THR A 273 -16.37 -4.43 34.07
CA THR A 273 -15.21 -5.16 34.55
C THR A 273 -15.32 -5.39 36.05
N GLU A 274 -15.21 -6.64 36.48
CA GLU A 274 -15.31 -6.99 37.89
C GLU A 274 -13.96 -6.85 38.60
N VAL A 275 -13.90 -6.00 39.64
CA VAL A 275 -12.66 -5.75 40.38
C VAL A 275 -12.77 -6.03 41.87
N VAL A 276 -11.64 -5.94 42.55
CA VAL A 276 -11.56 -6.10 44.00
C VAL A 276 -10.58 -5.05 44.54
N LYS A 277 -10.86 -4.48 45.71
CA LYS A 277 -9.91 -3.56 46.33
C LYS A 277 -8.67 -4.34 46.76
N CYS A 278 -7.51 -3.72 46.60
CA CYS A 278 -6.26 -4.35 47.08
C CYS A 278 -6.29 -4.34 48.61
N ILE A 279 -5.47 -5.20 49.19
CA ILE A 279 -5.37 -5.33 50.64
C ILE A 279 -4.65 -4.14 51.27
N SER A 280 -3.57 -3.70 50.65
CA SER A 280 -2.67 -2.72 51.25
C SER A 280 -2.85 -1.31 50.68
N ASN A 281 -3.74 -1.13 49.70
CA ASN A 281 -4.02 0.21 49.20
C ASN A 281 -5.44 0.32 48.61
N ASP A 282 -5.79 1.50 48.09
CA ASP A 282 -7.14 1.74 47.56
C ASP A 282 -7.26 1.47 46.06
N LEU A 283 -6.22 0.90 45.44
CA LEU A 283 -6.30 0.54 44.02
C LEU A 283 -7.12 -0.72 43.83
N GLU A 284 -7.77 -0.82 42.66
CA GLU A 284 -8.62 -1.98 42.33
C GLU A 284 -7.98 -2.80 41.22
N VAL A 285 -7.98 -4.10 41.42
CA VAL A 285 -7.45 -5.06 40.49
C VAL A 285 -8.55 -6.06 40.10
N PRO A 286 -8.40 -6.68 38.92
CA PRO A 286 -9.42 -7.61 38.43
C PRO A 286 -9.65 -8.81 39.36
N ALA A 287 -10.90 -9.10 39.66
CA ALA A 287 -11.24 -10.11 40.66
C ALA A 287 -10.76 -11.50 40.25
N SER A 288 -10.80 -11.72 38.93
CA SER A 288 -10.41 -12.99 38.33
C SER A 288 -8.88 -13.16 38.12
N ALA A 289 -8.07 -12.18 38.50
CA ALA A 289 -6.62 -12.29 38.41
C ALA A 289 -6.09 -13.59 39.03
N GLU A 290 -5.05 -14.17 38.44
CA GLU A 290 -4.42 -15.36 38.99
C GLU A 290 -3.43 -15.00 40.10
N ILE A 291 -2.69 -13.92 39.90
CA ILE A 291 -1.72 -13.44 40.89
C ILE A 291 -1.79 -11.91 40.94
N VAL A 292 -1.61 -11.33 42.13
CA VAL A 292 -1.48 -9.89 42.26
C VAL A 292 -0.29 -9.52 43.13
N LEU A 293 0.48 -8.54 42.69
CA LEU A 293 1.57 -7.99 43.49
C LEU A 293 1.15 -6.59 44.00
N GLU A 294 1.27 -6.34 45.30
CA GLU A 294 0.99 -5.03 45.88
C GLU A 294 2.22 -4.44 46.56
N GLY A 295 2.37 -3.13 46.48
CA GLY A 295 3.47 -2.49 47.17
C GLY A 295 3.55 -1.01 46.87
N TYR A 296 4.77 -0.54 46.71
CA TYR A 296 4.99 0.88 46.57
C TYR A 296 6.35 1.15 45.94
N ILE A 297 6.49 2.38 45.43
CA ILE A 297 7.77 2.89 44.97
C ILE A 297 8.23 3.90 46.01
N GLU A 298 9.41 3.62 46.56
CA GLU A 298 10.07 4.53 47.48
C GLU A 298 10.71 5.68 46.67
N GLN A 299 10.33 6.92 46.98
CA GLN A 299 10.82 8.07 46.21
C GLN A 299 12.34 8.14 46.23
N GLY A 300 12.92 8.41 45.06
CA GLY A 300 14.38 8.43 44.88
C GLY A 300 15.07 7.08 44.63
N GLU A 301 14.45 5.96 45.00
CA GLU A 301 15.08 4.63 44.85
C GLU A 301 14.99 4.14 43.40
N THR A 302 16.16 3.90 42.81
CA THR A 302 16.27 3.48 41.41
C THR A 302 17.30 2.39 41.23
N ALA A 303 17.20 1.68 40.12
CA ALA A 303 18.15 0.62 39.82
C ALA A 303 18.48 0.62 38.32
N PRO A 304 19.71 0.19 37.95
CA PRO A 304 20.05 -0.03 36.54
C PRO A 304 19.26 -1.20 35.98
N GLU A 305 18.60 -0.95 34.86
CA GLU A 305 17.66 -1.88 34.26
C GLU A 305 18.28 -2.43 32.99
N GLY A 306 18.22 -3.76 32.85
CA GLY A 306 18.67 -4.41 31.63
C GLY A 306 20.18 -4.56 31.62
N PRO A 307 20.76 -4.81 30.43
CA PRO A 307 20.12 -4.89 29.12
C PRO A 307 19.03 -5.98 28.98
N TYR A 308 18.07 -5.67 28.11
CA TYR A 308 17.05 -6.61 27.73
C TYR A 308 16.86 -6.57 26.23
N GLY A 309 16.62 -7.73 25.65
CA GLY A 309 16.19 -7.83 24.27
C GLY A 309 14.79 -7.27 24.18
N ASP A 310 14.51 -6.62 23.09
CA ASP A 310 13.19 -6.01 22.93
C ASP A 310 12.62 -6.19 21.53
N HIS A 311 11.49 -5.56 21.31
CA HIS A 311 10.63 -5.87 20.17
C HIS A 311 11.28 -5.53 18.81
N THR A 312 12.35 -4.73 18.82
CA THR A 312 13.13 -4.45 17.63
C THR A 312 14.07 -5.60 17.26
N GLY A 313 14.27 -6.54 18.18
CA GLY A 313 15.24 -7.62 17.97
C GLY A 313 16.65 -7.30 18.40
N TYR A 314 16.83 -6.19 19.11
CA TYR A 314 18.16 -5.85 19.65
C TYR A 314 18.08 -5.73 21.16
N TYR A 315 19.25 -5.75 21.80
CA TYR A 315 19.31 -5.50 23.20
C TYR A 315 19.30 -4.00 23.36
N ASN A 316 18.49 -3.46 24.25
CA ASN A 316 18.81 -2.06 24.56
C ASN A 316 19.74 -2.04 25.76
N GLU A 317 20.53 -0.99 25.81
CA GLU A 317 21.61 -0.89 26.80
C GLU A 317 21.04 -0.47 28.20
N VAL A 318 21.88 -0.59 29.23
CA VAL A 318 21.48 -0.37 30.62
C VAL A 318 21.00 1.07 30.87
N ASP A 319 20.03 1.24 31.77
CA ASP A 319 19.44 2.55 32.12
C ASP A 319 18.72 2.47 33.48
N SER A 320 18.59 3.59 34.20
CA SER A 320 17.97 3.63 35.54
C SER A 320 16.44 3.83 35.55
N PHE A 321 15.74 3.05 36.37
CA PHE A 321 14.28 3.20 36.57
C PHE A 321 13.87 2.97 38.03
N PRO A 322 12.69 3.45 38.40
CA PRO A 322 12.24 3.31 39.77
C PRO A 322 12.17 1.86 40.21
N VAL A 323 12.38 1.63 41.52
CA VAL A 323 12.23 0.30 42.12
C VAL A 323 10.87 0.15 42.78
N PHE A 324 10.23 -0.99 42.53
CA PHE A 324 8.91 -1.32 43.04
C PHE A 324 9.12 -2.37 44.13
N THR A 325 8.79 -1.99 45.36
CA THR A 325 8.97 -2.83 46.53
C THR A 325 7.66 -3.59 46.76
N VAL A 326 7.74 -4.91 46.82
CA VAL A 326 6.55 -5.74 46.91
C VAL A 326 6.28 -6.18 48.32
N THR A 327 5.17 -5.70 48.88
CA THR A 327 4.80 -5.99 50.29
C THR A 327 3.81 -7.16 50.42
N HIS A 328 3.07 -7.43 49.34
CA HIS A 328 2.08 -8.49 49.34
C HIS A 328 2.04 -9.21 48.02
N ILE A 329 1.78 -10.51 48.08
CA ILE A 329 1.51 -11.32 46.90
C ILE A 329 0.25 -12.10 47.18
N THR A 330 -0.80 -11.86 46.40
CA THR A 330 -2.06 -12.57 46.59
C THR A 330 -2.27 -13.45 45.38
N GLN A 331 -2.98 -14.56 45.55
CA GLN A 331 -3.20 -15.47 44.42
C GLN A 331 -4.31 -16.50 44.63
N ARG A 332 -4.74 -17.08 43.53
CA ARG A 332 -5.70 -18.16 43.54
C ARG A 332 -5.05 -19.42 44.04
N GLU A 333 -5.91 -20.31 44.50
CA GLU A 333 -5.62 -21.73 44.57
C GLU A 333 -5.36 -22.15 43.12
N ASP A 334 -4.27 -22.88 42.89
CA ASP A 334 -3.99 -23.44 41.57
C ASP A 334 -3.49 -22.38 40.60
N ALA A 335 -3.00 -21.26 41.12
CA ALA A 335 -2.58 -20.14 40.29
C ALA A 335 -1.71 -20.52 39.07
N ILE A 336 -1.99 -19.83 37.97
CA ILE A 336 -1.35 -20.01 36.69
C ILE A 336 -0.59 -18.70 36.44
N TYR A 337 0.68 -18.81 36.03
CA TYR A 337 1.49 -17.63 35.72
C TYR A 337 1.47 -17.29 34.21
N HIS A 338 0.90 -16.13 33.88
CA HIS A 338 0.79 -15.66 32.49
C HIS A 338 1.99 -14.82 32.08
N SER A 339 2.65 -15.21 31.01
CA SER A 339 3.91 -14.57 30.60
C SER A 339 4.02 -14.54 29.08
N THR A 340 5.03 -13.80 28.66
CA THR A 340 5.33 -13.70 27.27
C THR A 340 6.78 -13.25 27.10
N TYR A 341 7.10 -12.78 25.91
CA TYR A 341 8.43 -12.37 25.62
C TYR A 341 8.30 -11.42 24.46
N THR A 342 9.30 -10.57 24.30
CA THR A 342 9.39 -9.74 23.16
C THR A 342 10.76 -9.97 22.56
N GLY A 343 10.84 -9.94 21.24
CA GLY A 343 12.13 -10.10 20.56
C GLY A 343 12.00 -9.73 19.12
N ARG A 344 12.87 -10.30 18.29
CA ARG A 344 12.77 -10.15 16.84
C ARG A 344 11.36 -10.44 16.38
N PRO A 345 10.74 -9.50 15.68
CA PRO A 345 9.37 -9.81 15.32
C PRO A 345 9.30 -10.93 14.27
N PRO A 346 8.16 -11.64 14.21
CA PRO A 346 6.95 -11.39 14.99
C PRO A 346 6.97 -12.09 16.33
N ASP A 347 6.43 -11.41 17.33
CA ASP A 347 6.18 -11.95 18.65
C ASP A 347 4.75 -11.61 19.08
N GLU A 348 4.33 -12.07 20.25
CA GLU A 348 2.95 -11.81 20.69
C GLU A 348 2.55 -10.32 20.77
N PRO A 349 3.39 -9.46 21.34
CA PRO A 349 3.12 -8.02 21.19
C PRO A 349 2.87 -7.51 19.75
N ALA A 350 3.69 -7.94 18.82
CA ALA A 350 3.52 -7.55 17.44
C ALA A 350 2.15 -8.00 16.91
N VAL A 351 1.74 -9.21 17.24
CA VAL A 351 0.46 -9.74 16.75
C VAL A 351 -0.69 -8.97 17.39
N LEU A 352 -0.56 -8.66 18.68
CA LEU A 352 -1.49 -7.74 19.32
C LEU A 352 -1.55 -6.42 18.59
N GLY A 353 -0.40 -5.83 18.35
CA GLY A 353 -0.33 -4.57 17.66
C GLY A 353 -1.03 -4.58 16.31
N VAL A 354 -1.06 -5.73 15.64
CA VAL A 354 -1.61 -5.78 14.30
C VAL A 354 -3.12 -5.78 14.38
N ALA A 355 -3.64 -6.53 15.33
CA ALA A 355 -5.07 -6.55 15.59
C ALA A 355 -5.55 -5.19 16.07
N LEU A 356 -4.79 -4.52 16.91
CA LEU A 356 -5.22 -3.19 17.38
C LEU A 356 -5.06 -2.07 16.35
N ASN A 357 -4.27 -2.26 15.29
CA ASN A 357 -4.21 -1.25 14.23
C ASN A 357 -5.50 -1.20 13.42
N GLU A 358 -6.19 -2.33 13.27
CA GLU A 358 -7.53 -2.36 12.66
C GLU A 358 -8.42 -1.20 13.10
N VAL A 359 -8.15 -0.69 14.29
CA VAL A 359 -8.83 0.49 14.80
C VAL A 359 -8.66 1.70 13.90
N PHE A 360 -7.47 1.91 13.35
CA PHE A 360 -7.22 3.06 12.49
C PHE A 360 -7.68 2.97 11.03
N VAL A 361 -7.85 1.76 10.48
CA VAL A 361 -8.28 1.69 9.10
C VAL A 361 -9.51 2.59 8.76
N PRO A 362 -10.63 2.49 9.53
CA PRO A 362 -11.80 3.36 9.35
C PRO A 362 -11.49 4.83 9.35
N ILE A 363 -10.56 5.26 10.19
CA ILE A 363 -10.21 6.69 10.33
C ILE A 363 -9.47 7.16 9.07
N LEU A 364 -8.51 6.37 8.62
CA LEU A 364 -7.87 6.58 7.33
C LEU A 364 -8.86 6.57 6.17
N GLN A 365 -9.77 5.59 6.14
CA GLN A 365 -10.71 5.48 5.05
C GLN A 365 -11.68 6.65 4.94
N LYS A 366 -11.99 7.29 6.07
CA LYS A 366 -12.86 8.49 6.08
C LYS A 366 -12.15 9.58 5.33
N GLN A 367 -10.85 9.69 5.54
CA GLN A 367 -10.07 10.72 4.88
C GLN A 367 -9.71 10.35 3.47
N PHE A 368 -9.36 9.09 3.26
CA PHE A 368 -8.90 8.59 1.97
C PHE A 368 -9.77 7.39 1.55
N PRO A 369 -10.96 7.66 0.99
CA PRO A 369 -11.87 6.56 0.73
C PRO A 369 -11.37 5.58 -0.31
N GLU A 370 -10.34 5.96 -1.06
CA GLU A 370 -9.74 5.07 -2.03
C GLU A 370 -9.02 3.90 -1.34
N ILE A 371 -8.72 4.02 -0.05
CA ILE A 371 -7.94 3.00 0.65
C ILE A 371 -8.81 1.82 0.94
N VAL A 372 -8.43 0.67 0.43
CA VAL A 372 -9.18 -0.57 0.65
C VAL A 372 -8.67 -1.32 1.88
N ASP A 373 -7.34 -1.37 2.05
CA ASP A 373 -6.74 -1.98 3.23
C ASP A 373 -5.46 -1.26 3.61
N PHE A 374 -5.09 -1.34 4.89
CA PHE A 374 -3.89 -0.66 5.39
C PHE A 374 -3.30 -1.54 6.51
N TYR A 375 -2.08 -2.03 6.30
CA TYR A 375 -1.48 -3.08 7.12
C TYR A 375 -0.02 -2.77 7.46
N LEU A 376 0.31 -2.89 8.73
CA LEU A 376 1.66 -2.74 9.21
C LEU A 376 2.17 -4.12 9.74
N PRO A 377 2.91 -4.87 8.93
CA PRO A 377 3.30 -6.21 9.30
C PRO A 377 4.08 -6.24 10.62
N PRO A 378 3.86 -7.26 11.46
CA PRO A 378 4.63 -7.41 12.70
C PRO A 378 6.14 -7.45 12.46
N GLU A 379 6.57 -8.16 11.41
CA GLU A 379 7.97 -8.30 11.03
C GLU A 379 8.64 -6.97 10.74
N GLY A 380 7.88 -5.91 10.55
CA GLY A 380 8.45 -4.56 10.47
C GLY A 380 8.44 -3.79 11.78
N CYS A 381 8.58 -4.48 12.91
CA CYS A 381 8.59 -3.86 14.26
C CYS A 381 7.33 -3.08 14.48
N SER A 382 6.26 -3.56 13.84
CA SER A 382 4.88 -3.10 14.03
C SER A 382 4.52 -1.73 13.46
N TYR A 383 5.47 -0.82 13.25
CA TYR A 383 5.17 0.51 12.68
C TYR A 383 6.09 0.96 11.53
N ARG A 384 7.18 0.24 11.26
CA ARG A 384 8.21 0.76 10.37
C ARG A 384 7.91 0.55 8.90
N LEU A 385 7.04 -0.39 8.58
CA LEU A 385 6.63 -0.59 7.18
C LEU A 385 5.13 -0.71 7.11
N ALA A 386 4.52 -0.07 6.13
CA ALA A 386 3.07 -0.20 5.88
C ALA A 386 2.82 -0.64 4.42
N VAL A 387 1.86 -1.53 4.21
CA VAL A 387 1.38 -1.85 2.89
C VAL A 387 -0.05 -1.34 2.75
N VAL A 388 -0.31 -0.54 1.72
CA VAL A 388 -1.62 0.08 1.51
C VAL A 388 -2.16 -0.35 0.16
N THR A 389 -3.41 -0.77 0.09
CA THR A 389 -4.06 -1.05 -1.19
C THR A 389 -5.15 -0.03 -1.50
N ILE A 390 -5.25 0.38 -2.77
CA ILE A 390 -6.18 1.43 -3.20
C ILE A 390 -6.95 1.09 -4.47
N LYS A 391 -8.09 1.74 -4.65
CA LYS A 391 -8.73 1.82 -5.96
C LYS A 391 -8.18 3.05 -6.64
N LYS A 392 -7.22 2.84 -7.52
CA LYS A 392 -6.54 3.94 -8.17
C LYS A 392 -7.50 4.63 -9.16
N GLN A 393 -7.48 5.97 -9.17
CA GLN A 393 -8.41 6.79 -9.91
C GLN A 393 -7.77 7.81 -10.88
N TYR A 394 -6.45 7.96 -10.82
CA TYR A 394 -5.74 8.91 -11.71
C TYR A 394 -4.24 8.73 -11.63
N ALA A 395 -3.54 9.06 -12.72
CA ALA A 395 -2.09 9.04 -12.69
C ALA A 395 -1.54 9.80 -11.48
N GLY A 396 -0.59 9.17 -10.81
CA GLY A 396 0.12 9.82 -9.72
C GLY A 396 -0.51 9.57 -8.37
N HIS A 397 -1.65 8.87 -8.36
CA HIS A 397 -2.46 8.69 -7.14
C HIS A 397 -1.65 8.08 -6.03
N ALA A 398 -0.81 7.10 -6.34
CA ALA A 398 -0.04 6.44 -5.28
C ALA A 398 0.76 7.40 -4.45
N LYS A 399 1.27 8.48 -5.06
CA LYS A 399 2.09 9.43 -4.33
C LYS A 399 1.30 10.24 -3.33
N ARG A 400 0.04 10.56 -3.63
CA ARG A 400 -0.78 11.29 -2.68
C ARG A 400 -1.03 10.42 -1.46
N VAL A 401 -1.29 9.15 -1.70
CA VAL A 401 -1.53 8.20 -0.63
C VAL A 401 -0.31 8.07 0.27
N MET A 402 0.89 7.92 -0.31
CA MET A 402 2.12 7.87 0.51
C MET A 402 2.22 9.08 1.44
N MET A 403 1.92 10.24 0.90
CA MET A 403 2.07 11.45 1.66
C MET A 403 1.04 11.55 2.75
N GLY A 404 -0.10 10.93 2.51
CA GLY A 404 -1.11 10.82 3.53
C GLY A 404 -0.69 9.92 4.67
N VAL A 405 -0.06 8.78 4.37
CA VAL A 405 0.39 7.90 5.43
C VAL A 405 1.40 8.64 6.30
N TRP A 406 2.31 9.34 5.65
CA TRP A 406 3.34 10.06 6.37
C TRP A 406 2.90 11.33 7.08
N SER A 407 1.70 11.86 6.80
CA SER A 407 1.28 13.12 7.43
C SER A 407 -0.04 13.12 8.20
N PHE A 408 -0.98 12.25 7.87
CA PHE A 408 -2.33 12.39 8.40
C PHE A 408 -2.38 12.11 9.89
N LEU A 409 -2.07 10.89 10.29
CA LEU A 409 -2.00 10.52 11.71
C LEU A 409 -0.57 10.43 12.27
N ARG A 410 -0.45 10.75 13.56
CA ARG A 410 0.84 10.70 14.23
C ARG A 410 1.38 9.31 14.39
N GLN A 411 0.53 8.29 14.50
CA GLN A 411 1.04 6.92 14.73
C GLN A 411 1.90 6.46 13.58
N PHE A 412 1.67 7.01 12.39
CA PHE A 412 2.48 6.64 11.22
C PHE A 412 3.46 7.69 10.74
N MET A 413 3.67 8.75 11.52
CA MET A 413 4.68 9.74 11.17
C MET A 413 6.09 9.18 10.94
N TYR A 414 6.41 8.11 11.66
CA TYR A 414 7.77 7.58 11.74
C TYR A 414 7.97 6.33 10.87
N THR A 415 6.96 6.03 10.04
CA THR A 415 6.91 4.85 9.20
C THR A 415 7.84 5.08 8.04
N LYS A 416 8.92 4.32 7.94
CA LYS A 416 9.91 4.63 6.89
C LYS A 416 9.76 3.96 5.55
N PHE A 417 9.04 2.86 5.47
CA PHE A 417 8.72 2.28 4.17
C PHE A 417 7.21 2.25 3.96
N VAL A 418 6.77 2.74 2.80
CA VAL A 418 5.38 2.55 2.37
C VAL A 418 5.30 1.91 0.99
N ILE A 419 4.62 0.77 0.88
CA ILE A 419 4.36 0.12 -0.40
C ILE A 419 2.91 0.32 -0.80
N VAL A 420 2.64 0.85 -1.99
CA VAL A 420 1.26 1.07 -2.46
C VAL A 420 0.89 0.15 -3.61
N CYS A 421 -0.22 -0.55 -3.47
CA CYS A 421 -0.67 -1.48 -4.51
C CYS A 421 -2.13 -1.26 -4.88
N ASP A 422 -2.59 -1.94 -5.93
CA ASP A 422 -3.97 -1.94 -6.32
C ASP A 422 -4.78 -2.92 -5.47
N ASP A 423 -6.12 -2.87 -5.62
CA ASP A 423 -7.01 -3.65 -4.79
C ASP A 423 -7.11 -5.13 -5.18
N ASP A 424 -6.41 -5.55 -6.23
CA ASP A 424 -6.30 -7.00 -6.49
C ASP A 424 -5.20 -7.67 -5.64
N VAL A 425 -4.56 -6.93 -4.75
CA VAL A 425 -3.48 -7.45 -3.95
C VAL A 425 -3.97 -7.56 -2.51
N ASN A 426 -3.73 -8.71 -1.89
CA ASN A 426 -3.97 -8.86 -0.48
C ASN A 426 -2.74 -8.32 0.23
N ALA A 427 -2.92 -7.18 0.91
CA ALA A 427 -1.84 -6.48 1.57
C ALA A 427 -1.13 -7.35 2.58
N ARG A 428 -1.75 -8.46 3.01
CA ARG A 428 -1.28 -9.23 4.14
C ARG A 428 -0.56 -10.51 3.72
N ASP A 429 -0.29 -10.64 2.42
CA ASP A 429 0.32 -11.83 1.84
C ASP A 429 1.51 -11.41 0.99
N TRP A 430 2.71 -11.72 1.45
CA TRP A 430 3.89 -11.27 0.74
C TRP A 430 3.96 -11.87 -0.64
N ASN A 431 3.29 -12.99 -0.87
CA ASN A 431 3.17 -13.52 -2.23
C ASN A 431 2.44 -12.60 -3.17
N ASP A 432 1.45 -11.87 -2.70
CA ASP A 432 0.81 -10.86 -3.56
C ASP A 432 1.64 -9.58 -3.67
N VAL A 433 2.12 -9.10 -2.52
CA VAL A 433 2.83 -7.82 -2.50
C VAL A 433 4.13 -7.91 -3.30
N ILE A 434 4.93 -8.96 -3.10
CA ILE A 434 6.17 -9.13 -3.89
C ILE A 434 5.85 -9.29 -5.38
N TRP A 435 4.80 -10.05 -5.72
CA TRP A 435 4.31 -10.12 -7.10
C TRP A 435 4.06 -8.73 -7.71
N ALA A 436 3.39 -7.86 -6.96
CA ALA A 436 3.08 -6.52 -7.45
C ALA A 436 4.35 -5.70 -7.66
N ILE A 437 5.19 -5.68 -6.63
CA ILE A 437 6.45 -4.99 -6.70
C ILE A 437 7.24 -5.41 -7.94
N THR A 438 7.34 -6.73 -8.18
CA THR A 438 8.22 -7.25 -9.21
C THR A 438 7.59 -7.24 -10.61
N THR A 439 6.28 -6.99 -10.73
CA THR A 439 5.65 -6.92 -12.05
C THR A 439 5.13 -5.55 -12.43
N ARG A 440 5.05 -4.61 -11.49
CA ARG A 440 4.47 -3.29 -11.76
C ARG A 440 5.41 -2.11 -11.52
N MET A 441 6.62 -2.34 -10.97
CA MET A 441 7.58 -1.25 -10.77
C MET A 441 8.78 -1.31 -11.69
N ASP A 442 9.22 -0.13 -12.13
CA ASP A 442 10.60 0.13 -12.52
C ASP A 442 11.22 0.86 -11.37
N PRO A 443 12.20 0.28 -10.73
CA PRO A 443 12.71 0.73 -9.44
C PRO A 443 13.02 2.20 -9.36
N ALA A 444 13.77 2.71 -10.33
CA ALA A 444 14.15 4.13 -10.27
C ALA A 444 13.00 5.11 -10.59
N ARG A 445 12.10 4.76 -11.48
CA ARG A 445 10.97 5.61 -11.79
C ARG A 445 9.97 5.66 -10.68
N ASP A 446 9.82 4.55 -9.95
CA ASP A 446 8.63 4.32 -9.12
C ASP A 446 8.89 4.32 -7.62
N THR A 447 10.10 4.71 -7.25
CA THR A 447 10.52 4.78 -5.86
C THR A 447 10.64 6.23 -5.46
N VAL A 448 10.05 6.59 -4.34
CA VAL A 448 10.13 7.94 -3.82
C VAL A 448 11.01 7.93 -2.60
N LEU A 449 12.02 8.79 -2.60
CA LEU A 449 12.84 8.98 -1.39
C LEU A 449 12.69 10.39 -0.90
N VAL A 450 12.50 10.58 0.39
CA VAL A 450 12.55 11.94 0.93
C VAL A 450 13.47 11.96 2.13
N GLU A 451 14.27 13.01 2.24
CA GLU A 451 15.31 13.07 3.27
C GLU A 451 15.01 14.06 4.33
N ASN A 452 15.69 13.89 5.46
CA ASN A 452 15.57 14.80 6.59
C ASN A 452 14.13 14.88 7.11
N THR A 453 13.60 13.70 7.42
CA THR A 453 12.27 13.57 7.97
C THR A 453 12.34 13.02 9.39
N PRO A 454 11.27 13.20 10.18
CA PRO A 454 11.27 12.77 11.57
C PRO A 454 11.37 11.26 11.66
N ILE A 455 12.24 10.81 12.54
CA ILE A 455 12.50 9.39 12.75
C ILE A 455 12.66 9.20 14.24
N ASP A 456 12.22 8.05 14.71
CA ASP A 456 12.33 7.61 16.07
C ASP A 456 13.79 7.76 16.55
N TYR A 457 14.01 8.43 17.69
CA TYR A 457 15.39 8.73 18.19
C TYR A 457 16.16 7.48 18.52
N LEU A 458 15.46 6.40 18.82
CA LEU A 458 16.08 5.12 19.13
C LEU A 458 16.33 4.25 17.91
N ASP A 459 15.99 4.71 16.73
CA ASP A 459 16.31 3.95 15.54
C ASP A 459 17.74 4.30 15.13
N PHE A 460 18.66 3.44 15.53
CA PHE A 460 20.09 3.61 15.30
C PHE A 460 20.51 3.52 13.83
N ALA A 461 19.57 3.17 12.96
CA ALA A 461 19.91 2.96 11.57
C ALA A 461 19.87 4.24 10.76
N SER A 462 19.29 5.28 11.33
CA SER A 462 19.24 6.58 10.69
C SER A 462 20.58 7.28 10.92
N PRO A 463 20.95 8.20 10.03
CA PRO A 463 22.27 8.84 10.10
C PRO A 463 22.45 9.69 11.31
N VAL A 464 21.36 10.27 11.83
CA VAL A 464 21.43 11.22 12.94
C VAL A 464 20.27 10.97 13.87
N SER A 465 20.47 11.03 15.16
CA SER A 465 19.35 10.74 16.05
C SER A 465 18.15 11.68 15.75
N GLY A 466 16.99 11.08 15.51
CA GLY A 466 15.76 11.81 15.25
C GLY A 466 15.49 12.24 13.82
N LEU A 467 16.38 11.89 12.91
CA LEU A 467 16.29 12.43 11.58
C LEU A 467 16.73 11.36 10.54
N GLY A 468 15.94 11.16 9.50
CA GLY A 468 16.25 10.12 8.52
C GLY A 468 15.37 10.17 7.29
N SER A 469 15.58 9.23 6.38
CA SER A 469 14.83 9.22 5.14
C SER A 469 13.75 8.20 5.22
N LYS A 470 12.89 8.26 4.22
CA LYS A 470 11.77 7.40 4.04
C LYS A 470 11.71 7.04 2.56
N MET A 471 11.09 5.89 2.28
CA MET A 471 10.98 5.37 0.95
C MET A 471 9.55 5.01 0.72
N GLY A 472 9.01 5.42 -0.39
CA GLY A 472 7.70 4.90 -0.82
C GLY A 472 7.86 4.11 -2.13
N LEU A 473 7.24 2.93 -2.22
CA LEU A 473 7.29 2.16 -3.44
C LEU A 473 5.93 2.22 -4.12
N ASP A 474 5.86 2.80 -5.31
CA ASP A 474 4.61 2.83 -6.06
C ASP A 474 4.52 1.59 -6.91
N ALA A 475 3.75 0.61 -6.46
CA ALA A 475 3.59 -0.65 -7.15
C ALA A 475 2.21 -0.77 -7.77
N THR A 476 1.57 0.33 -8.06
CA THR A 476 0.30 0.29 -8.75
C THR A 476 0.52 0.04 -10.25
N ASN A 477 -0.52 -0.39 -10.95
CA ASN A 477 -0.45 -0.42 -12.38
C ASN A 477 -0.28 1.01 -12.93
N LYS A 478 0.63 1.16 -13.89
CA LYS A 478 0.90 2.43 -14.47
C LYS A 478 -0.04 2.77 -15.61
N TRP A 479 -0.57 3.98 -15.55
CA TRP A 479 -1.57 4.43 -16.47
C TRP A 479 -0.86 5.27 -17.55
N PRO A 480 -1.53 5.57 -18.68
CA PRO A 480 -0.95 6.43 -19.70
C PRO A 480 -0.55 7.74 -19.09
N GLY A 481 0.66 8.17 -19.42
CA GLY A 481 1.28 9.28 -18.74
C GLY A 481 2.41 8.80 -17.87
N GLU A 482 2.13 7.75 -17.08
CA GLU A 482 3.15 7.15 -16.21
C GLU A 482 4.04 6.21 -16.99
N THR A 483 3.56 5.70 -18.11
CA THR A 483 4.31 4.76 -18.95
C THR A 483 3.86 4.97 -20.38
N GLN A 484 4.75 4.72 -21.35
CA GLN A 484 4.37 4.73 -22.76
C GLN A 484 4.21 3.31 -23.32
N ARG A 485 4.34 2.28 -22.49
CA ARG A 485 4.18 0.91 -22.93
C ARG A 485 2.73 0.42 -22.82
N GLU A 486 2.48 -0.70 -23.46
CA GLU A 486 1.20 -1.34 -23.35
C GLU A 486 1.31 -2.22 -22.08
N TRP A 487 0.48 -1.91 -21.08
CA TRP A 487 0.54 -2.55 -19.78
C TRP A 487 -0.02 -3.96 -19.88
N GLY A 488 0.29 -4.83 -18.93
CA GLY A 488 -0.10 -6.21 -19.05
C GLY A 488 -1.50 -6.44 -18.54
N ARG A 489 -2.19 -7.38 -19.17
CA ARG A 489 -3.53 -7.77 -18.78
C ARG A 489 -3.33 -9.01 -17.91
N PRO A 490 -3.75 -8.96 -16.65
CA PRO A 490 -3.55 -10.15 -15.80
C PRO A 490 -4.43 -11.31 -16.18
N ILE A 491 -3.97 -12.50 -15.82
CA ILE A 491 -4.69 -13.74 -16.06
C ILE A 491 -5.81 -13.86 -15.07
N LYS A 492 -7.05 -13.82 -15.57
CA LYS A 492 -8.28 -14.04 -14.79
C LYS A 492 -8.82 -15.43 -15.07
N LYS A 493 -9.16 -16.17 -14.03
CA LYS A 493 -9.80 -17.48 -14.19
C LYS A 493 -11.28 -17.42 -14.66
N ASP A 494 -11.72 -18.46 -15.37
CA ASP A 494 -13.14 -18.66 -15.71
C ASP A 494 -13.92 -19.08 -14.46
N PRO A 495 -14.82 -18.23 -13.97
CA PRO A 495 -15.57 -18.61 -12.76
C PRO A 495 -16.38 -19.92 -12.88
N ASP A 496 -16.85 -20.25 -14.09
CA ASP A 496 -17.54 -21.51 -14.33
C ASP A 496 -16.63 -22.72 -14.18
N VAL A 497 -15.37 -22.58 -14.57
CA VAL A 497 -14.42 -23.65 -14.39
C VAL A 497 -14.12 -23.83 -12.91
N VAL A 498 -13.95 -22.74 -12.21
CA VAL A 498 -13.63 -22.81 -10.79
C VAL A 498 -14.77 -23.51 -10.03
N ALA A 499 -15.99 -23.12 -10.37
CA ALA A 499 -17.18 -23.66 -9.70
C ALA A 499 -17.33 -25.17 -9.95
N HIS A 500 -17.10 -25.59 -11.18
CA HIS A 500 -17.16 -26.99 -11.51
C HIS A 500 -16.13 -27.78 -10.71
N ILE A 501 -14.93 -27.24 -10.60
CA ILE A 501 -13.90 -27.93 -9.84
C ILE A 501 -14.22 -27.95 -8.34
N ASP A 502 -14.76 -26.87 -7.78
CA ASP A 502 -15.25 -26.95 -6.39
C ASP A 502 -16.20 -28.14 -6.21
N ALA A 503 -17.13 -28.32 -7.15
CA ALA A 503 -18.14 -29.37 -7.04
C ALA A 503 -17.57 -30.77 -7.03
N ILE A 504 -16.56 -31.03 -7.88
CA ILE A 504 -16.01 -32.38 -7.99
C ILE A 504 -14.76 -32.59 -7.14
N TRP A 505 -14.37 -31.58 -6.37
CA TRP A 505 -13.11 -31.58 -5.64
C TRP A 505 -13.00 -32.73 -4.64
N ASP A 506 -14.03 -32.93 -3.84
CA ASP A 506 -14.01 -34.03 -2.87
C ASP A 506 -13.96 -35.36 -3.58
N GLU A 507 -14.73 -35.51 -4.66
CA GLU A 507 -14.79 -36.77 -5.41
C GLU A 507 -13.43 -37.06 -6.08
N LEU A 508 -12.70 -36.00 -6.45
CA LEU A 508 -11.35 -36.13 -7.02
C LEU A 508 -10.41 -36.76 -6.00
N ALA A 509 -10.58 -36.40 -4.74
CA ALA A 509 -9.86 -37.07 -3.64
C ALA A 509 -8.36 -37.09 -3.85
N ILE A 510 -7.78 -35.91 -4.01
CA ILE A 510 -6.36 -35.81 -4.24
C ILE A 510 -5.58 -35.98 -2.93
N PHE A 511 -6.19 -35.65 -1.79
CA PHE A 511 -5.59 -35.98 -0.49
C PHE A 511 -6.52 -36.94 0.32
N ASN A 512 -6.21 -38.25 0.34
CA ASN A 512 -7.03 -39.29 1.04
N TYR B 26 17.95 -49.20 -15.87
CA TYR B 26 17.75 -47.87 -16.55
C TYR B 26 16.30 -47.36 -16.36
N ASN B 27 16.14 -46.38 -15.45
CA ASN B 27 14.84 -45.81 -15.16
C ASN B 27 14.45 -44.96 -16.37
N ASP B 28 13.36 -45.36 -17.04
CA ASP B 28 12.58 -44.46 -17.92
C ASP B 28 11.57 -43.67 -17.07
N LEU B 29 10.62 -43.00 -17.69
CA LEU B 29 9.63 -42.21 -16.96
C LEU B 29 8.60 -43.07 -16.20
N ARG B 30 8.21 -44.19 -16.79
CA ARG B 30 7.26 -45.10 -16.15
C ARG B 30 7.79 -45.68 -14.83
N ASP B 31 9.08 -45.97 -14.78
CA ASP B 31 9.67 -46.42 -13.55
C ASP B 31 9.58 -45.32 -12.50
N PHE B 32 9.84 -44.08 -12.91
CA PHE B 32 9.73 -42.96 -11.99
C PHE B 32 8.29 -42.81 -11.44
N LEU B 33 7.29 -43.07 -12.28
CA LEU B 33 5.90 -42.89 -11.86
C LEU B 33 5.46 -43.95 -10.88
N THR B 34 5.96 -45.16 -11.08
CA THR B 34 5.75 -46.23 -10.14
C THR B 34 6.42 -45.88 -8.80
N LEU B 35 7.64 -45.36 -8.84
CA LEU B 35 8.33 -44.98 -7.60
C LEU B 35 7.51 -43.93 -6.81
N LEU B 36 7.02 -42.94 -7.52
CA LEU B 36 6.19 -41.93 -6.94
C LEU B 36 4.90 -42.52 -6.39
N GLU B 37 4.28 -43.40 -7.12
CA GLU B 37 3.01 -43.92 -6.65
C GLU B 37 3.21 -44.69 -5.34
N GLN B 38 4.25 -45.51 -5.26
CA GLN B 38 4.57 -46.24 -4.04
C GLN B 38 4.78 -45.31 -2.83
N GLN B 39 5.18 -44.07 -3.05
CA GLN B 39 5.44 -43.13 -1.98
C GLN B 39 4.35 -42.11 -1.72
N GLY B 40 3.19 -42.27 -2.36
CA GLY B 40 2.04 -41.38 -2.17
C GLY B 40 2.26 -40.05 -2.81
N GLU B 41 3.12 -40.03 -3.85
CA GLU B 41 3.45 -38.81 -4.60
C GLU B 41 2.83 -38.79 -6.02
N LEU B 42 2.05 -39.82 -6.36
CA LEU B 42 1.30 -39.81 -7.59
C LEU B 42 -0.12 -40.18 -7.31
N LYS B 43 -1.06 -39.40 -7.82
CA LYS B 43 -2.49 -39.67 -7.77
C LYS B 43 -3.10 -39.84 -9.18
N ARG B 44 -3.81 -40.94 -9.41
CA ARG B 44 -4.58 -41.16 -10.64
C ARG B 44 -6.02 -40.62 -10.54
N ILE B 45 -6.42 -39.75 -11.47
CA ILE B 45 -7.80 -39.24 -11.54
C ILE B 45 -8.57 -40.05 -12.58
N THR B 46 -9.64 -40.71 -12.17
CA THR B 46 -10.48 -41.43 -13.12
C THR B 46 -11.69 -40.64 -13.59
N LEU B 47 -12.05 -39.58 -12.89
CA LEU B 47 -13.16 -38.76 -13.34
C LEU B 47 -12.87 -38.12 -14.70
N PRO B 48 -13.92 -37.84 -15.49
CA PRO B 48 -13.69 -37.13 -16.76
C PRO B 48 -13.23 -35.73 -16.51
N VAL B 49 -12.15 -35.31 -17.15
CA VAL B 49 -11.62 -33.98 -16.97
C VAL B 49 -11.14 -33.41 -18.29
N ASP B 50 -11.54 -32.18 -18.58
CA ASP B 50 -11.26 -31.57 -19.86
C ASP B 50 -9.85 -30.98 -19.90
N PRO B 51 -9.09 -31.33 -20.95
CA PRO B 51 -7.80 -30.66 -21.17
C PRO B 51 -7.97 -29.16 -21.39
N HIS B 52 -9.17 -28.74 -21.82
CA HIS B 52 -9.52 -27.34 -21.94
C HIS B 52 -9.85 -26.77 -20.59
N LEU B 53 -8.88 -26.06 -20.03
CA LEU B 53 -9.02 -25.29 -18.80
C LEU B 53 -9.07 -26.06 -17.49
N GLU B 54 -9.75 -27.21 -17.44
CA GLU B 54 -10.07 -27.86 -16.15
C GLU B 54 -8.84 -28.47 -15.52
N ILE B 55 -7.95 -29.07 -16.31
CA ILE B 55 -6.78 -29.71 -15.75
C ILE B 55 -5.86 -28.68 -15.05
N THR B 56 -5.64 -27.55 -15.71
CA THR B 56 -4.91 -26.43 -15.12
C THR B 56 -5.49 -26.02 -13.73
N GLU B 57 -6.81 -25.85 -13.66
CA GLU B 57 -7.42 -25.49 -12.41
C GLU B 57 -7.15 -26.51 -11.30
N ILE B 58 -7.28 -27.80 -11.61
CA ILE B 58 -7.05 -28.84 -10.63
C ILE B 58 -5.58 -28.85 -10.21
N ALA B 59 -4.68 -28.78 -11.19
CA ALA B 59 -3.26 -28.82 -10.91
C ALA B 59 -2.80 -27.61 -10.09
N ASP B 60 -3.39 -26.46 -10.38
CA ASP B 60 -3.07 -25.28 -9.64
C ASP B 60 -3.43 -25.40 -8.15
N ARG B 61 -4.60 -25.95 -7.85
CA ARG B 61 -4.95 -26.12 -6.45
C ARG B 61 -4.02 -27.11 -5.79
N THR B 62 -3.72 -28.18 -6.51
CA THR B 62 -2.90 -29.24 -6.00
C THR B 62 -1.54 -28.70 -5.66
N LEU B 63 -0.93 -27.97 -6.59
CA LEU B 63 0.44 -27.48 -6.40
C LEU B 63 0.51 -26.50 -5.26
N ARG B 64 -0.45 -25.58 -5.21
CA ARG B 64 -0.51 -24.57 -4.15
C ARG B 64 -0.67 -25.17 -2.77
N ALA B 65 -1.21 -26.39 -2.68
CA ALA B 65 -1.28 -27.12 -1.39
C ALA B 65 -0.15 -28.16 -1.23
N GLY B 66 0.83 -28.13 -2.12
CA GLY B 66 1.96 -29.02 -2.06
C GLY B 66 1.60 -30.49 -2.19
N GLY B 67 0.57 -30.81 -2.98
CA GLY B 67 0.12 -32.20 -3.18
C GLY B 67 0.92 -33.00 -4.20
N PRO B 68 0.42 -34.17 -4.59
CA PRO B 68 1.15 -35.07 -5.48
C PRO B 68 1.20 -34.68 -6.97
N ALA B 69 1.94 -35.48 -7.75
CA ALA B 69 1.83 -35.42 -9.20
C ALA B 69 0.51 -36.07 -9.61
N LEU B 70 -0.02 -35.68 -10.76
CA LEU B 70 -1.35 -36.08 -11.18
C LEU B 70 -1.37 -36.76 -12.55
N LEU B 71 -2.03 -37.92 -12.61
CA LEU B 71 -2.23 -38.65 -13.87
C LEU B 71 -3.73 -38.76 -14.18
N PHE B 72 -4.20 -37.94 -15.12
CA PHE B 72 -5.62 -37.95 -15.49
C PHE B 72 -5.86 -39.06 -16.46
N GLU B 73 -6.45 -40.16 -15.99
CA GLU B 73 -6.59 -41.35 -16.83
C GLU B 73 -7.74 -41.24 -17.85
N ASN B 74 -8.58 -40.21 -17.69
CA ASN B 74 -9.80 -40.11 -18.46
C ASN B 74 -10.03 -38.67 -18.93
N PRO B 75 -9.12 -38.13 -19.76
CA PRO B 75 -9.33 -36.82 -20.31
C PRO B 75 -10.49 -36.76 -21.31
N LYS B 76 -11.44 -35.86 -21.08
CA LYS B 76 -12.65 -35.78 -21.90
C LYS B 76 -12.29 -35.67 -23.36
N GLY B 77 -12.64 -36.70 -24.14
CA GLY B 77 -12.46 -36.66 -25.59
C GLY B 77 -11.15 -37.23 -26.17
N TYR B 78 -10.32 -37.87 -25.34
CA TYR B 78 -9.06 -38.46 -25.76
C TYR B 78 -8.78 -39.78 -25.05
N SER B 79 -7.89 -40.60 -25.58
CA SER B 79 -7.59 -41.92 -24.99
C SER B 79 -6.24 -42.00 -24.28
N MET B 80 -5.44 -40.98 -24.48
CA MET B 80 -4.11 -40.88 -23.96
C MET B 80 -4.18 -40.13 -22.63
N PRO B 81 -3.66 -40.71 -21.56
CA PRO B 81 -3.71 -40.05 -20.25
C PRO B 81 -2.82 -38.85 -20.20
N VAL B 82 -3.14 -37.89 -19.35
CA VAL B 82 -2.35 -36.68 -19.23
C VAL B 82 -1.67 -36.66 -17.89
N LEU B 83 -0.35 -36.55 -17.90
CA LEU B 83 0.47 -36.41 -16.68
C LEU B 83 0.87 -34.98 -16.48
N CYS B 84 0.57 -34.42 -15.31
CA CYS B 84 1.03 -33.08 -15.00
C CYS B 84 1.36 -32.91 -13.52
N ASN B 85 1.90 -31.75 -13.17
CA ASN B 85 2.43 -31.45 -11.86
C ASN B 85 3.52 -32.42 -11.43
N LEU B 86 4.25 -33.00 -12.38
CA LEU B 86 5.32 -33.93 -12.10
C LEU B 86 6.34 -33.36 -11.13
N PHE B 87 6.82 -32.16 -11.41
CA PHE B 87 7.81 -31.51 -10.59
C PHE B 87 7.23 -30.36 -9.73
N GLY B 88 6.03 -30.54 -9.19
CA GLY B 88 5.38 -29.50 -8.39
C GLY B 88 5.80 -29.35 -6.92
N THR B 89 6.72 -30.21 -6.47
CA THR B 89 7.37 -30.06 -5.16
C THR B 89 8.84 -30.11 -5.41
N PRO B 90 9.64 -29.48 -4.54
CA PRO B 90 11.09 -29.60 -4.75
C PRO B 90 11.64 -31.02 -4.50
N LYS B 91 11.02 -31.73 -3.56
CA LYS B 91 11.34 -33.13 -3.29
C LYS B 91 11.32 -33.97 -4.55
N ARG B 92 10.29 -33.78 -5.35
CA ARG B 92 10.11 -34.58 -6.56
C ARG B 92 11.10 -34.16 -7.63
N VAL B 93 11.60 -32.94 -7.57
CA VAL B 93 12.74 -32.60 -8.42
C VAL B 93 14.03 -33.37 -7.99
N ALA B 94 14.30 -33.37 -6.70
CA ALA B 94 15.43 -34.15 -6.16
C ALA B 94 15.28 -35.64 -6.51
N MET B 95 14.11 -36.23 -6.25
CA MET B 95 13.88 -37.62 -6.61
C MET B 95 14.17 -37.89 -8.08
N GLY B 96 13.77 -36.97 -8.95
CA GLY B 96 13.98 -37.13 -10.39
C GLY B 96 15.43 -37.05 -10.80
N MET B 97 16.30 -36.57 -9.93
CA MET B 97 17.77 -36.67 -10.13
C MET B 97 18.44 -37.85 -9.40
N GLY B 98 17.63 -38.79 -8.94
CA GLY B 98 18.12 -39.93 -8.21
C GLY B 98 18.47 -39.68 -6.74
N GLN B 99 18.33 -38.45 -6.26
CA GLN B 99 18.72 -38.10 -4.90
C GLN B 99 17.54 -38.16 -3.96
N GLU B 100 17.85 -38.16 -2.67
CA GLU B 100 16.81 -38.32 -1.67
C GLU B 100 16.08 -37.02 -1.45
N ASP B 101 16.85 -35.95 -1.30
CA ASP B 101 16.33 -34.67 -0.83
C ASP B 101 16.99 -33.50 -1.53
N VAL B 102 16.51 -32.32 -1.21
CA VAL B 102 16.77 -31.11 -1.99
C VAL B 102 18.17 -30.55 -1.71
N SER B 103 18.73 -30.87 -0.56
CA SER B 103 20.09 -30.46 -0.24
C SER B 103 21.14 -31.12 -1.14
N ALA B 104 20.85 -32.30 -1.70
CA ALA B 104 21.80 -32.99 -2.58
C ALA B 104 22.06 -32.20 -3.87
N LEU B 105 21.18 -31.26 -4.18
CA LEU B 105 21.31 -30.45 -5.38
C LEU B 105 22.54 -29.56 -5.42
N ARG B 106 23.09 -29.23 -4.25
CA ARG B 106 24.32 -28.45 -4.19
C ARG B 106 25.51 -29.25 -4.75
N GLU B 107 25.51 -30.55 -4.50
CA GLU B 107 26.56 -31.42 -5.04
C GLU B 107 26.52 -31.42 -6.58
N VAL B 108 25.33 -31.36 -7.15
CA VAL B 108 25.25 -31.34 -8.63
C VAL B 108 25.70 -29.96 -9.11
N GLY B 109 25.53 -28.95 -8.26
CA GLY B 109 26.14 -27.63 -8.49
C GLY B 109 27.66 -27.57 -8.53
N LYS B 110 28.34 -28.30 -7.64
CA LYS B 110 29.80 -28.35 -7.67
C LYS B 110 30.23 -29.07 -8.94
N LEU B 111 29.47 -30.07 -9.34
CA LEU B 111 29.77 -30.80 -10.54
C LEU B 111 29.71 -29.84 -11.72
N LEU B 112 28.60 -29.11 -11.80
CA LEU B 112 28.41 -28.08 -12.84
C LEU B 112 29.51 -27.01 -12.91
N ALA B 113 30.09 -26.66 -11.76
CA ALA B 113 31.24 -25.77 -11.72
C ALA B 113 32.38 -26.33 -12.59
N PHE B 114 32.74 -27.60 -12.38
CA PHE B 114 33.92 -28.25 -13.03
C PHE B 114 33.92 -28.27 -14.57
N LEU B 115 32.75 -28.23 -15.21
CA LEU B 115 32.64 -28.29 -16.69
C LEU B 115 32.74 -26.87 -17.29
N LYS B 116 33.64 -26.02 -16.78
CA LYS B 116 33.64 -24.59 -17.07
C LYS B 116 34.92 -23.92 -16.52
N LEU B 138 36.85 -36.16 -20.30
CA LEU B 138 35.79 -36.53 -21.22
C LEU B 138 34.41 -36.50 -20.53
N ASN B 139 33.46 -35.80 -21.17
CA ASN B 139 32.02 -35.90 -20.87
C ASN B 139 31.40 -36.98 -21.74
N MET B 140 30.31 -37.60 -21.28
CA MET B 140 29.86 -38.87 -21.86
C MET B 140 28.89 -38.70 -23.04
N PRO B 141 29.16 -39.40 -24.16
CA PRO B 141 28.24 -39.37 -25.29
C PRO B 141 26.94 -40.12 -25.00
N THR B 142 26.09 -40.24 -26.01
CA THR B 142 24.87 -41.02 -25.90
C THR B 142 25.11 -42.43 -26.40
N LYS B 143 24.32 -43.35 -25.88
CA LYS B 143 24.32 -44.73 -26.33
C LYS B 143 23.16 -44.90 -27.27
N ARG B 144 23.45 -45.10 -28.55
CA ARG B 144 22.41 -45.20 -29.55
C ARG B 144 21.90 -46.62 -29.70
N LEU B 145 20.62 -46.83 -29.36
CA LEU B 145 19.98 -48.13 -29.57
C LEU B 145 19.55 -48.28 -31.00
N ARG B 146 19.36 -49.53 -31.35
CA ARG B 146 18.96 -49.90 -32.67
C ARG B 146 17.43 -49.85 -32.77
N GLY B 147 16.72 -50.05 -31.67
CA GLY B 147 15.27 -49.82 -31.63
C GLY B 147 14.75 -49.28 -30.29
N ALA B 148 13.54 -48.73 -30.26
CA ALA B 148 13.12 -48.09 -29.03
C ALA B 148 11.63 -48.03 -28.85
N PRO B 149 11.15 -48.02 -27.61
CA PRO B 149 9.67 -48.07 -27.46
C PRO B 149 8.96 -46.87 -28.07
N CYS B 150 9.62 -45.71 -28.04
CA CYS B 150 9.04 -44.49 -28.62
C CYS B 150 8.76 -44.54 -30.13
N GLN B 151 9.17 -45.62 -30.82
CA GLN B 151 8.82 -45.83 -32.22
C GLN B 151 8.00 -47.11 -32.45
N GLN B 152 7.22 -47.52 -31.44
CA GLN B 152 6.27 -48.62 -31.60
C GLN B 152 5.12 -48.33 -32.56
N LYS B 153 4.53 -47.12 -32.48
CA LYS B 153 3.43 -46.69 -33.37
C LYS B 153 3.86 -45.44 -34.05
N ILE B 154 3.79 -45.45 -35.38
CA ILE B 154 4.31 -44.39 -36.20
C ILE B 154 3.22 -43.95 -37.15
N VAL B 155 3.13 -42.65 -37.37
CA VAL B 155 2.15 -42.07 -38.28
C VAL B 155 2.89 -40.96 -39.03
N SER B 156 2.68 -40.83 -40.33
CA SER B 156 3.40 -39.77 -41.08
C SER B 156 2.66 -39.18 -42.28
N GLY B 157 3.20 -38.07 -42.82
CA GLY B 157 2.58 -37.36 -43.91
C GLY B 157 1.17 -36.87 -43.65
N ASP B 158 0.19 -37.39 -44.39
CA ASP B 158 -1.17 -36.89 -44.33
C ASP B 158 -1.88 -37.47 -43.12
N ASP B 159 -1.32 -38.53 -42.56
CA ASP B 159 -1.93 -39.18 -41.35
C ASP B 159 -1.67 -38.49 -40.03
N VAL B 160 -0.73 -37.56 -40.02
CA VAL B 160 -0.40 -36.79 -38.85
C VAL B 160 -1.57 -35.92 -38.46
N ASP B 161 -2.10 -36.16 -37.27
CA ASP B 161 -3.10 -35.31 -36.66
C ASP B 161 -2.80 -35.03 -35.18
N LEU B 162 -2.25 -33.86 -34.91
CA LEU B 162 -1.98 -33.43 -33.52
C LEU B 162 -3.27 -33.23 -32.71
N ASN B 163 -4.42 -33.13 -33.36
CA ASN B 163 -5.68 -33.10 -32.64
C ASN B 163 -6.01 -34.34 -31.87
N ARG B 164 -5.36 -35.46 -32.17
CA ARG B 164 -5.54 -36.72 -31.42
C ARG B 164 -4.86 -36.69 -30.06
N ILE B 165 -3.90 -35.80 -29.89
CA ILE B 165 -3.22 -35.63 -28.62
C ILE B 165 -4.01 -34.65 -27.70
N PRO B 166 -4.13 -34.97 -26.38
CA PRO B 166 -4.81 -34.12 -25.41
C PRO B 166 -4.01 -32.90 -24.97
N ILE B 167 -3.65 -32.06 -25.94
CA ILE B 167 -2.91 -30.86 -25.70
C ILE B 167 -3.77 -29.95 -24.84
N MET B 168 -3.21 -29.36 -23.79
CA MET B 168 -3.98 -28.53 -22.88
C MET B 168 -4.17 -27.07 -23.34
N THR B 169 -5.30 -26.48 -22.99
CA THR B 169 -5.49 -25.04 -23.02
C THR B 169 -5.45 -24.57 -21.56
N CYS B 170 -4.54 -23.65 -21.24
CA CYS B 170 -4.25 -23.37 -19.83
C CYS B 170 -5.12 -22.31 -19.20
N TRP B 171 -5.23 -21.17 -19.86
CA TRP B 171 -5.99 -20.04 -19.31
C TRP B 171 -7.07 -19.56 -20.29
N PRO B 172 -8.15 -19.01 -19.77
CA PRO B 172 -9.32 -18.69 -20.60
C PRO B 172 -9.08 -17.84 -21.84
N GLU B 173 -8.13 -16.91 -21.83
CA GLU B 173 -7.90 -16.08 -23.04
C GLU B 173 -6.65 -16.48 -23.83
N ASP B 174 -6.12 -17.68 -23.58
CA ASP B 174 -5.03 -18.19 -24.39
C ASP B 174 -5.53 -18.45 -25.82
N ALA B 175 -4.69 -18.22 -26.80
CA ALA B 175 -5.09 -18.30 -28.21
C ALA B 175 -5.54 -19.69 -28.65
N ALA B 176 -4.92 -20.72 -28.12
CA ALA B 176 -5.10 -22.06 -28.63
C ALA B 176 -4.43 -23.06 -27.71
N PRO B 177 -4.68 -24.35 -27.96
CA PRO B 177 -3.96 -25.36 -27.18
C PRO B 177 -2.45 -25.20 -27.36
N LEU B 178 -1.71 -25.58 -26.34
CA LEU B 178 -0.30 -25.28 -26.25
C LEU B 178 0.51 -26.48 -25.72
N ILE B 179 1.56 -26.87 -26.42
CA ILE B 179 2.41 -27.92 -25.93
C ILE B 179 3.42 -27.27 -25.01
N THR B 180 3.53 -27.79 -23.79
CA THR B 180 4.38 -27.16 -22.76
C THR B 180 5.55 -27.97 -22.17
N TRP B 181 5.64 -29.26 -22.44
CA TRP B 181 6.75 -30.05 -21.89
C TRP B 181 7.56 -30.78 -22.97
N GLY B 182 7.65 -30.17 -24.13
CA GLY B 182 8.42 -30.73 -25.23
C GLY B 182 9.89 -30.45 -25.03
N LEU B 183 10.72 -31.49 -25.13
CA LEU B 183 12.16 -31.30 -25.29
C LEU B 183 12.46 -31.12 -26.75
N THR B 184 12.75 -29.88 -27.15
CA THR B 184 13.11 -29.61 -28.54
C THR B 184 14.59 -29.90 -28.78
N VAL B 185 14.87 -30.76 -29.77
CA VAL B 185 16.23 -31.17 -30.09
C VAL B 185 16.67 -30.51 -31.39
N THR B 186 17.85 -29.88 -31.39
CA THR B 186 18.41 -29.32 -32.61
C THR B 186 19.93 -29.52 -32.71
N ARG B 187 20.41 -29.46 -33.94
CA ARG B 187 21.82 -29.28 -34.22
C ARG B 187 21.97 -27.96 -34.96
N GLY B 188 23.06 -27.22 -34.68
CA GLY B 188 23.50 -26.14 -35.57
C GLY B 188 24.38 -26.68 -36.70
N PRO B 189 24.74 -25.84 -37.69
CA PRO B 189 25.59 -26.30 -38.79
C PRO B 189 27.11 -26.36 -38.49
N HIS B 190 27.54 -25.75 -37.38
CA HIS B 190 28.97 -25.55 -37.10
C HIS B 190 29.55 -26.51 -36.07
N LYS B 191 28.69 -27.16 -35.26
CA LYS B 191 29.16 -28.26 -34.39
C LYS B 191 28.15 -29.42 -34.24
N GLU B 192 28.66 -30.53 -33.70
CA GLU B 192 27.93 -31.82 -33.57
C GLU B 192 26.90 -31.74 -32.43
N ARG B 193 27.21 -30.94 -31.40
CA ARG B 193 26.40 -30.80 -30.16
C ARG B 193 24.91 -30.73 -30.42
N GLN B 194 24.13 -31.56 -29.73
CA GLN B 194 22.64 -31.53 -29.76
C GLN B 194 22.08 -30.74 -28.57
N ASN B 195 21.47 -29.57 -28.81
CA ASN B 195 20.85 -28.78 -27.71
C ASN B 195 19.45 -29.30 -27.46
N LEU B 196 19.10 -29.41 -26.18
CA LEU B 196 17.74 -29.68 -25.77
C LEU B 196 17.19 -28.45 -25.06
N GLY B 197 16.03 -27.99 -25.47
CA GLY B 197 15.36 -26.87 -24.78
C GLY B 197 13.86 -27.10 -24.66
N ILE B 198 13.24 -26.37 -23.73
CA ILE B 198 11.81 -26.39 -23.55
C ILE B 198 11.26 -25.06 -24.07
N TYR B 199 10.58 -25.13 -25.20
CA TYR B 199 9.97 -23.96 -25.81
C TYR B 199 8.49 -24.28 -26.03
N ARG B 200 7.62 -23.36 -25.67
CA ARG B 200 6.20 -23.61 -25.81
C ARG B 200 5.80 -23.56 -27.28
N GLN B 201 4.78 -24.35 -27.63
CA GLN B 201 4.40 -24.57 -29.01
C GLN B 201 2.89 -24.54 -29.24
N GLN B 202 2.42 -23.50 -29.90
CA GLN B 202 0.99 -23.32 -30.15
C GLN B 202 0.52 -24.24 -31.26
N LEU B 203 -0.62 -24.89 -31.07
CA LEU B 203 -1.29 -25.63 -32.13
C LEU B 203 -1.95 -24.70 -33.17
N ILE B 204 -1.52 -24.79 -34.42
CA ILE B 204 -2.12 -23.95 -35.50
C ILE B 204 -2.66 -24.74 -36.69
N GLY B 205 -2.54 -26.06 -36.67
CA GLY B 205 -3.06 -26.94 -37.72
C GLY B 205 -2.87 -28.42 -37.35
N LYS B 206 -3.42 -29.32 -38.18
CA LYS B 206 -3.25 -30.78 -38.02
C LYS B 206 -1.78 -31.17 -37.88
N ASN B 207 -0.91 -30.46 -38.61
CA ASN B 207 0.52 -30.75 -38.59
C ASN B 207 1.43 -29.51 -38.48
N LYS B 208 0.95 -28.48 -37.78
CA LYS B 208 1.71 -27.24 -37.63
C LYS B 208 1.71 -26.75 -36.16
N LEU B 209 2.89 -26.49 -35.65
CA LEU B 209 3.07 -25.88 -34.36
C LEU B 209 3.88 -24.57 -34.56
N ILE B 210 3.74 -23.62 -33.64
CA ILE B 210 4.61 -22.47 -33.63
C ILE B 210 5.72 -22.79 -32.68
N MET B 211 6.94 -22.37 -33.00
CA MET B 211 8.12 -22.70 -32.22
C MET B 211 8.58 -21.45 -31.51
N ARG B 212 8.18 -21.31 -30.26
CA ARG B 212 8.40 -20.06 -29.54
C ARG B 212 9.65 -20.13 -28.67
N TRP B 213 10.79 -20.03 -29.36
CA TRP B 213 12.10 -19.88 -28.70
C TRP B 213 12.53 -18.42 -28.72
N LEU B 214 12.98 -17.94 -27.57
CA LEU B 214 13.50 -16.59 -27.49
C LEU B 214 14.90 -16.63 -28.07
N SER B 215 15.40 -15.47 -28.52
CA SER B 215 16.54 -15.46 -29.43
C SER B 215 17.90 -15.90 -28.86
N HIS B 216 18.02 -16.03 -27.54
CA HIS B 216 19.29 -16.43 -26.93
C HIS B 216 19.32 -17.93 -26.60
N ARG B 217 18.23 -18.63 -26.91
CA ARG B 217 18.15 -20.08 -26.73
C ARG B 217 18.97 -20.82 -27.79
N GLY B 218 19.36 -22.04 -27.45
CA GLY B 218 20.21 -22.87 -28.30
C GLY B 218 19.53 -23.17 -29.59
N GLY B 219 18.28 -23.60 -29.52
CA GLY B 219 17.48 -23.86 -30.70
C GLY B 219 17.43 -22.68 -31.66
N ALA B 220 17.15 -21.47 -31.15
CA ALA B 220 17.01 -20.28 -32.00
C ALA B 220 18.32 -19.84 -32.64
N LEU B 221 19.43 -20.07 -31.94
CA LEU B 221 20.74 -19.75 -32.47
C LEU B 221 21.11 -20.75 -33.56
N ASP B 222 20.83 -22.03 -33.30
CA ASP B 222 21.09 -23.08 -34.28
C ASP B 222 20.35 -22.80 -35.58
N TYR B 223 19.07 -22.43 -35.47
CA TYR B 223 18.24 -22.12 -36.62
C TYR B 223 18.81 -20.94 -37.39
N GLN B 224 19.13 -19.88 -36.64
CA GLN B 224 19.61 -18.64 -37.23
C GLN B 224 20.88 -18.86 -38.05
N GLU B 225 21.79 -19.67 -37.53
CA GLU B 225 23.03 -20.04 -38.21
C GLU B 225 22.80 -20.94 -39.42
N TRP B 226 21.87 -21.87 -39.31
CA TRP B 226 21.46 -22.71 -40.43
C TRP B 226 20.98 -21.90 -41.60
N CYS B 227 20.15 -20.89 -41.33
CA CYS B 227 19.66 -20.00 -42.38
C CYS B 227 20.78 -19.24 -43.15
N ALA B 228 21.75 -18.72 -42.42
CA ALA B 228 22.91 -18.06 -43.01
C ALA B 228 23.83 -19.01 -43.80
N ALA B 229 24.05 -20.19 -43.24
CA ALA B 229 25.00 -21.18 -43.77
C ALA B 229 24.43 -22.10 -44.85
N HIS B 230 23.10 -22.21 -44.91
CA HIS B 230 22.43 -23.03 -45.92
C HIS B 230 21.12 -22.35 -46.33
N PRO B 231 21.22 -21.19 -47.00
CA PRO B 231 20.04 -20.42 -47.42
C PRO B 231 18.93 -21.23 -48.10
N GLY B 232 17.70 -21.08 -47.60
CA GLY B 232 16.52 -21.73 -48.18
C GLY B 232 16.28 -23.20 -47.86
N GLU B 233 17.20 -23.84 -47.16
CA GLU B 233 17.04 -25.25 -46.82
C GLU B 233 16.28 -25.46 -45.52
N ARG B 234 15.35 -26.41 -45.53
CA ARG B 234 14.56 -26.78 -44.35
C ARG B 234 15.43 -27.14 -43.17
N PHE B 235 15.03 -26.68 -41.98
CA PHE B 235 15.79 -26.90 -40.74
C PHE B 235 15.20 -28.09 -39.98
N PRO B 236 15.90 -29.25 -39.99
CA PRO B 236 15.36 -30.39 -39.25
C PRO B 236 15.29 -30.18 -37.74
N VAL B 237 14.17 -30.60 -37.15
CA VAL B 237 13.88 -30.44 -35.74
C VAL B 237 13.05 -31.64 -35.27
N SER B 238 13.24 -32.03 -34.01
CA SER B 238 12.46 -33.09 -33.36
C SER B 238 12.20 -32.75 -31.91
N VAL B 239 11.01 -33.13 -31.43
CA VAL B 239 10.55 -32.82 -30.10
C VAL B 239 10.14 -34.08 -29.34
N ALA B 240 10.73 -34.31 -28.19
CA ALA B 240 10.45 -35.50 -27.38
C ALA B 240 9.58 -35.13 -26.19
N LEU B 241 8.46 -35.83 -26.02
CA LEU B 241 7.53 -35.64 -24.88
C LEU B 241 7.63 -36.87 -23.95
N GLY B 242 7.88 -36.65 -22.67
CA GLY B 242 7.85 -37.72 -21.68
C GLY B 242 9.12 -38.60 -21.58
N ALA B 243 10.27 -38.01 -21.81
CA ALA B 243 11.53 -38.65 -21.57
C ALA B 243 11.72 -38.95 -20.08
N ASP B 244 12.73 -39.73 -19.75
CA ASP B 244 13.14 -39.97 -18.37
C ASP B 244 13.48 -38.64 -17.63
N PRO B 245 13.27 -38.60 -16.30
CA PRO B 245 13.39 -37.35 -15.56
C PRO B 245 14.80 -36.75 -15.56
N ALA B 246 15.84 -37.58 -15.58
CA ALA B 246 17.20 -37.05 -15.71
C ALA B 246 17.39 -36.26 -17.03
N THR B 247 16.83 -36.76 -18.12
CA THR B 247 16.92 -36.08 -19.42
C THR B 247 16.13 -34.78 -19.37
N ILE B 248 14.93 -34.81 -18.79
CA ILE B 248 14.08 -33.60 -18.68
C ILE B 248 14.73 -32.51 -17.82
N LEU B 249 15.27 -32.90 -16.68
CA LEU B 249 15.90 -31.93 -15.80
C LEU B 249 17.22 -31.46 -16.40
N GLY B 250 17.91 -32.34 -17.11
CA GLY B 250 19.12 -31.92 -17.81
C GLY B 250 18.84 -30.85 -18.87
N ALA B 251 17.66 -30.94 -19.52
CA ALA B 251 17.27 -29.99 -20.57
C ALA B 251 17.13 -28.59 -20.04
N VAL B 252 16.65 -28.50 -18.81
CA VAL B 252 16.27 -27.28 -18.17
C VAL B 252 17.38 -26.68 -17.31
N THR B 253 18.42 -27.46 -17.04
CA THR B 253 19.58 -26.96 -16.31
C THR B 253 20.42 -26.21 -17.30
N PRO B 254 20.89 -25.00 -16.94
CA PRO B 254 21.64 -24.20 -17.92
C PRO B 254 23.07 -24.66 -17.94
N VAL B 255 23.34 -25.67 -18.75
CA VAL B 255 24.71 -26.08 -19.03
C VAL B 255 25.25 -25.17 -20.10
N PRO B 256 26.56 -25.17 -20.31
CA PRO B 256 27.10 -24.36 -21.41
C PRO B 256 26.44 -24.69 -22.79
N ASP B 257 26.42 -23.73 -23.70
CA ASP B 257 25.99 -24.01 -25.09
C ASP B 257 26.96 -24.98 -25.79
N THR B 258 28.23 -24.97 -25.36
CA THR B 258 29.27 -25.88 -25.89
C THR B 258 28.91 -27.38 -25.68
N LEU B 259 28.17 -27.67 -24.60
CA LEU B 259 27.90 -29.04 -24.16
C LEU B 259 26.48 -29.50 -24.47
N SER B 260 26.33 -30.78 -24.80
CA SER B 260 25.00 -31.36 -24.96
C SER B 260 24.36 -31.62 -23.61
N GLU B 261 23.11 -31.27 -23.54
CA GLU B 261 22.33 -31.49 -22.36
C GLU B 261 22.19 -33.02 -22.10
N TYR B 262 22.39 -33.84 -23.12
CA TYR B 262 22.35 -35.31 -22.98
C TYR B 262 23.49 -35.82 -22.15
N ALA B 263 24.60 -35.10 -22.16
CA ALA B 263 25.81 -35.52 -21.46
C ALA B 263 25.64 -35.25 -19.97
N PHE B 264 25.05 -34.11 -19.65
CA PHE B 264 24.79 -33.78 -18.25
C PHE B 264 23.82 -34.76 -17.61
N ALA B 265 22.79 -35.15 -18.36
CA ALA B 265 21.81 -36.05 -17.83
C ALA B 265 22.45 -37.37 -17.49
N GLY B 266 23.45 -37.75 -18.28
CA GLY B 266 24.25 -38.94 -17.99
C GLY B 266 24.98 -38.87 -16.67
N LEU B 267 25.46 -37.68 -16.30
CA LEU B 267 26.15 -37.47 -15.03
C LEU B 267 25.17 -37.54 -13.87
N LEU B 268 24.00 -36.91 -14.01
CA LEU B 268 22.94 -37.02 -13.00
C LEU B 268 22.45 -38.45 -12.84
N ARG B 269 22.44 -39.21 -13.93
CA ARG B 269 21.89 -40.55 -13.90
C ARG B 269 22.94 -41.52 -13.36
N GLY B 270 24.17 -41.36 -13.83
CA GLY B 270 25.25 -42.28 -13.54
C GLY B 270 25.52 -43.21 -14.70
N THR B 271 24.67 -43.17 -15.72
CA THR B 271 24.78 -44.06 -16.89
C THR B 271 24.47 -43.21 -18.11
N LYS B 272 25.08 -43.55 -19.26
CA LYS B 272 24.80 -42.87 -20.53
C LYS B 272 23.28 -42.77 -20.88
N THR B 273 22.89 -41.62 -21.44
CA THR B 273 21.54 -41.42 -21.90
C THR B 273 21.32 -42.31 -23.13
N GLU B 274 20.32 -43.16 -23.06
CA GLU B 274 19.99 -44.04 -24.18
C GLU B 274 19.11 -43.32 -25.19
N VAL B 275 19.57 -43.25 -26.43
CA VAL B 275 18.84 -42.57 -27.50
C VAL B 275 18.55 -43.46 -28.73
N VAL B 276 17.78 -42.92 -29.65
CA VAL B 276 17.46 -43.61 -30.90
C VAL B 276 17.49 -42.58 -32.00
N LYS B 277 17.97 -42.97 -33.19
CA LYS B 277 18.01 -42.02 -34.31
C LYS B 277 16.58 -41.73 -34.74
N CYS B 278 16.32 -40.47 -35.09
CA CYS B 278 14.98 -40.14 -35.59
C CYS B 278 14.81 -40.82 -36.94
N ILE B 279 13.56 -40.96 -37.36
CA ILE B 279 13.23 -41.63 -38.59
C ILE B 279 13.56 -40.74 -39.79
N SER B 280 13.25 -39.46 -39.67
CA SER B 280 13.30 -38.53 -40.80
C SER B 280 14.49 -37.60 -40.75
N ASN B 281 15.32 -37.67 -39.72
CA ASN B 281 16.56 -36.87 -39.68
C ASN B 281 17.65 -37.54 -38.87
N ASP B 282 18.80 -36.87 -38.73
CA ASP B 282 19.93 -37.46 -37.99
C ASP B 282 19.98 -37.07 -36.52
N LEU B 283 18.93 -36.41 -36.02
CA LEU B 283 18.85 -36.05 -34.59
C LEU B 283 18.48 -37.27 -33.76
N GLU B 284 18.95 -37.30 -32.53
CA GLU B 284 18.70 -38.42 -31.63
C GLU B 284 17.77 -37.97 -30.51
N VAL B 285 16.78 -38.82 -30.22
CA VAL B 285 15.82 -38.58 -29.16
C VAL B 285 15.85 -39.71 -28.15
N PRO B 286 15.43 -39.42 -26.91
CA PRO B 286 15.50 -40.42 -25.86
C PRO B 286 14.68 -41.65 -26.19
N ALA B 287 15.27 -42.83 -26.03
CA ALA B 287 14.64 -44.09 -26.43
C ALA B 287 13.35 -44.35 -25.64
N SER B 288 13.35 -43.95 -24.38
CA SER B 288 12.20 -44.09 -23.48
C SER B 288 11.05 -43.05 -23.68
N ALA B 289 11.19 -42.10 -24.59
CA ALA B 289 10.16 -41.07 -24.79
C ALA B 289 8.79 -41.67 -24.98
N GLU B 290 7.74 -40.98 -24.53
CA GLU B 290 6.37 -41.47 -24.72
C GLU B 290 5.86 -41.09 -26.11
N ILE B 291 6.20 -39.87 -26.54
CA ILE B 291 5.77 -39.34 -27.85
C ILE B 291 6.90 -38.54 -28.43
N VAL B 292 7.10 -38.63 -29.75
CA VAL B 292 8.09 -37.81 -30.46
C VAL B 292 7.48 -37.18 -31.70
N LEU B 293 7.75 -35.90 -31.88
CA LEU B 293 7.33 -35.19 -33.08
C LEU B 293 8.57 -34.91 -33.94
N GLU B 294 8.53 -35.26 -35.22
CA GLU B 294 9.66 -34.97 -36.12
C GLU B 294 9.18 -34.08 -37.27
N GLY B 295 10.06 -33.21 -37.73
CA GLY B 295 9.74 -32.40 -38.88
C GLY B 295 10.79 -31.38 -39.23
N TYR B 296 10.36 -30.19 -39.58
CA TYR B 296 11.29 -29.17 -39.99
C TYR B 296 10.64 -27.80 -39.91
N ILE B 297 11.49 -26.78 -39.94
CA ILE B 297 11.06 -25.41 -40.05
C ILE B 297 11.41 -24.96 -41.45
N GLU B 298 10.37 -24.56 -42.18
CA GLU B 298 10.53 -24.00 -43.52
C GLU B 298 11.02 -22.55 -43.40
N GLN B 299 12.16 -22.23 -44.00
CA GLN B 299 12.74 -20.90 -43.84
C GLN B 299 11.77 -19.81 -44.30
N GLY B 300 11.67 -18.75 -43.50
CA GLY B 300 10.72 -17.64 -43.75
C GLY B 300 9.31 -17.80 -43.18
N GLU B 301 8.86 -19.04 -42.94
CA GLU B 301 7.47 -19.29 -42.55
C GLU B 301 7.31 -18.98 -41.07
N THR B 302 6.39 -18.07 -40.79
CA THR B 302 6.13 -17.63 -39.44
C THR B 302 4.64 -17.46 -39.20
N ALA B 303 4.26 -17.45 -37.93
CA ALA B 303 2.86 -17.27 -37.56
C ALA B 303 2.77 -16.39 -36.30
N PRO B 304 1.67 -15.62 -36.18
CA PRO B 304 1.40 -14.87 -34.93
C PRO B 304 1.11 -15.85 -33.81
N GLU B 305 1.83 -15.68 -32.70
CA GLU B 305 1.81 -16.57 -31.56
C GLU B 305 1.08 -15.89 -30.43
N GLY B 306 0.14 -16.59 -29.82
CA GLY B 306 -0.52 -16.14 -28.59
C GLY B 306 -1.68 -15.22 -28.93
N PRO B 307 -2.18 -14.44 -27.93
CA PRO B 307 -1.65 -14.29 -26.56
C PRO B 307 -1.68 -15.56 -25.74
N TYR B 308 -0.72 -15.66 -24.81
CA TYR B 308 -0.64 -16.73 -23.83
C TYR B 308 -0.32 -16.14 -22.47
N GLY B 309 -0.96 -16.69 -21.44
CA GLY B 309 -0.62 -16.40 -20.06
C GLY B 309 0.79 -16.91 -19.78
N ASP B 310 1.53 -16.16 -18.97
CA ASP B 310 2.94 -16.36 -18.76
C ASP B 310 3.24 -16.50 -17.25
N HIS B 311 4.49 -16.84 -16.96
CA HIS B 311 4.94 -17.11 -15.61
C HIS B 311 4.85 -15.88 -14.72
N THR B 312 4.74 -14.71 -15.31
CA THR B 312 4.54 -13.45 -14.53
C THR B 312 3.11 -13.28 -14.04
N GLY B 313 2.20 -14.11 -14.52
CA GLY B 313 0.77 -13.94 -14.22
C GLY B 313 0.01 -12.95 -15.14
N TYR B 314 0.64 -12.55 -16.24
CA TYR B 314 0.00 -11.71 -17.24
C TYR B 314 0.03 -12.43 -18.62
N TYR B 315 -0.78 -11.92 -19.55
CA TYR B 315 -0.77 -12.47 -20.89
C TYR B 315 0.37 -11.79 -21.64
N ASN B 316 1.16 -12.55 -22.41
CA ASN B 316 2.05 -11.98 -23.43
C ASN B 316 1.15 -11.54 -24.57
N GLU B 317 1.36 -10.35 -25.15
CA GLU B 317 0.64 -10.00 -26.39
C GLU B 317 1.18 -10.80 -27.62
N VAL B 318 0.47 -10.72 -28.75
CA VAL B 318 0.82 -11.48 -29.98
C VAL B 318 2.18 -11.12 -30.47
N ASP B 319 2.86 -12.09 -31.06
CA ASP B 319 4.17 -11.92 -31.66
C ASP B 319 4.43 -13.04 -32.68
N SER B 320 5.30 -12.82 -33.65
CA SER B 320 5.60 -13.81 -34.69
C SER B 320 6.75 -14.76 -34.30
N PHE B 321 6.57 -16.05 -34.60
CA PHE B 321 7.64 -17.02 -34.45
C PHE B 321 7.63 -18.09 -35.55
N PRO B 322 8.72 -18.82 -35.67
CA PRO B 322 8.81 -19.78 -36.76
C PRO B 322 7.75 -20.87 -36.63
N VAL B 323 7.33 -21.43 -37.77
CA VAL B 323 6.40 -22.55 -37.82
C VAL B 323 7.15 -23.84 -37.95
N PHE B 324 6.74 -24.82 -37.18
CA PHE B 324 7.35 -26.17 -37.13
C PHE B 324 6.33 -27.07 -37.80
N THR B 325 6.72 -27.62 -38.93
CA THR B 325 5.86 -28.53 -39.70
C THR B 325 6.16 -29.94 -39.25
N VAL B 326 5.11 -30.67 -38.86
CA VAL B 326 5.30 -32.01 -38.30
C VAL B 326 5.05 -33.08 -39.33
N THR B 327 6.08 -33.82 -39.69
CA THR B 327 5.98 -34.86 -40.73
C THR B 327 5.78 -36.27 -40.14
N HIS B 328 6.16 -36.45 -38.88
CA HIS B 328 6.03 -37.73 -38.22
C HIS B 328 5.64 -37.57 -36.77
N ILE B 329 4.87 -38.52 -36.26
CA ILE B 329 4.55 -38.64 -34.83
C ILE B 329 4.77 -40.09 -34.40
N THR B 330 5.73 -40.31 -33.52
CA THR B 330 6.04 -41.66 -33.10
C THR B 330 5.66 -41.76 -31.65
N GLN B 331 5.31 -42.94 -31.19
CA GLN B 331 4.93 -43.12 -29.78
C GLN B 331 4.92 -44.56 -29.28
N ARG B 332 4.92 -44.69 -27.97
CA ARG B 332 4.73 -45.94 -27.34
C ARG B 332 3.29 -46.46 -27.47
N GLU B 333 3.18 -47.78 -27.34
CA GLU B 333 1.93 -48.39 -27.00
C GLU B 333 1.61 -47.80 -25.56
N ASP B 334 0.37 -47.36 -25.38
CA ASP B 334 -0.07 -46.91 -24.08
C ASP B 334 0.42 -45.53 -23.74
N ALA B 335 0.83 -44.78 -24.76
CA ALA B 335 1.46 -43.48 -24.54
C ALA B 335 0.74 -42.56 -23.57
N ILE B 336 1.54 -41.85 -22.78
CA ILE B 336 1.11 -40.90 -21.76
C ILE B 336 1.60 -39.53 -22.24
N TYR B 337 0.72 -38.55 -22.21
CA TYR B 337 1.05 -37.21 -22.61
C TYR B 337 1.44 -36.37 -21.39
N HIS B 338 2.70 -35.96 -21.36
CA HIS B 338 3.22 -35.11 -20.29
C HIS B 338 3.03 -33.62 -20.59
N SER B 339 2.41 -32.90 -19.66
CA SER B 339 2.09 -31.49 -19.87
C SER B 339 2.16 -30.71 -18.56
N THR B 340 2.06 -29.39 -18.70
CA THR B 340 2.08 -28.48 -17.57
C THR B 340 1.42 -27.14 -17.98
N TYR B 341 1.70 -26.10 -17.21
CA TYR B 341 1.16 -24.78 -17.48
C TYR B 341 2.09 -23.78 -16.78
N THR B 342 2.10 -22.54 -17.23
CA THR B 342 2.65 -21.45 -16.45
C THR B 342 1.58 -20.45 -16.17
N GLY B 343 1.70 -19.79 -15.03
CA GLY B 343 0.83 -18.69 -14.71
C GLY B 343 1.36 -17.93 -13.54
N ARG B 344 0.46 -17.26 -12.84
CA ARG B 344 0.82 -16.57 -11.65
C ARG B 344 1.60 -17.50 -10.77
N PRO B 345 2.74 -17.07 -10.23
CA PRO B 345 3.50 -18.03 -9.43
C PRO B 345 2.84 -18.27 -8.08
N PRO B 346 3.07 -19.42 -7.46
CA PRO B 346 3.93 -20.45 -7.93
C PRO B 346 3.27 -21.46 -8.90
N ASP B 347 4.03 -21.87 -9.92
CA ASP B 347 3.68 -22.95 -10.83
C ASP B 347 4.87 -23.91 -10.98
N GLU B 348 4.71 -24.99 -11.74
CA GLU B 348 5.74 -26.00 -11.83
C GLU B 348 7.09 -25.40 -12.30
N PRO B 349 7.07 -24.49 -13.24
CA PRO B 349 8.35 -23.88 -13.62
C PRO B 349 9.05 -23.16 -12.49
N ALA B 350 8.27 -22.43 -11.71
CA ALA B 350 8.80 -21.74 -10.56
C ALA B 350 9.43 -22.72 -9.57
N VAL B 351 8.78 -23.85 -9.33
CA VAL B 351 9.30 -24.83 -8.41
C VAL B 351 10.58 -25.46 -8.94
N LEU B 352 10.59 -25.79 -10.22
CA LEU B 352 11.82 -26.20 -10.88
C LEU B 352 12.89 -25.14 -10.64
N GLY B 353 12.56 -23.88 -10.89
CA GLY B 353 13.52 -22.80 -10.70
C GLY B 353 14.06 -22.66 -9.28
N VAL B 354 13.27 -23.03 -8.25
CA VAL B 354 13.78 -22.91 -6.88
C VAL B 354 14.74 -24.02 -6.60
N ALA B 355 14.43 -25.22 -7.08
CA ALA B 355 15.35 -26.33 -6.94
C ALA B 355 16.63 -26.07 -7.68
N LEU B 356 16.57 -25.50 -8.88
CA LEU B 356 17.79 -25.25 -9.64
C LEU B 356 18.61 -24.10 -9.10
N ASN B 357 18.05 -23.26 -8.26
CA ASN B 357 18.81 -22.19 -7.64
C ASN B 357 19.78 -22.82 -6.63
N GLU B 358 19.37 -23.93 -6.00
CA GLU B 358 20.25 -24.66 -5.14
C GLU B 358 21.48 -25.15 -5.85
N VAL B 359 21.32 -25.52 -7.10
CA VAL B 359 22.46 -25.85 -7.92
C VAL B 359 23.44 -24.66 -8.03
N PHE B 360 22.94 -23.44 -8.18
CA PHE B 360 23.85 -22.27 -8.37
C PHE B 360 24.53 -21.75 -7.11
N VAL B 361 23.96 -22.01 -5.93
CA VAL B 361 24.62 -21.51 -4.74
C VAL B 361 26.13 -21.80 -4.66
N PRO B 362 26.53 -23.07 -4.80
CA PRO B 362 27.94 -23.41 -4.80
C PRO B 362 28.76 -22.63 -5.79
N ILE B 363 28.19 -22.37 -6.97
CA ILE B 363 28.95 -21.73 -8.06
C ILE B 363 29.22 -20.30 -7.66
N LEU B 364 28.19 -19.63 -7.16
CA LEU B 364 28.35 -18.31 -6.57
C LEU B 364 29.34 -18.30 -5.40
N GLN B 365 29.22 -19.28 -4.49
CA GLN B 365 30.12 -19.35 -3.33
C GLN B 365 31.59 -19.53 -3.67
N LYS B 366 31.87 -20.19 -4.78
CA LYS B 366 33.23 -20.39 -5.25
C LYS B 366 33.82 -19.06 -5.61
N GLN B 367 33.01 -18.23 -6.25
CA GLN B 367 33.47 -16.90 -6.64
C GLN B 367 33.45 -15.95 -5.47
N PHE B 368 32.41 -16.05 -4.65
CA PHE B 368 32.18 -15.12 -3.54
C PHE B 368 32.00 -15.89 -2.26
N PRO B 369 33.10 -16.25 -1.64
CA PRO B 369 32.97 -17.17 -0.49
C PRO B 369 32.29 -16.55 0.69
N GLU B 370 32.13 -15.23 0.69
CA GLU B 370 31.39 -14.55 1.76
C GLU B 370 29.89 -14.84 1.71
N ILE B 371 29.39 -15.35 0.59
CA ILE B 371 27.98 -15.64 0.45
C ILE B 371 27.60 -16.88 1.24
N VAL B 372 26.66 -16.72 2.17
CA VAL B 372 26.19 -17.85 2.98
C VAL B 372 24.98 -18.49 2.33
N ASP B 373 24.09 -17.68 1.78
CA ASP B 373 22.88 -18.15 1.10
C ASP B 373 22.44 -17.19 0.01
N PHE B 374 21.76 -17.70 -1.00
CA PHE B 374 21.34 -16.95 -2.17
C PHE B 374 20.02 -17.54 -2.62
N TYR B 375 18.97 -16.74 -2.65
CA TYR B 375 17.58 -17.23 -2.83
C TYR B 375 16.76 -16.31 -3.72
N LEU B 376 16.08 -16.86 -4.72
CA LEU B 376 15.19 -16.11 -5.62
C LEU B 376 13.75 -16.58 -5.37
N PRO B 377 13.00 -15.85 -4.57
CA PRO B 377 11.67 -16.31 -4.21
C PRO B 377 10.77 -16.52 -5.43
N PRO B 378 9.94 -17.57 -5.44
CA PRO B 378 8.94 -17.77 -6.49
C PRO B 378 8.03 -16.58 -6.71
N GLU B 379 7.58 -15.93 -5.62
CA GLU B 379 6.74 -14.73 -5.71
C GLU B 379 7.29 -13.62 -6.57
N GLY B 380 8.60 -13.58 -6.75
CA GLY B 380 9.18 -12.56 -7.59
C GLY B 380 9.32 -13.00 -9.05
N CYS B 381 8.41 -13.87 -9.53
CA CYS B 381 8.46 -14.39 -10.88
C CYS B 381 9.77 -15.10 -11.13
N SER B 382 10.30 -15.70 -10.06
CA SER B 382 11.42 -16.64 -10.09
C SER B 382 12.80 -16.08 -10.34
N TYR B 383 12.91 -14.91 -10.99
CA TYR B 383 14.24 -14.31 -11.26
C TYR B 383 14.33 -12.82 -10.94
N ARG B 384 13.20 -12.17 -10.63
CA ARG B 384 13.22 -10.72 -10.57
C ARG B 384 13.69 -10.16 -9.25
N LEU B 385 13.67 -10.96 -8.18
CA LEU B 385 14.21 -10.53 -6.88
C LEU B 385 15.06 -11.61 -6.27
N ALA B 386 16.20 -11.23 -5.72
CA ALA B 386 17.10 -12.16 -5.05
C ALA B 386 17.41 -11.63 -3.66
N VAL B 387 17.49 -12.53 -2.68
CA VAL B 387 17.95 -12.18 -1.36
C VAL B 387 19.25 -12.91 -1.15
N VAL B 388 20.29 -12.19 -0.74
CA VAL B 388 21.66 -12.74 -0.52
C VAL B 388 22.12 -12.48 0.89
N THR B 389 22.62 -13.50 1.61
CA THR B 389 23.20 -13.29 2.93
C THR B 389 24.70 -13.51 2.92
N ILE B 390 25.44 -12.69 3.66
CA ILE B 390 26.91 -12.70 3.64
C ILE B 390 27.52 -12.62 5.02
N LYS B 391 28.78 -13.07 5.14
CA LYS B 391 29.61 -12.74 6.30
C LYS B 391 30.35 -11.51 5.92
N LYS B 392 29.85 -10.37 6.37
CA LYS B 392 30.42 -9.09 6.01
C LYS B 392 31.78 -8.95 6.66
N GLN B 393 32.75 -8.45 5.88
CA GLN B 393 34.16 -8.36 6.25
C GLN B 393 34.77 -6.95 6.18
N TYR B 394 34.04 -5.97 5.61
CA TYR B 394 34.54 -4.59 5.50
C TYR B 394 33.46 -3.61 5.07
N ALA B 395 33.59 -2.34 5.45
CA ALA B 395 32.66 -1.32 4.99
C ALA B 395 32.50 -1.37 3.49
N GLY B 396 31.26 -1.35 3.04
CA GLY B 396 30.95 -1.26 1.62
C GLY B 396 30.73 -2.60 0.96
N HIS B 397 30.92 -3.66 1.73
CA HIS B 397 30.94 -5.03 1.20
C HIS B 397 29.66 -5.37 0.48
N ALA B 398 28.53 -4.96 1.02
CA ALA B 398 27.28 -5.27 0.34
C ALA B 398 27.24 -4.83 -1.13
N LYS B 399 27.88 -3.70 -1.47
CA LYS B 399 27.83 -3.16 -2.82
C LYS B 399 28.59 -4.00 -3.81
N ARG B 400 29.70 -4.61 -3.37
CA ARG B 400 30.44 -5.52 -4.23
C ARG B 400 29.59 -6.73 -4.53
N VAL B 401 28.90 -7.25 -3.52
CA VAL B 401 28.04 -8.41 -3.71
C VAL B 401 26.88 -8.14 -4.68
N MET B 402 26.20 -6.99 -4.54
CA MET B 402 25.15 -6.63 -5.49
C MET B 402 25.68 -6.66 -6.92
N MET B 403 26.85 -6.11 -7.11
CA MET B 403 27.37 -5.98 -8.45
C MET B 403 27.77 -7.33 -9.03
N GLY B 404 28.15 -8.23 -8.14
CA GLY B 404 28.38 -9.60 -8.52
C GLY B 404 27.13 -10.33 -8.94
N VAL B 405 26.02 -10.16 -8.22
CA VAL B 405 24.76 -10.78 -8.62
C VAL B 405 24.38 -10.26 -10.02
N TRP B 406 24.51 -8.95 -10.21
CA TRP B 406 24.16 -8.36 -11.49
C TRP B 406 25.13 -8.66 -12.64
N SER B 407 26.33 -9.19 -12.39
CA SER B 407 27.31 -9.40 -13.47
C SER B 407 27.92 -10.78 -13.63
N PHE B 408 27.99 -11.58 -12.56
CA PHE B 408 28.77 -12.81 -12.61
C PHE B 408 28.15 -13.85 -13.54
N LEU B 409 26.94 -14.32 -13.21
CA LEU B 409 26.18 -15.24 -14.08
C LEU B 409 25.08 -14.53 -14.89
N ARG B 410 24.84 -15.00 -16.09
CA ARG B 410 23.82 -14.45 -16.95
C ARG B 410 22.42 -14.76 -16.45
N GLN B 411 22.19 -15.85 -15.70
CA GLN B 411 20.81 -16.13 -15.22
C GLN B 411 20.32 -14.99 -14.37
N PHE B 412 21.22 -14.26 -13.73
CA PHE B 412 20.81 -13.14 -12.87
C PHE B 412 21.09 -11.74 -13.43
N MET B 413 21.48 -11.64 -14.70
CA MET B 413 21.73 -10.33 -15.35
C MET B 413 20.49 -9.42 -15.32
N TYR B 414 19.29 -10.02 -15.30
CA TYR B 414 18.02 -9.30 -15.46
C TYR B 414 17.25 -9.11 -14.13
N THR B 415 17.92 -9.44 -13.03
CA THR B 415 17.34 -9.42 -11.68
C THR B 415 17.26 -7.99 -11.17
N LYS B 416 16.07 -7.43 -10.99
CA LYS B 416 16.00 -6.00 -10.74
C LYS B 416 15.97 -5.56 -9.31
N PHE B 417 15.65 -6.46 -8.39
CA PHE B 417 15.82 -6.14 -6.98
C PHE B 417 16.82 -7.11 -6.32
N VAL B 418 17.81 -6.57 -5.60
CA VAL B 418 18.71 -7.38 -4.79
C VAL B 418 18.77 -6.87 -3.38
N ILE B 419 18.44 -7.73 -2.42
CA ILE B 419 18.47 -7.36 -0.99
C ILE B 419 19.63 -8.08 -0.35
N VAL B 420 20.55 -7.36 0.29
CA VAL B 420 21.72 -8.00 0.92
C VAL B 420 21.65 -7.92 2.44
N CYS B 421 21.77 -9.05 3.10
CA CYS B 421 21.70 -9.11 4.56
C CYS B 421 22.90 -9.83 5.18
N ASP B 422 23.01 -9.76 6.51
CA ASP B 422 24.02 -10.51 7.22
C ASP B 422 23.60 -11.98 7.39
N ASP B 423 24.51 -12.79 7.90
CA ASP B 423 24.24 -14.21 8.09
C ASP B 423 23.34 -14.62 9.27
N ASP B 424 22.88 -13.65 10.07
CA ASP B 424 21.86 -13.95 11.09
C ASP B 424 20.46 -13.84 10.54
N VAL B 425 20.33 -13.70 9.22
CA VAL B 425 19.03 -13.61 8.58
C VAL B 425 18.83 -14.85 7.73
N ASN B 426 17.66 -15.46 7.85
CA ASN B 426 17.31 -16.55 6.98
C ASN B 426 16.71 -15.94 5.74
N ALA B 427 17.42 -16.08 4.62
CA ALA B 427 17.05 -15.45 3.36
C ALA B 427 15.72 -15.89 2.87
N ARG B 428 15.22 -16.98 3.44
CA ARG B 428 14.01 -17.60 2.93
C ARG B 428 12.76 -17.31 3.71
N ASP B 429 12.85 -16.38 4.66
CA ASP B 429 11.78 -16.05 5.58
C ASP B 429 11.57 -14.56 5.58
N TRP B 430 10.44 -14.10 5.06
CA TRP B 430 10.18 -12.68 4.95
C TRP B 430 10.14 -12.02 6.31
N ASN B 431 9.83 -12.78 7.35
CA ASN B 431 9.95 -12.23 8.69
C ASN B 431 11.36 -11.78 9.02
N ASP B 432 12.38 -12.50 8.59
CA ASP B 432 13.74 -12.06 8.84
C ASP B 432 14.14 -10.96 7.89
N VAL B 433 13.81 -11.11 6.62
CA VAL B 433 14.27 -10.17 5.63
C VAL B 433 13.64 -8.79 5.87
N ILE B 434 12.34 -8.74 6.10
CA ILE B 434 11.70 -7.47 6.38
C ILE B 434 12.25 -6.86 7.70
N TRP B 435 12.45 -7.69 8.73
CA TRP B 435 13.11 -7.23 9.93
C TRP B 435 14.42 -6.54 9.62
N ALA B 436 15.25 -7.13 8.75
CA ALA B 436 16.58 -6.57 8.46
C ALA B 436 16.47 -5.25 7.73
N ILE B 437 15.63 -5.23 6.70
CA ILE B 437 15.34 -4.02 5.97
C ILE B 437 14.88 -2.90 6.89
N THR B 438 13.97 -3.18 7.80
CA THR B 438 13.35 -2.13 8.62
C THR B 438 14.20 -1.76 9.83
N THR B 439 15.25 -2.51 10.15
CA THR B 439 16.09 -2.14 11.32
C THR B 439 17.52 -1.82 10.98
N ARG B 440 17.96 -2.12 9.77
CA ARG B 440 19.35 -1.88 9.42
C ARG B 440 19.53 -0.92 8.27
N MET B 441 18.45 -0.46 7.63
CA MET B 441 18.58 0.53 6.54
C MET B 441 18.09 1.92 6.95
N ASP B 442 18.81 2.94 6.45
CA ASP B 442 18.21 4.26 6.13
C ASP B 442 18.01 4.30 4.64
N PRO B 443 16.76 4.35 4.19
CA PRO B 443 16.41 4.11 2.79
C PRO B 443 17.25 4.86 1.83
N ALA B 444 17.42 6.16 2.01
CA ALA B 444 18.16 6.94 1.02
C ALA B 444 19.67 6.69 1.06
N ARG B 445 20.25 6.46 2.22
CA ARG B 445 21.66 6.15 2.30
C ARG B 445 22.03 4.79 1.73
N ASP B 446 21.13 3.81 1.86
CA ASP B 446 21.49 2.40 1.73
C ASP B 446 20.85 1.72 0.51
N THR B 447 20.25 2.52 -0.36
CA THR B 447 19.64 2.02 -1.57
C THR B 447 20.46 2.43 -2.77
N VAL B 448 20.76 1.48 -3.65
CA VAL B 448 21.54 1.73 -4.84
C VAL B 448 20.61 1.62 -6.03
N LEU B 449 20.55 2.67 -6.83
CA LEU B 449 19.80 2.64 -8.07
C LEU B 449 20.74 2.78 -9.24
N VAL B 450 20.54 1.98 -10.28
CA VAL B 450 21.33 2.10 -11.47
C VAL B 450 20.40 2.09 -12.66
N GLU B 451 20.62 2.97 -13.62
CA GLU B 451 19.73 3.12 -14.74
C GLU B 451 20.28 2.60 -16.03
N ASN B 452 19.39 2.35 -16.98
CA ASN B 452 19.74 1.98 -18.32
C ASN B 452 20.55 0.72 -18.31
N THR B 453 19.95 -0.28 -17.68
CA THR B 453 20.55 -1.62 -17.59
C THR B 453 19.66 -2.60 -18.35
N PRO B 454 20.21 -3.77 -18.68
CA PRO B 454 19.47 -4.73 -19.48
C PRO B 454 18.32 -5.28 -18.70
N ILE B 455 17.18 -5.37 -19.36
CA ILE B 455 15.96 -5.82 -18.76
C ILE B 455 15.25 -6.66 -19.81
N ASP B 456 14.54 -7.66 -19.32
CA ASP B 456 13.77 -8.58 -20.16
C ASP B 456 12.79 -7.77 -21.01
N TYR B 457 12.78 -8.01 -22.32
CA TYR B 457 11.99 -7.25 -23.28
C TYR B 457 10.47 -7.40 -23.07
N LEU B 458 10.04 -8.49 -22.42
CA LEU B 458 8.63 -8.69 -22.06
C LEU B 458 8.26 -8.06 -20.71
N ASP B 459 9.18 -7.40 -20.02
CA ASP B 459 8.81 -6.77 -18.77
C ASP B 459 8.25 -5.39 -19.07
N PHE B 460 6.93 -5.30 -19.09
CA PHE B 460 6.20 -4.12 -19.47
C PHE B 460 6.33 -2.99 -18.48
N ALA B 461 6.97 -3.24 -17.35
CA ALA B 461 7.00 -2.24 -16.29
C ALA B 461 8.18 -1.31 -16.44
N SER B 462 9.10 -1.68 -17.33
CA SER B 462 10.27 -0.86 -17.62
C SER B 462 9.86 0.22 -18.62
N PRO B 463 10.59 1.35 -18.65
CA PRO B 463 10.19 2.52 -19.48
C PRO B 463 10.29 2.26 -20.94
N VAL B 464 11.19 1.38 -21.33
CA VAL B 464 11.44 1.08 -22.73
C VAL B 464 11.71 -0.42 -22.88
N SER B 465 11.26 -1.05 -23.96
CA SER B 465 11.52 -2.47 -24.10
C SER B 465 13.03 -2.78 -24.03
N GLY B 466 13.42 -3.68 -23.16
CA GLY B 466 14.81 -4.09 -23.06
C GLY B 466 15.74 -3.28 -22.20
N LEU B 467 15.20 -2.25 -21.57
CA LEU B 467 16.03 -1.32 -20.84
C LEU B 467 15.32 -0.79 -19.59
N GLY B 468 16.00 -0.78 -18.45
CA GLY B 468 15.38 -0.36 -17.20
C GLY B 468 16.37 -0.22 -16.03
N SER B 469 15.86 0.10 -14.85
CA SER B 469 16.71 0.28 -13.70
C SER B 469 16.64 -0.93 -12.82
N LYS B 470 17.56 -0.93 -11.85
CA LYS B 470 17.70 -1.95 -10.85
C LYS B 470 17.91 -1.27 -9.54
N MET B 471 17.53 -1.95 -8.48
CA MET B 471 17.61 -1.43 -7.14
C MET B 471 18.31 -2.48 -6.26
N GLY B 472 19.33 -2.06 -5.51
CA GLY B 472 19.96 -2.93 -4.52
C GLY B 472 19.71 -2.36 -3.15
N LEU B 473 19.25 -3.17 -2.21
CA LEU B 473 19.04 -2.70 -0.83
C LEU B 473 20.14 -3.26 0.05
N ASP B 474 20.97 -2.39 0.58
CA ASP B 474 21.99 -2.80 1.54
C ASP B 474 21.43 -2.85 2.95
N ALA B 475 21.07 -4.03 3.42
CA ALA B 475 20.46 -4.19 4.72
C ALA B 475 21.40 -4.82 5.68
N THR B 476 22.70 -4.65 5.47
CA THR B 476 23.69 -5.18 6.39
C THR B 476 23.85 -4.26 7.57
N ASN B 477 24.39 -4.75 8.67
CA ASN B 477 24.72 -3.88 9.76
C ASN B 477 25.76 -2.92 9.30
N LYS B 478 25.61 -1.67 9.66
CA LYS B 478 26.54 -0.63 9.27
C LYS B 478 27.72 -0.52 10.22
N TRP B 479 28.90 -0.47 9.62
CA TRP B 479 30.14 -0.46 10.38
C TRP B 479 30.60 0.98 10.44
N PRO B 480 31.53 1.29 11.36
CA PRO B 480 32.13 2.64 11.41
C PRO B 480 32.64 3.09 10.04
N GLY B 481 32.28 4.31 9.68
CA GLY B 481 32.48 4.79 8.35
C GLY B 481 31.15 4.88 7.63
N GLU B 482 30.35 3.81 7.71
CA GLU B 482 29.03 3.78 7.12
C GLU B 482 28.01 4.55 7.98
N THR B 483 28.30 4.71 9.27
CA THR B 483 27.40 5.34 10.24
C THR B 483 28.25 5.88 11.39
N GLN B 484 27.83 6.97 12.01
CA GLN B 484 28.54 7.50 13.18
C GLN B 484 27.78 7.17 14.44
N ARG B 485 26.67 6.43 14.35
CA ARG B 485 25.91 6.04 15.53
C ARG B 485 26.43 4.75 16.15
N GLU B 486 25.96 4.51 17.37
CA GLU B 486 26.20 3.25 18.04
C GLU B 486 25.18 2.24 17.52
N TRP B 487 25.66 1.21 16.83
CA TRP B 487 24.78 0.25 16.21
C TRP B 487 24.23 -0.69 17.29
N GLY B 488 23.11 -1.34 17.03
CA GLY B 488 22.49 -2.17 18.07
C GLY B 488 23.05 -3.54 18.13
N ARG B 489 23.13 -4.13 19.33
CA ARG B 489 23.54 -5.55 19.46
C ARG B 489 22.35 -6.48 19.23
N PRO B 490 22.35 -7.28 18.15
CA PRO B 490 21.19 -8.12 17.92
C PRO B 490 21.06 -9.29 18.87
N ILE B 491 19.83 -9.73 19.10
CA ILE B 491 19.53 -10.86 19.94
C ILE B 491 19.89 -12.14 19.20
N LYS B 492 20.86 -12.89 19.74
CA LYS B 492 21.21 -14.24 19.28
C LYS B 492 20.64 -15.28 20.25
N LYS B 493 20.07 -16.36 19.70
CA LYS B 493 19.63 -17.54 20.48
C LYS B 493 20.78 -18.38 20.99
N ASP B 494 20.57 -19.03 22.15
CA ASP B 494 21.51 -20.02 22.67
C ASP B 494 21.45 -21.32 21.83
N PRO B 495 22.55 -21.68 21.14
CA PRO B 495 22.47 -22.89 20.27
C PRO B 495 22.17 -24.20 21.04
N ASP B 496 22.57 -24.25 22.30
CA ASP B 496 22.26 -25.40 23.17
C ASP B 496 20.77 -25.50 23.51
N VAL B 497 20.12 -24.36 23.69
CA VAL B 497 18.68 -24.35 23.88
C VAL B 497 17.95 -24.79 22.60
N VAL B 498 18.38 -24.30 21.46
CA VAL B 498 17.74 -24.67 20.21
C VAL B 498 17.85 -26.19 19.97
N ALA B 499 19.04 -26.72 20.20
CA ALA B 499 19.31 -28.15 19.97
C ALA B 499 18.47 -29.03 20.87
N HIS B 500 18.35 -28.64 22.14
CA HIS B 500 17.52 -29.36 23.08
C HIS B 500 16.05 -29.37 22.63
N ILE B 501 15.57 -28.24 22.17
CA ILE B 501 14.19 -28.18 21.70
C ILE B 501 14.00 -28.98 20.42
N ASP B 502 14.94 -28.97 19.48
CA ASP B 502 14.87 -29.91 18.32
C ASP B 502 14.67 -31.37 18.80
N ALA B 503 15.43 -31.78 19.81
CA ALA B 503 15.39 -33.13 20.31
C ALA B 503 14.03 -33.52 20.87
N ILE B 504 13.39 -32.63 21.65
CA ILE B 504 12.13 -32.98 22.31
C ILE B 504 10.90 -32.52 21.55
N TRP B 505 11.11 -31.94 20.36
CA TRP B 505 10.03 -31.31 19.60
C TRP B 505 8.90 -32.26 19.23
N ASP B 506 9.24 -33.43 18.70
CA ASP B 506 8.22 -34.42 18.34
C ASP B 506 7.46 -34.89 19.57
N GLU B 507 8.18 -35.13 20.66
CA GLU B 507 7.59 -35.59 21.91
C GLU B 507 6.64 -34.54 22.50
N LEU B 508 6.96 -33.26 22.27
CA LEU B 508 6.09 -32.16 22.70
C LEU B 508 4.76 -32.19 21.98
N ALA B 509 4.78 -32.58 20.71
CA ALA B 509 3.54 -32.84 19.94
C ALA B 509 2.57 -31.66 19.97
N ILE B 510 3.06 -30.50 19.54
CA ILE B 510 2.23 -29.30 19.56
C ILE B 510 1.27 -29.23 18.37
N PHE B 511 1.62 -29.86 17.25
CA PHE B 511 0.78 -29.79 16.02
C PHE B 511 0.05 -31.09 15.61
N ASN C 27 -31.94 39.40 1.90
CA ASN C 27 -32.85 38.39 1.26
C ASN C 27 -32.36 38.00 -0.13
N ASP C 28 -32.75 38.69 -1.24
CA ASP C 28 -32.28 38.38 -2.64
C ASP C 28 -31.05 39.19 -3.13
N LEU C 29 -30.72 39.12 -4.43
CA LEU C 29 -29.54 39.83 -4.95
C LEU C 29 -29.72 41.34 -4.95
N ARG C 30 -30.92 41.79 -5.27
CA ARG C 30 -31.21 43.22 -5.34
C ARG C 30 -31.04 43.92 -3.99
N ASP C 31 -31.40 43.22 -2.91
CA ASP C 31 -31.19 43.77 -1.57
C ASP C 31 -29.71 43.94 -1.35
N PHE C 32 -28.94 42.95 -1.76
CA PHE C 32 -27.47 43.01 -1.63
C PHE C 32 -26.87 44.19 -2.41
N LEU C 33 -27.42 44.48 -3.59
CA LEU C 33 -26.91 45.59 -4.41
C LEU C 33 -27.22 46.95 -3.80
N THR C 34 -28.42 47.08 -3.21
CA THR C 34 -28.78 48.31 -2.51
C THR C 34 -27.88 48.47 -1.27
N LEU C 35 -27.58 47.39 -0.56
CA LEU C 35 -26.66 47.47 0.59
C LEU C 35 -25.30 47.98 0.16
N LEU C 36 -24.78 47.41 -0.93
CA LEU C 36 -23.49 47.83 -1.49
C LEU C 36 -23.52 49.26 -1.97
N GLU C 37 -24.61 49.66 -2.61
CA GLU C 37 -24.67 51.03 -3.08
C GLU C 37 -24.64 52.02 -1.91
N GLN C 38 -25.39 51.74 -0.85
CA GLN C 38 -25.37 52.58 0.35
C GLN C 38 -23.97 52.75 0.94
N GLN C 39 -23.11 51.76 0.74
CA GLN C 39 -21.77 51.80 1.33
C GLN C 39 -20.67 52.21 0.37
N GLY C 40 -21.03 52.67 -0.82
CA GLY C 40 -20.06 53.11 -1.83
C GLY C 40 -19.31 51.97 -2.47
N GLU C 41 -19.92 50.79 -2.47
CA GLU C 41 -19.34 49.57 -3.03
C GLU C 41 -20.03 49.12 -4.31
N LEU C 42 -21.02 49.88 -4.79
CA LEU C 42 -21.60 49.65 -6.13
C LEU C 42 -21.58 50.96 -6.89
N LYS C 43 -21.05 50.92 -8.10
CA LYS C 43 -21.04 52.05 -9.02
C LYS C 43 -21.86 51.72 -10.27
N ARG C 44 -22.82 52.57 -10.61
CA ARG C 44 -23.57 52.44 -11.87
C ARG C 44 -22.90 53.20 -13.02
N ILE C 45 -22.64 52.51 -14.13
CA ILE C 45 -22.10 53.15 -15.32
C ILE C 45 -23.26 53.44 -16.29
N THR C 46 -23.46 54.71 -16.65
CA THR C 46 -24.48 55.04 -17.67
C THR C 46 -23.94 55.24 -19.07
N LEU C 47 -22.63 55.36 -19.20
CA LEU C 47 -22.02 55.41 -20.52
C LEU C 47 -22.26 54.12 -21.33
N PRO C 48 -22.36 54.22 -22.65
CA PRO C 48 -22.46 53.01 -23.46
C PRO C 48 -21.17 52.22 -23.34
N VAL C 49 -21.29 50.92 -23.07
CA VAL C 49 -20.13 50.05 -22.96
C VAL C 49 -20.41 48.69 -23.60
N ASP C 50 -19.48 48.22 -24.42
CA ASP C 50 -19.66 46.98 -25.19
C ASP C 50 -19.38 45.73 -24.35
N PRO C 51 -20.32 44.78 -24.33
CA PRO C 51 -20.04 43.50 -23.72
C PRO C 51 -18.91 42.77 -24.42
N HIS C 52 -18.67 43.10 -25.69
CA HIS C 52 -17.49 42.59 -26.44
C HIS C 52 -16.24 43.35 -26.03
N LEU C 53 -15.46 42.72 -25.16
CA LEU C 53 -14.14 43.21 -24.73
C LEU C 53 -14.06 44.37 -23.72
N GLU C 54 -14.94 45.36 -23.82
CA GLU C 54 -14.77 46.62 -23.07
C GLU C 54 -15.12 46.51 -21.62
N ILE C 55 -16.15 45.75 -21.29
CA ILE C 55 -16.51 45.56 -19.87
C ILE C 55 -15.35 44.89 -19.10
N THR C 56 -14.80 43.83 -19.66
CA THR C 56 -13.63 43.14 -19.08
C THR C 56 -12.50 44.14 -18.77
N GLU C 57 -12.14 44.98 -19.73
CA GLU C 57 -11.09 45.95 -19.52
C GLU C 57 -11.36 46.90 -18.36
N ILE C 58 -12.59 47.43 -18.31
CA ILE C 58 -12.99 48.33 -17.22
C ILE C 58 -12.95 47.59 -15.88
N ALA C 59 -13.53 46.38 -15.83
CA ALA C 59 -13.59 45.61 -14.58
C ALA C 59 -12.18 45.23 -14.09
N ASP C 60 -11.31 44.88 -15.02
CA ASP C 60 -9.95 44.55 -14.68
C ASP C 60 -9.22 45.73 -14.01
N ARG C 61 -9.36 46.95 -14.55
CA ARG C 61 -8.70 48.08 -13.91
C ARG C 61 -9.30 48.31 -12.52
N THR C 62 -10.62 48.21 -12.44
CA THR C 62 -11.34 48.48 -11.22
C THR C 62 -10.88 47.50 -10.14
N LEU C 63 -10.86 46.21 -10.48
CA LEU C 63 -10.48 45.18 -9.52
C LEU C 63 -9.05 45.35 -9.03
N ARG C 64 -8.14 45.60 -9.95
CA ARG C 64 -6.72 45.78 -9.63
C ARG C 64 -6.46 46.94 -8.73
N ALA C 65 -7.35 47.94 -8.71
CA ALA C 65 -7.28 49.07 -7.76
C ALA C 65 -8.22 48.90 -6.54
N GLY C 66 -8.76 47.70 -6.40
CA GLY C 66 -9.63 47.41 -5.29
C GLY C 66 -10.89 48.24 -5.21
N GLY C 67 -11.45 48.61 -6.36
CA GLY C 67 -12.66 49.43 -6.41
C GLY C 67 -13.98 48.67 -6.28
N PRO C 68 -15.11 49.33 -6.54
CA PRO C 68 -16.42 48.78 -6.29
C PRO C 68 -16.88 47.74 -7.28
N ALA C 69 -18.06 47.19 -7.01
CA ALA C 69 -18.76 46.35 -7.96
C ALA C 69 -19.37 47.29 -9.00
N LEU C 70 -19.62 46.76 -10.19
CA LEU C 70 -20.03 47.59 -11.31
C LEU C 70 -21.34 47.12 -11.92
N LEU C 71 -22.27 48.05 -12.12
CA LEU C 71 -23.53 47.81 -12.84
C LEU C 71 -23.60 48.67 -14.11
N PHE C 72 -23.37 48.06 -15.26
CA PHE C 72 -23.40 48.77 -16.54
C PHE C 72 -24.84 48.89 -17.01
N GLU C 73 -25.43 50.07 -16.83
CA GLU C 73 -26.85 50.24 -17.08
C GLU C 73 -27.15 50.37 -18.57
N ASN C 74 -26.13 50.58 -19.40
CA ASN C 74 -26.34 50.86 -20.85
C ASN C 74 -25.35 50.07 -21.71
N PRO C 75 -25.45 48.73 -21.70
CA PRO C 75 -24.57 47.93 -22.55
C PRO C 75 -24.88 48.08 -24.05
N LYS C 76 -23.87 48.43 -24.84
CA LYS C 76 -24.08 48.71 -26.25
C LYS C 76 -24.78 47.55 -27.00
N GLY C 77 -26.01 47.80 -27.44
CA GLY C 77 -26.79 46.82 -28.22
C GLY C 77 -27.73 45.89 -27.45
N TYR C 78 -27.93 46.14 -26.15
CA TYR C 78 -28.82 45.35 -25.30
C TYR C 78 -29.57 46.25 -24.32
N SER C 79 -30.66 45.77 -23.76
CA SER C 79 -31.45 46.56 -22.80
C SER C 79 -31.29 46.08 -21.35
N MET C 80 -30.71 44.89 -21.18
CA MET C 80 -30.55 44.23 -19.90
C MET C 80 -29.22 44.69 -19.29
N PRO C 81 -29.21 45.21 -18.04
CA PRO C 81 -27.95 45.69 -17.43
C PRO C 81 -27.01 44.57 -17.11
N VAL C 82 -25.70 44.83 -17.12
CA VAL C 82 -24.71 43.81 -16.81
C VAL C 82 -24.05 44.15 -15.48
N LEU C 83 -24.13 43.22 -14.54
CA LEU C 83 -23.45 43.35 -13.24
C LEU C 83 -22.18 42.53 -13.25
N CYS C 84 -21.06 43.15 -12.92
CA CYS C 84 -19.85 42.40 -12.75
C CYS C 84 -18.94 42.97 -11.66
N ASN C 85 -17.84 42.26 -11.38
CA ASN C 85 -16.95 42.53 -10.26
C ASN C 85 -17.68 42.53 -8.93
N LEU C 86 -18.76 41.76 -8.83
CA LEU C 86 -19.48 41.65 -7.57
C LEU C 86 -18.56 41.31 -6.38
N PHE C 87 -17.73 40.27 -6.53
CA PHE C 87 -16.88 39.80 -5.46
C PHE C 87 -15.42 40.12 -5.69
N GLY C 88 -15.16 41.31 -6.21
CA GLY C 88 -13.78 41.71 -6.52
C GLY C 88 -12.90 42.16 -5.38
N THR C 89 -13.46 42.16 -4.19
CA THR C 89 -12.81 42.64 -3.01
C THR C 89 -13.14 41.60 -1.94
N PRO C 90 -12.22 41.34 -0.99
CA PRO C 90 -12.56 40.26 -0.03
C PRO C 90 -13.65 40.68 0.94
N LYS C 91 -13.68 41.97 1.26
CA LYS C 91 -14.77 42.58 2.05
C LYS C 91 -16.14 42.20 1.51
N ARG C 92 -16.29 42.28 0.20
CA ARG C 92 -17.58 42.07 -0.43
C ARG C 92 -17.93 40.59 -0.42
N VAL C 93 -16.94 39.74 -0.36
CA VAL C 93 -17.23 38.32 -0.16
C VAL C 93 -17.79 38.09 1.25
N ALA C 94 -17.14 38.71 2.25
CA ALA C 94 -17.63 38.67 3.61
C ALA C 94 -19.04 39.24 3.71
N MET C 95 -19.26 40.44 3.17
CA MET C 95 -20.60 41.03 3.18
C MET C 95 -21.63 40.08 2.59
N GLY C 96 -21.27 39.40 1.51
CA GLY C 96 -22.20 38.49 0.86
C GLY C 96 -22.55 37.28 1.68
N MET C 97 -21.77 37.02 2.74
CA MET C 97 -22.10 35.99 3.75
C MET C 97 -22.69 36.57 5.03
N GLY C 98 -23.18 37.80 4.95
CA GLY C 98 -23.82 38.47 6.08
C GLY C 98 -22.88 39.10 7.11
N GLN C 99 -21.56 38.85 6.99
CA GLN C 99 -20.62 39.29 8.03
C GLN C 99 -19.97 40.64 7.72
N GLU C 100 -19.34 41.23 8.73
CA GLU C 100 -18.78 42.58 8.62
C GLU C 100 -17.42 42.53 7.92
N ASP C 101 -16.73 41.40 8.08
CA ASP C 101 -15.28 41.39 8.03
C ASP C 101 -14.76 40.08 7.47
N VAL C 102 -13.57 40.10 6.90
CA VAL C 102 -12.96 38.93 6.27
C VAL C 102 -12.48 37.92 7.34
N SER C 103 -12.20 38.41 8.54
CA SER C 103 -11.84 37.55 9.67
C SER C 103 -12.99 36.63 10.12
N ALA C 104 -14.23 37.04 9.88
CA ALA C 104 -15.39 36.23 10.26
C ALA C 104 -15.46 34.91 9.47
N LEU C 105 -14.74 34.85 8.34
CA LEU C 105 -14.73 33.66 7.49
C LEU C 105 -14.13 32.41 8.15
N ARG C 106 -13.26 32.59 9.13
CA ARG C 106 -12.73 31.46 9.88
C ARG C 106 -13.83 30.75 10.66
N GLU C 107 -14.78 31.51 11.20
CA GLU C 107 -15.92 30.90 11.92
C GLU C 107 -16.75 30.03 11.00
N VAL C 108 -16.84 30.44 9.74
CA VAL C 108 -17.58 29.67 8.78
C VAL C 108 -16.82 28.38 8.50
N GLY C 109 -15.50 28.49 8.57
CA GLY C 109 -14.61 27.35 8.46
C GLY C 109 -14.78 26.31 9.57
N LYS C 110 -14.98 26.75 10.80
CA LYS C 110 -15.23 25.80 11.89
C LYS C 110 -16.56 25.11 11.70
N LEU C 111 -17.55 25.82 11.16
CA LEU C 111 -18.83 25.19 10.86
C LEU C 111 -18.61 24.08 9.83
N LEU C 112 -17.94 24.43 8.73
CA LEU C 112 -17.64 23.47 7.68
C LEU C 112 -16.85 22.24 8.16
N ALA C 113 -16.02 22.40 9.20
CA ALA C 113 -15.34 21.26 9.87
C ALA C 113 -16.33 20.23 10.36
N PHE C 114 -17.33 20.67 11.12
CA PHE C 114 -18.33 19.79 11.74
C PHE C 114 -19.00 18.94 10.64
N LEU C 115 -18.37 17.78 10.39
CA LEU C 115 -18.77 16.81 9.35
C LEU C 115 -18.31 15.34 9.67
N LYS C 116 -18.31 14.97 10.96
CA LYS C 116 -17.88 13.62 11.41
C LYS C 116 -18.98 12.55 11.12
N GLU C 117 -19.08 11.47 11.92
CA GLU C 117 -20.19 10.51 11.82
C GLU C 117 -20.55 9.85 13.20
N PRO C 118 -21.04 8.59 13.24
CA PRO C 118 -21.56 7.94 14.47
C PRO C 118 -20.62 6.82 15.00
N MET C 140 -30.65 20.68 6.42
CA MET C 140 -31.48 21.86 6.23
C MET C 140 -31.97 21.97 4.79
N PRO C 141 -33.23 21.57 4.53
CA PRO C 141 -33.72 21.51 3.15
C PRO C 141 -34.04 22.89 2.56
N THR C 142 -34.56 22.88 1.33
CA THR C 142 -34.99 24.10 0.69
C THR C 142 -36.47 24.33 0.97
N LYS C 143 -36.87 25.60 0.95
CA LYS C 143 -38.26 25.98 1.06
C LYS C 143 -38.77 26.24 -0.34
N ARG C 144 -39.67 25.39 -0.81
CA ARG C 144 -40.17 25.52 -2.18
C ARG C 144 -41.39 26.44 -2.30
N LEU C 145 -41.24 27.57 -3.02
CA LEU C 145 -42.36 28.50 -3.30
C LEU C 145 -43.15 28.04 -4.54
N GLN C 151 -39.84 36.37 -7.78
CA GLN C 151 -39.94 35.23 -8.67
C GLN C 151 -39.31 35.59 -10.03
N GLN C 152 -39.65 34.82 -11.07
CA GLN C 152 -39.35 35.15 -12.42
C GLN C 152 -40.67 34.96 -13.19
N LYS C 153 -41.01 35.96 -13.98
CA LYS C 153 -42.29 36.06 -14.64
C LYS C 153 -42.13 35.59 -16.10
N ILE C 154 -41.55 36.41 -17.00
CA ILE C 154 -41.60 36.13 -18.46
C ILE C 154 -40.81 34.83 -18.77
N VAL C 155 -41.23 34.18 -19.85
CA VAL C 155 -40.85 32.81 -20.17
C VAL C 155 -40.77 32.68 -21.70
N SER C 156 -39.80 31.94 -22.25
CA SER C 156 -39.75 31.68 -23.71
C SER C 156 -39.70 30.17 -24.07
N GLY C 157 -39.92 29.83 -25.35
CA GLY C 157 -40.34 28.44 -25.79
C GLY C 157 -39.51 27.90 -26.98
N ASP C 158 -39.81 28.44 -28.16
CA ASP C 158 -38.94 28.45 -29.39
C ASP C 158 -38.55 29.88 -29.87
N ASP C 159 -39.07 30.90 -29.18
CA ASP C 159 -38.59 32.25 -29.32
C ASP C 159 -37.34 32.34 -28.48
N VAL C 160 -36.73 31.21 -28.08
CA VAL C 160 -35.47 31.22 -27.34
C VAL C 160 -34.39 31.79 -28.22
N ASP C 161 -33.87 32.94 -27.79
CA ASP C 161 -32.72 33.55 -28.41
C ASP C 161 -31.76 34.07 -27.35
N LEU C 162 -30.69 33.32 -27.12
CA LEU C 162 -29.62 33.75 -26.22
C LEU C 162 -28.87 35.00 -26.73
N ASN C 163 -28.99 35.33 -28.01
CA ASN C 163 -28.39 36.56 -28.51
C ASN C 163 -28.98 37.83 -27.92
N ARG C 164 -30.16 37.74 -27.31
CA ARG C 164 -30.79 38.90 -26.66
C ARG C 164 -30.14 39.24 -25.31
N ILE C 165 -29.43 38.26 -24.74
CA ILE C 165 -28.68 38.46 -23.49
C ILE C 165 -27.29 39.05 -23.78
N PRO C 166 -26.85 40.05 -22.98
CA PRO C 166 -25.53 40.68 -23.13
C PRO C 166 -24.36 39.82 -22.62
N ILE C 167 -24.26 38.61 -23.16
CA ILE C 167 -23.19 37.71 -22.82
C ILE C 167 -21.86 38.33 -23.23
N MET C 168 -20.86 38.29 -22.33
CA MET C 168 -19.60 38.97 -22.56
C MET C 168 -18.61 38.15 -23.38
N THR C 169 -17.80 38.82 -24.17
CA THR C 169 -16.59 38.23 -24.74
C THR C 169 -15.45 38.87 -23.96
N CYS C 170 -14.62 38.04 -23.35
CA CYS C 170 -13.63 38.52 -22.36
C CYS C 170 -12.32 38.99 -22.96
N TRP C 171 -11.71 38.16 -23.80
CA TRP C 171 -10.39 38.45 -24.31
C TRP C 171 -10.37 38.37 -25.85
N PRO C 172 -9.49 39.12 -26.50
CA PRO C 172 -9.52 39.27 -27.96
C PRO C 172 -9.46 38.00 -28.77
N GLU C 173 -8.79 36.96 -28.33
CA GLU C 173 -8.79 35.70 -29.11
C GLU C 173 -9.69 34.60 -28.54
N ASP C 174 -10.64 34.95 -27.68
CA ASP C 174 -11.63 34.00 -27.22
C ASP C 174 -12.51 33.57 -28.39
N ALA C 175 -12.95 32.31 -28.41
CA ALA C 175 -13.74 31.80 -29.54
C ALA C 175 -15.08 32.49 -29.75
N ALA C 176 -15.74 32.89 -28.67
CA ALA C 176 -17.13 33.33 -28.74
C ALA C 176 -17.55 33.92 -27.41
N PRO C 177 -18.74 34.52 -27.37
CA PRO C 177 -19.27 34.96 -26.08
C PRO C 177 -19.42 33.78 -25.12
N LEU C 178 -19.26 34.08 -23.83
CA LEU C 178 -19.10 33.04 -22.81
C LEU C 178 -19.92 33.37 -21.56
N ILE C 179 -20.75 32.44 -21.10
CA ILE C 179 -21.50 32.66 -19.86
C ILE C 179 -20.62 32.21 -18.69
N THR C 180 -20.39 33.08 -17.72
CA THR C 180 -19.38 32.85 -16.67
C THR C 180 -19.84 32.81 -15.21
N TRP C 181 -21.08 33.21 -14.94
CA TRP C 181 -21.60 33.15 -13.57
C TRP C 181 -22.89 32.32 -13.46
N GLY C 182 -23.01 31.31 -14.31
CA GLY C 182 -24.13 30.40 -14.21
C GLY C 182 -23.97 29.38 -13.09
N LEU C 183 -24.98 29.26 -12.21
CA LEU C 183 -25.08 28.14 -11.28
C LEU C 183 -25.78 27.00 -11.99
N THR C 184 -25.01 25.99 -12.37
CA THR C 184 -25.57 24.82 -13.05
C THR C 184 -26.10 23.82 -12.00
N VAL C 185 -27.37 23.47 -12.14
CA VAL C 185 -28.06 22.58 -11.21
C VAL C 185 -28.26 21.23 -11.88
N THR C 186 -27.87 20.17 -11.19
CA THR C 186 -28.09 18.81 -11.68
C THR C 186 -28.49 17.83 -10.57
N ARG C 187 -29.17 16.77 -10.98
CA ARG C 187 -29.35 15.59 -10.16
C ARG C 187 -28.68 14.43 -10.89
N GLY C 188 -28.06 13.53 -10.14
CA GLY C 188 -27.67 12.22 -10.68
C GLY C 188 -28.83 11.25 -10.56
N PRO C 189 -28.70 10.05 -11.15
CA PRO C 189 -29.78 9.06 -11.06
C PRO C 189 -29.86 8.26 -9.73
N HIS C 190 -28.82 8.36 -8.90
CA HIS C 190 -28.66 7.51 -7.70
C HIS C 190 -29.01 8.17 -6.37
N LYS C 191 -29.00 9.51 -6.30
CA LYS C 191 -29.50 10.21 -5.09
C LYS C 191 -30.27 11.50 -5.40
N GLU C 192 -30.98 12.00 -4.38
CA GLU C 192 -31.86 13.18 -4.48
C GLU C 192 -31.06 14.49 -4.58
N ARG C 193 -29.89 14.52 -3.94
CA ARG C 193 -29.03 15.69 -3.83
C ARG C 193 -28.91 16.46 -5.13
N GLN C 194 -29.10 17.78 -5.03
CA GLN C 194 -28.87 18.72 -6.16
C GLN C 194 -27.52 19.40 -6.05
N ASN C 195 -26.60 19.12 -6.98
CA ASN C 195 -25.30 19.82 -7.00
C ASN C 195 -25.45 21.13 -7.74
N LEU C 196 -24.81 22.17 -7.20
CA LEU C 196 -24.65 23.44 -7.88
C LEU C 196 -23.17 23.62 -8.20
N GLY C 197 -22.86 23.92 -9.45
CA GLY C 197 -21.48 24.26 -9.86
C GLY C 197 -21.42 25.41 -10.84
N ILE C 198 -20.24 26.02 -10.95
CA ILE C 198 -20.00 27.08 -11.91
C ILE C 198 -19.13 26.54 -13.01
N TYR C 199 -19.72 26.35 -14.19
CA TYR C 199 -19.00 25.88 -15.35
C TYR C 199 -19.20 26.87 -16.50
N ARG C 200 -18.13 27.23 -17.19
CA ARG C 200 -18.24 28.21 -18.25
C ARG C 200 -18.93 27.61 -19.48
N GLN C 201 -19.67 28.45 -20.21
CA GLN C 201 -20.55 28.00 -21.25
C GLN C 201 -20.47 28.86 -22.50
N GLN C 202 -19.89 28.30 -23.55
CA GLN C 202 -19.70 29.01 -24.83
C GLN C 202 -20.99 29.09 -25.61
N LEU C 203 -21.28 30.25 -26.17
CA LEU C 203 -22.41 30.42 -27.07
C LEU C 203 -22.10 29.79 -28.44
N ILE C 204 -22.91 28.82 -28.87
CA ILE C 204 -22.72 28.23 -30.20
C ILE C 204 -23.94 28.30 -31.11
N GLY C 205 -25.04 28.86 -30.62
CA GLY C 205 -26.29 28.98 -31.39
C GLY C 205 -27.34 29.77 -30.64
N LYS C 206 -28.45 30.08 -31.31
CA LYS C 206 -29.60 30.73 -30.65
C LYS C 206 -30.02 30.03 -29.35
N ASN C 207 -29.93 28.71 -29.33
CA ASN C 207 -30.36 27.91 -28.20
C ASN C 207 -29.38 26.78 -27.80
N LYS C 208 -28.09 27.02 -28.02
CA LYS C 208 -27.08 26.01 -27.72
C LYS C 208 -25.89 26.62 -26.98
N LEU C 209 -25.53 25.99 -25.87
CA LEU C 209 -24.35 26.33 -25.13
C LEU C 209 -23.47 25.09 -25.04
N ILE C 210 -22.18 25.28 -24.83
CA ILE C 210 -21.32 24.16 -24.52
C ILE C 210 -21.22 24.13 -23.02
N MET C 211 -21.18 22.93 -22.44
CA MET C 211 -21.17 22.77 -20.98
C MET C 211 -19.80 22.28 -20.57
N ARG C 212 -18.96 23.21 -20.14
CA ARG C 212 -17.57 22.90 -19.90
C ARG C 212 -17.34 22.62 -18.43
N TRP C 213 -17.77 21.43 -18.01
CA TRP C 213 -17.44 20.86 -16.70
C TRP C 213 -16.26 19.88 -16.82
N LEU C 214 -15.27 20.05 -15.96
CA LEU C 214 -14.16 19.13 -15.91
C LEU C 214 -14.67 17.85 -15.22
N SER C 215 -14.03 16.72 -15.46
CA SER C 215 -14.64 15.42 -15.17
C SER C 215 -14.86 15.05 -13.68
N HIS C 216 -14.24 15.79 -12.76
CA HIS C 216 -14.39 15.50 -11.34
C HIS C 216 -15.48 16.37 -10.67
N ARG C 217 -16.10 17.25 -11.45
CA ARG C 217 -17.20 18.07 -10.95
C ARG C 217 -18.49 17.27 -10.78
N GLY C 218 -19.37 17.77 -9.91
CA GLY C 218 -20.61 17.11 -9.57
C GLY C 218 -21.48 16.95 -10.80
N GLY C 219 -21.65 18.03 -11.56
CA GLY C 219 -22.42 18.00 -12.81
C GLY C 219 -21.95 16.94 -13.79
N ALA C 220 -20.65 16.85 -14.01
CA ALA C 220 -20.09 15.89 -14.98
C ALA C 220 -20.23 14.44 -14.53
N LEU C 221 -20.16 14.21 -13.22
CA LEU C 221 -20.34 12.86 -12.67
C LEU C 221 -21.80 12.45 -12.77
N ASP C 222 -22.69 13.39 -12.44
CA ASP C 222 -24.13 13.15 -12.56
C ASP C 222 -24.51 12.76 -13.97
N TYR C 223 -23.97 13.50 -14.95
CA TYR C 223 -24.24 13.23 -16.36
C TYR C 223 -23.71 11.88 -16.77
N GLN C 224 -22.46 11.60 -16.40
CA GLN C 224 -21.80 10.35 -16.76
C GLN C 224 -22.57 9.10 -16.27
N GLU C 225 -23.09 9.18 -15.03
CA GLU C 225 -23.93 8.13 -14.43
C GLU C 225 -25.30 7.99 -15.09
N TRP C 226 -25.91 9.13 -15.43
CA TRP C 226 -27.18 9.17 -16.16
C TRP C 226 -27.08 8.44 -17.49
N CYS C 227 -26.01 8.71 -18.22
CA CYS C 227 -25.69 7.99 -19.44
C CYS C 227 -25.19 6.73 -18.78
N ALA C 228 -25.54 5.52 -19.20
CA ALA C 228 -25.14 4.31 -18.47
C ALA C 228 -26.30 3.78 -17.66
N ALA C 229 -26.91 4.56 -16.75
CA ALA C 229 -28.13 4.13 -16.03
C ALA C 229 -29.43 4.34 -16.85
N HIS C 230 -29.40 5.24 -17.83
CA HIS C 230 -30.54 5.48 -18.73
C HIS C 230 -30.05 5.76 -20.13
N PRO C 231 -29.46 4.75 -20.80
CA PRO C 231 -28.87 4.93 -22.14
C PRO C 231 -29.74 5.66 -23.16
N GLY C 232 -29.19 6.71 -23.78
CA GLY C 232 -29.87 7.46 -24.84
C GLY C 232 -30.92 8.50 -24.42
N GLU C 233 -31.20 8.60 -23.12
CA GLU C 233 -32.18 9.56 -22.64
C GLU C 233 -31.55 10.93 -22.31
N ARG C 234 -32.25 11.99 -22.73
CA ARG C 234 -31.84 13.35 -22.48
C ARG C 234 -31.62 13.64 -21.01
N PHE C 235 -30.55 14.39 -20.72
CA PHE C 235 -30.17 14.70 -19.34
C PHE C 235 -30.67 16.09 -18.96
N PRO C 236 -31.70 16.17 -18.10
CA PRO C 236 -32.19 17.49 -17.75
C PRO C 236 -31.18 18.30 -16.96
N VAL C 237 -31.08 19.59 -17.31
CA VAL C 237 -30.17 20.54 -16.70
C VAL C 237 -30.81 21.93 -16.68
N SER C 238 -30.50 22.70 -15.64
CA SER C 238 -30.95 24.09 -15.51
C SER C 238 -29.82 24.94 -14.96
N VAL C 239 -29.72 26.19 -15.45
CA VAL C 239 -28.69 27.11 -15.00
C VAL C 239 -29.34 28.40 -14.49
N ALA C 240 -29.01 28.79 -13.26
CA ALA C 240 -29.53 30.03 -12.68
C ALA C 240 -28.46 31.13 -12.73
N LEU C 241 -28.83 32.30 -13.25
CA LEU C 241 -27.98 33.50 -13.27
C LEU C 241 -28.50 34.56 -12.30
N GLY C 242 -27.65 35.05 -11.40
CA GLY C 242 -28.03 36.13 -10.50
C GLY C 242 -28.82 35.74 -9.24
N ALA C 243 -28.55 34.56 -8.69
CA ALA C 243 -29.11 34.18 -7.40
C ALA C 243 -28.60 35.09 -6.27
N ASP C 244 -29.18 34.95 -5.09
CA ASP C 244 -28.71 35.66 -3.89
C ASP C 244 -27.28 35.26 -3.57
N PRO C 245 -26.50 36.16 -2.93
CA PRO C 245 -25.07 35.92 -2.72
C PRO C 245 -24.72 34.69 -1.85
N ALA C 246 -25.52 34.39 -0.85
CA ALA C 246 -25.30 33.19 -0.06
C ALA C 246 -25.40 31.91 -0.91
N THR C 247 -26.35 31.86 -1.82
CA THR C 247 -26.45 30.73 -2.74
C THR C 247 -25.22 30.65 -3.67
N ILE C 248 -24.79 31.79 -4.21
CA ILE C 248 -23.65 31.85 -5.11
C ILE C 248 -22.38 31.39 -4.40
N LEU C 249 -22.14 31.92 -3.21
CA LEU C 249 -20.93 31.58 -2.49
C LEU C 249 -21.01 30.14 -2.01
N GLY C 250 -22.21 29.68 -1.70
CA GLY C 250 -22.38 28.27 -1.35
C GLY C 250 -22.03 27.35 -2.49
N ALA C 251 -22.32 27.78 -3.72
CA ALA C 251 -22.06 26.97 -4.91
C ALA C 251 -20.58 26.69 -5.07
N VAL C 252 -19.76 27.69 -4.75
CA VAL C 252 -18.34 27.65 -5.03
C VAL C 252 -17.53 27.24 -3.81
N THR C 253 -18.17 27.13 -2.64
CA THR C 253 -17.52 26.60 -1.46
C THR C 253 -17.53 25.09 -1.68
N PRO C 254 -16.37 24.45 -1.51
CA PRO C 254 -16.33 23.00 -1.71
C PRO C 254 -16.90 22.26 -0.50
N VAL C 255 -18.22 22.05 -0.51
CA VAL C 255 -18.84 21.17 0.47
C VAL C 255 -18.73 19.75 -0.09
N PRO C 256 -19.00 18.73 0.76
CA PRO C 256 -19.00 17.36 0.24
C PRO C 256 -19.93 17.15 -0.99
N ASP C 257 -19.62 16.16 -1.83
CA ASP C 257 -20.53 15.75 -2.92
C ASP C 257 -21.84 15.14 -2.37
N THR C 258 -21.75 14.54 -1.17
CA THR C 258 -22.94 14.00 -0.46
C THR C 258 -24.02 15.08 -0.18
N LEU C 259 -23.60 16.33 0.05
CA LEU C 259 -24.46 17.42 0.51
C LEU C 259 -24.83 18.40 -0.61
N SER C 260 -26.07 18.91 -0.55
CA SER C 260 -26.50 19.96 -1.47
C SER C 260 -25.90 21.29 -1.05
N GLU C 261 -25.43 22.01 -2.06
CA GLU C 261 -24.87 23.33 -1.87
C GLU C 261 -25.98 24.31 -1.42
N TYR C 262 -27.24 23.95 -1.65
CA TYR C 262 -28.39 24.74 -1.15
C TYR C 262 -28.51 24.72 0.38
N ALA C 263 -28.04 23.65 0.99
CA ALA C 263 -28.15 23.48 2.43
C ALA C 263 -27.10 24.36 3.14
N PHE C 264 -25.89 24.37 2.59
CA PHE C 264 -24.85 25.19 3.16
C PHE C 264 -25.18 26.67 3.09
N ALA C 265 -25.76 27.11 1.97
CA ALA C 265 -26.12 28.51 1.80
C ALA C 265 -27.13 28.91 2.89
N GLY C 266 -27.99 27.97 3.26
CA GLY C 266 -28.92 28.20 4.36
C GLY C 266 -28.23 28.48 5.69
N LEU C 267 -27.12 27.80 5.95
CA LEU C 267 -26.34 28.05 7.16
C LEU C 267 -25.67 29.42 7.13
N LEU C 268 -25.08 29.78 6.00
CA LEU C 268 -24.48 31.12 5.84
C LEU C 268 -25.52 32.22 5.97
N ARG C 269 -26.73 31.96 5.50
CA ARG C 269 -27.77 32.98 5.49
C ARG C 269 -28.42 33.07 6.85
N GLY C 270 -28.70 31.91 7.46
CA GLY C 270 -29.44 31.84 8.72
C GLY C 270 -30.89 31.45 8.46
N THR C 271 -31.29 31.39 7.19
CA THR C 271 -32.66 31.05 6.79
C THR C 271 -32.58 30.10 5.60
N LYS C 272 -33.56 29.19 5.46
CA LYS C 272 -33.62 28.26 4.32
C LYS C 272 -33.54 28.97 2.97
N THR C 273 -32.85 28.35 2.03
CA THR C 273 -32.78 28.86 0.67
C THR C 273 -34.15 28.70 0.02
N GLU C 274 -34.71 29.80 -0.46
CA GLU C 274 -36.00 29.77 -1.11
C GLU C 274 -35.87 29.39 -2.58
N VAL C 275 -36.56 28.33 -2.99
CA VAL C 275 -36.39 27.80 -4.33
C VAL C 275 -37.74 27.62 -5.07
N VAL C 276 -37.69 27.34 -6.38
CA VAL C 276 -38.90 27.16 -7.20
C VAL C 276 -38.64 26.01 -8.16
N LYS C 277 -39.65 25.19 -8.41
CA LYS C 277 -39.53 24.08 -9.36
C LYS C 277 -39.33 24.67 -10.78
N CYS C 278 -38.49 24.03 -11.59
CA CYS C 278 -38.33 24.47 -12.98
C CYS C 278 -39.59 24.12 -13.74
N ILE C 279 -39.79 24.80 -14.85
CA ILE C 279 -40.99 24.65 -15.69
C ILE C 279 -40.93 23.31 -16.44
N SER C 280 -39.75 22.96 -16.96
CA SER C 280 -39.59 21.82 -17.87
C SER C 280 -38.93 20.60 -17.23
N ASN C 281 -38.54 20.69 -15.95
CA ASN C 281 -38.02 19.50 -15.25
C ASN C 281 -38.26 19.56 -13.75
N ASP C 282 -37.78 18.56 -13.01
CA ASP C 282 -38.01 18.49 -11.56
C ASP C 282 -36.87 19.13 -10.74
N LEU C 283 -35.94 19.82 -11.39
CA LEU C 283 -34.87 20.53 -10.68
C LEU C 283 -35.39 21.82 -10.08
N GLU C 284 -34.81 22.25 -8.96
CA GLU C 284 -35.25 23.48 -8.32
C GLU C 284 -34.13 24.53 -8.36
N VAL C 285 -34.53 25.76 -8.68
CA VAL C 285 -33.64 26.89 -8.85
C VAL C 285 -34.04 27.99 -7.89
N PRO C 286 -33.09 28.88 -7.54
CA PRO C 286 -33.36 29.92 -6.55
C PRO C 286 -34.46 30.86 -7.01
N ALA C 287 -35.42 31.12 -6.12
CA ALA C 287 -36.61 31.89 -6.49
C ALA C 287 -36.26 33.32 -6.89
N SER C 288 -35.25 33.86 -6.23
CA SER C 288 -34.75 35.21 -6.48
C SER C 288 -33.83 35.37 -7.74
N ALA C 289 -33.54 34.30 -8.47
CA ALA C 289 -32.72 34.37 -9.67
C ALA C 289 -33.20 35.45 -10.63
N GLU C 290 -32.28 36.09 -11.34
CA GLU C 290 -32.63 37.08 -12.34
C GLU C 290 -33.01 36.43 -13.67
N ILE C 291 -32.27 35.40 -14.05
CA ILE C 291 -32.50 34.67 -15.31
C ILE C 291 -32.29 33.19 -15.03
N VAL C 292 -33.08 32.34 -15.67
CA VAL C 292 -32.87 30.90 -15.61
C VAL C 292 -32.94 30.27 -16.99
N LEU C 293 -31.99 29.40 -17.28
CA LEU C 293 -31.99 28.66 -18.54
C LEU C 293 -32.35 27.21 -18.22
N GLU C 294 -33.31 26.65 -18.95
CA GLU C 294 -33.67 25.24 -18.76
C GLU C 294 -33.48 24.48 -20.05
N GLY C 295 -33.10 23.22 -19.92
CA GLY C 295 -33.00 22.37 -21.09
C GLY C 295 -32.43 21.02 -20.78
N TYR C 296 -31.57 20.56 -21.67
CA TYR C 296 -31.06 19.20 -21.54
C TYR C 296 -29.81 19.04 -22.35
N ILE C 297 -29.08 17.98 -22.03
CA ILE C 297 -27.95 17.54 -22.81
C ILE C 297 -28.39 16.29 -23.55
N GLU C 298 -28.32 16.36 -24.88
CA GLU C 298 -28.55 15.23 -25.74
C GLU C 298 -27.31 14.31 -25.68
N GLN C 299 -27.49 13.05 -25.27
CA GLN C 299 -26.37 12.13 -25.15
C GLN C 299 -25.58 11.98 -26.45
N GLY C 300 -24.26 12.01 -26.34
CA GLY C 300 -23.38 11.95 -27.50
C GLY C 300 -23.07 13.27 -28.18
N GLU C 301 -23.94 14.29 -28.04
CA GLU C 301 -23.76 15.57 -28.73
C GLU C 301 -22.67 16.39 -28.03
N THR C 302 -21.64 16.71 -28.81
CA THR C 302 -20.53 17.49 -28.30
C THR C 302 -20.07 18.56 -29.31
N ALA C 303 -19.33 19.54 -28.82
CA ALA C 303 -18.80 20.58 -29.67
C ALA C 303 -17.39 20.94 -29.24
N PRO C 304 -16.55 21.41 -30.17
CA PRO C 304 -15.26 21.98 -29.82
C PRO C 304 -15.46 23.28 -29.04
N GLU C 305 -14.77 23.37 -27.90
CA GLU C 305 -14.93 24.47 -26.95
C GLU C 305 -13.67 25.31 -26.95
N GLY C 306 -13.83 26.61 -27.07
CA GLY C 306 -12.69 27.54 -27.01
C GLY C 306 -11.96 27.67 -28.34
N PRO C 307 -10.73 28.23 -28.33
CA PRO C 307 -9.95 28.61 -27.15
C PRO C 307 -10.57 29.71 -26.30
N TYR C 308 -10.27 29.65 -25.00
CA TYR C 308 -10.63 30.68 -24.02
C TYR C 308 -9.47 31.00 -23.10
N GLY C 309 -9.30 32.29 -22.81
CA GLY C 309 -8.36 32.75 -21.80
C GLY C 309 -8.82 32.23 -20.47
N ASP C 310 -7.86 31.86 -19.63
CA ASP C 310 -8.08 31.14 -18.39
C ASP C 310 -7.46 31.90 -17.21
N HIS C 311 -7.78 31.44 -16.01
CA HIS C 311 -7.29 32.03 -14.77
C HIS C 311 -5.76 32.03 -14.63
N THR C 312 -5.07 31.20 -15.43
CA THR C 312 -3.60 31.23 -15.48
C THR C 312 -3.00 32.39 -16.24
N GLY C 313 -3.84 33.10 -17.01
CA GLY C 313 -3.33 34.14 -17.92
C GLY C 313 -2.90 33.62 -19.29
N TYR C 314 -3.29 32.38 -19.62
CA TYR C 314 -3.06 31.82 -20.95
C TYR C 314 -4.33 31.29 -21.57
N TYR C 315 -4.29 31.01 -22.86
CA TYR C 315 -5.48 30.49 -23.52
C TYR C 315 -5.45 28.99 -23.31
N ASN C 316 -6.58 28.39 -22.99
CA ASN C 316 -6.78 26.94 -23.13
C ASN C 316 -6.93 26.66 -24.61
N GLU C 317 -6.29 25.61 -25.12
CA GLU C 317 -6.53 25.17 -26.48
C GLU C 317 -7.90 24.53 -26.66
N VAL C 318 -8.31 24.31 -27.91
CA VAL C 318 -9.65 23.77 -28.22
C VAL C 318 -9.81 22.35 -27.67
N ASP C 319 -11.03 22.01 -27.24
CA ASP C 319 -11.34 20.69 -26.65
C ASP C 319 -12.86 20.43 -26.72
N SER C 320 -13.29 19.17 -26.75
CA SER C 320 -14.71 18.83 -26.89
C SER C 320 -15.46 18.71 -25.55
N PHE C 321 -16.67 19.26 -25.50
CA PHE C 321 -17.55 19.12 -24.33
C PHE C 321 -19.01 18.98 -24.71
N PRO C 322 -19.83 18.44 -23.80
CA PRO C 322 -21.24 18.28 -24.09
C PRO C 322 -21.94 19.57 -24.50
N VAL C 323 -22.95 19.45 -25.35
CA VAL C 323 -23.80 20.58 -25.74
C VAL C 323 -25.07 20.61 -24.89
N PHE C 324 -25.42 21.80 -24.43
CA PHE C 324 -26.58 22.04 -23.58
C PHE C 324 -27.58 22.74 -24.48
N THR C 325 -28.70 22.08 -24.74
CA THR C 325 -29.74 22.63 -25.58
C THR C 325 -30.74 23.36 -24.69
N VAL C 326 -31.02 24.63 -25.01
CA VAL C 326 -31.82 25.47 -24.13
C VAL C 326 -33.26 25.59 -24.63
N THR C 327 -34.19 25.01 -23.88
CA THR C 327 -35.60 24.94 -24.31
C THR C 327 -36.43 26.09 -23.71
N HIS C 328 -35.97 26.64 -22.60
CA HIS C 328 -36.71 27.71 -21.93
C HIS C 328 -35.76 28.73 -21.37
N ILE C 329 -36.20 29.98 -21.36
CA ILE C 329 -35.50 31.06 -20.67
C ILE C 329 -36.54 31.80 -19.83
N THR C 330 -36.35 31.78 -18.52
CA THR C 330 -37.24 32.44 -17.57
C THR C 330 -36.53 33.63 -16.98
N GLN C 331 -37.25 34.67 -16.59
CA GLN C 331 -36.59 35.85 -16.00
C GLN C 331 -37.50 36.80 -15.26
N ARG C 332 -36.90 37.66 -14.45
CA ARG C 332 -37.59 38.78 -13.85
C ARG C 332 -37.91 39.87 -14.88
N GLU C 333 -38.92 40.67 -14.59
CA GLU C 333 -39.28 41.80 -15.46
C GLU C 333 -38.19 42.83 -15.81
N ASP C 334 -37.29 43.16 -14.87
CA ASP C 334 -36.24 44.14 -15.11
C ASP C 334 -34.88 43.44 -15.01
N ALA C 335 -34.81 42.22 -15.55
CA ALA C 335 -33.67 41.33 -15.34
C ALA C 335 -32.28 41.95 -15.55
N ILE C 336 -31.37 41.55 -14.67
CA ILE C 336 -30.02 42.01 -14.63
C ILE C 336 -29.18 40.79 -14.94
N TYR C 337 -28.23 40.95 -15.84
CA TYR C 337 -27.32 39.85 -16.22
C TYR C 337 -26.01 39.88 -15.44
N HIS C 338 -25.79 38.87 -14.61
CA HIS C 338 -24.57 38.76 -13.77
C HIS C 338 -23.48 38.01 -14.50
N SER C 339 -22.32 38.63 -14.60
CA SER C 339 -21.21 38.07 -15.37
C SER C 339 -19.86 38.38 -14.73
N THR C 340 -18.84 37.76 -15.28
CA THR C 340 -17.48 37.99 -14.85
C THR C 340 -16.50 37.55 -15.95
N TYR C 341 -15.24 37.36 -15.58
CA TYR C 341 -14.23 36.95 -16.52
C TYR C 341 -13.13 36.30 -15.67
N THR C 342 -12.32 35.47 -16.31
CA THR C 342 -11.03 35.07 -15.76
C THR C 342 -9.92 35.46 -16.69
N GLY C 343 -8.77 35.75 -16.10
CA GLY C 343 -7.60 36.02 -16.85
C GLY C 343 -6.40 36.00 -15.92
N ARG C 344 -5.35 36.68 -16.32
CA ARG C 344 -4.18 36.84 -15.51
C ARG C 344 -4.60 37.24 -14.14
N PRO C 345 -4.07 36.59 -13.12
CA PRO C 345 -4.52 37.01 -11.80
C PRO C 345 -3.90 38.34 -11.39
N PRO C 346 -4.60 39.09 -10.53
CA PRO C 346 -5.82 38.74 -9.90
C PRO C 346 -7.07 39.08 -10.68
N ASP C 347 -8.06 38.18 -10.60
CA ASP C 347 -9.41 38.38 -11.10
C ASP C 347 -10.42 37.98 -10.03
N GLU C 348 -11.71 38.12 -10.31
CA GLU C 348 -12.72 37.84 -9.30
C GLU C 348 -12.63 36.42 -8.76
N PRO C 349 -12.43 35.44 -9.62
CA PRO C 349 -12.22 34.10 -9.08
C PRO C 349 -11.07 33.98 -8.07
N ALA C 350 -9.95 34.61 -8.39
CA ALA C 350 -8.81 34.63 -7.51
C ALA C 350 -9.11 35.27 -6.16
N VAL C 351 -9.86 36.37 -6.17
CA VAL C 351 -10.25 37.01 -4.94
C VAL C 351 -11.22 36.11 -4.15
N LEU C 352 -12.17 35.47 -4.83
CA LEU C 352 -13.02 34.47 -4.20
C LEU C 352 -12.17 33.42 -3.53
N GLY C 353 -11.22 32.89 -4.29
CA GLY C 353 -10.30 31.89 -3.76
C GLY C 353 -9.48 32.31 -2.55
N VAL C 354 -9.17 33.59 -2.41
CA VAL C 354 -8.40 34.07 -1.27
C VAL C 354 -9.27 34.16 -0.05
N ALA C 355 -10.50 34.64 -0.23
CA ALA C 355 -11.46 34.65 0.88
C ALA C 355 -11.82 33.24 1.34
N LEU C 356 -11.99 32.31 0.42
CA LEU C 356 -12.31 30.95 0.81
C LEU C 356 -11.17 30.19 1.42
N ASN C 357 -9.94 30.64 1.25
CA ASN C 357 -8.86 29.99 1.95
C ASN C 357 -8.95 30.28 3.43
N GLU C 358 -9.45 31.44 3.81
CA GLU C 358 -9.68 31.75 5.20
C GLU C 358 -10.62 30.77 5.84
N VAL C 359 -11.60 30.31 5.08
CA VAL C 359 -12.45 29.23 5.53
C VAL C 359 -11.66 27.95 5.84
N PHE C 360 -10.65 27.61 5.02
CA PHE C 360 -9.89 26.37 5.24
C PHE C 360 -8.83 26.40 6.35
N VAL C 361 -8.31 27.56 6.70
CA VAL C 361 -7.28 27.58 7.72
C VAL C 361 -7.66 26.79 9.01
N PRO C 362 -8.83 27.07 9.62
CA PRO C 362 -9.31 26.29 10.77
C PRO C 362 -9.35 24.81 10.55
N ILE C 363 -9.72 24.37 9.33
CA ILE C 363 -9.81 22.92 9.03
C ILE C 363 -8.44 22.27 9.02
N LEU C 364 -7.50 22.93 8.35
CA LEU C 364 -6.10 22.55 8.45
C LEU C 364 -5.57 22.58 9.88
N GLN C 365 -5.89 23.63 10.65
CA GLN C 365 -5.38 23.74 12.01
C GLN C 365 -5.88 22.67 12.95
N LYS C 366 -7.07 22.16 12.68
CA LYS C 366 -7.66 21.13 13.48
C LYS C 366 -6.82 19.91 13.32
N GLN C 367 -6.38 19.65 12.10
CA GLN C 367 -5.57 18.48 11.79
C GLN C 367 -4.14 18.68 12.19
N PHE C 368 -3.64 19.88 11.93
CA PHE C 368 -2.26 20.23 12.16
C PHE C 368 -2.17 21.48 13.04
N PRO C 369 -2.29 21.30 14.33
CA PRO C 369 -2.36 22.49 15.20
C PRO C 369 -1.11 23.28 15.26
N GLU C 370 -0.01 22.75 14.76
CA GLU C 370 1.22 23.55 14.61
C GLU C 370 1.15 24.66 13.53
N ILE C 371 0.19 24.58 12.62
CA ILE C 371 0.04 25.57 11.60
C ILE C 371 -0.50 26.88 12.17
N VAL C 372 0.23 27.96 12.01
CA VAL C 372 -0.18 29.29 12.46
C VAL C 372 -0.91 30.05 11.36
N ASP C 373 -0.42 29.96 10.12
CA ASP C 373 -1.06 30.58 9.00
C ASP C 373 -0.83 29.74 7.72
N PHE C 374 -1.74 29.83 6.76
CA PHE C 374 -1.69 29.07 5.53
C PHE C 374 -2.27 29.96 4.45
N TYR C 375 -1.47 30.30 3.45
CA TYR C 375 -1.81 31.34 2.45
C TYR C 375 -1.44 30.91 1.04
N LEU C 376 -2.37 31.06 0.10
CA LEU C 376 -2.13 30.79 -1.32
C LEU C 376 -2.22 32.09 -2.09
N PRO C 377 -1.09 32.72 -2.36
CA PRO C 377 -1.11 33.98 -3.07
C PRO C 377 -1.85 33.94 -4.41
N PRO C 378 -2.66 34.97 -4.73
CA PRO C 378 -3.31 35.08 -6.05
C PRO C 378 -2.34 35.01 -7.24
N GLU C 379 -1.18 35.67 -7.12
CA GLU C 379 -0.13 35.65 -8.15
C GLU C 379 0.34 34.24 -8.51
N GLY C 380 0.09 33.23 -7.68
CA GLY C 380 0.37 31.85 -8.08
C GLY C 380 -0.80 31.11 -8.71
N CYS C 381 -1.66 31.81 -9.43
CA CYS C 381 -2.85 31.25 -10.06
C CYS C 381 -3.72 30.59 -9.01
N SER C 382 -3.66 31.15 -7.80
CA SER C 382 -4.59 30.83 -6.68
C SER C 382 -4.39 29.55 -5.96
N TYR C 383 -3.84 28.54 -6.63
CA TYR C 383 -3.66 27.24 -5.98
C TYR C 383 -2.24 26.68 -6.14
N ARG C 384 -1.41 27.28 -6.99
CA ARG C 384 -0.18 26.60 -7.39
C ARG C 384 0.98 26.78 -6.42
N LEU C 385 0.95 27.82 -5.59
CA LEU C 385 1.92 27.97 -4.54
C LEU C 385 1.24 28.26 -3.20
N ALA C 386 1.73 27.63 -2.13
CA ALA C 386 1.24 27.91 -0.78
C ALA C 386 2.41 28.28 0.13
N VAL C 387 2.19 29.23 1.02
CA VAL C 387 3.11 29.55 2.10
C VAL C 387 2.48 29.18 3.42
N VAL C 388 3.17 28.36 4.21
CA VAL C 388 2.67 27.86 5.51
C VAL C 388 3.63 28.27 6.61
N THR C 389 3.14 28.84 7.69
CA THR C 389 3.96 29.10 8.87
C THR C 389 3.57 28.17 10.05
N ILE C 390 4.57 27.71 10.80
CA ILE C 390 4.36 26.73 11.85
C ILE C 390 5.10 27.11 13.11
N LYS C 391 4.62 26.56 14.24
CA LYS C 391 5.40 26.49 15.46
C LYS C 391 6.14 25.16 15.45
N LYS C 392 7.40 25.19 15.01
CA LYS C 392 8.19 23.99 14.83
C LYS C 392 8.48 23.38 16.20
N GLN C 393 8.34 22.06 16.27
CA GLN C 393 8.45 21.28 17.51
C GLN C 393 9.51 20.14 17.48
N TYR C 394 10.07 19.82 16.33
CA TYR C 394 11.08 18.74 16.22
C TYR C 394 11.79 18.74 14.86
N ALA C 395 13.02 18.29 14.83
CA ALA C 395 13.75 18.15 13.57
C ALA C 395 12.92 17.41 12.53
N GLY C 396 12.84 17.98 11.34
CA GLY C 396 12.18 17.36 10.24
C GLY C 396 10.73 17.75 10.09
N HIS C 397 10.24 18.56 11.01
CA HIS C 397 8.83 18.89 11.10
C HIS C 397 8.33 19.47 9.80
N ALA C 398 9.10 20.34 9.18
CA ALA C 398 8.62 20.95 7.95
C ALA C 398 8.18 19.96 6.89
N LYS C 399 8.84 18.80 6.82
CA LYS C 399 8.54 17.81 5.81
C LYS C 399 7.20 17.18 6.03
N ARG C 400 6.82 16.99 7.29
CA ARG C 400 5.51 16.40 7.58
C ARG C 400 4.43 17.36 7.12
N VAL C 401 4.62 18.64 7.40
CA VAL C 401 3.67 19.64 7.00
C VAL C 401 3.51 19.70 5.48
N MET C 402 4.62 19.71 4.72
CA MET C 402 4.54 19.69 3.24
C MET C 402 3.69 18.52 2.75
N MET C 403 3.90 17.36 3.35
CA MET C 403 3.17 16.19 2.95
C MET C 403 1.69 16.23 3.33
N GLY C 404 1.40 16.95 4.38
CA GLY C 404 0.03 17.26 4.74
C GLY C 404 -0.66 18.18 3.77
N VAL C 405 0.03 19.22 3.33
CA VAL C 405 -0.58 20.12 2.32
C VAL C 405 -0.89 19.29 1.07
N TRP C 406 0.06 18.47 0.67
CA TRP C 406 -0.09 17.69 -0.54
C TRP C 406 -1.06 16.49 -0.44
N SER C 407 -1.47 16.08 0.78
CA SER C 407 -2.37 14.92 0.93
C SER C 407 -3.71 15.14 1.65
N PHE C 408 -3.80 16.12 2.56
CA PHE C 408 -4.95 16.20 3.47
C PHE C 408 -6.24 16.61 2.75
N LEU C 409 -6.30 17.82 2.23
CA LEU C 409 -7.44 18.26 1.39
C LEU C 409 -7.18 18.22 -0.15
N ARG C 410 -8.24 17.95 -0.91
CA ARG C 410 -8.16 17.86 -2.37
C ARG C 410 -7.94 19.19 -3.01
N GLN C 411 -8.37 20.30 -2.40
CA GLN C 411 -8.12 21.61 -3.01
C GLN C 411 -6.63 21.87 -3.21
N PHE C 412 -5.79 21.28 -2.36
CA PHE C 412 -4.36 21.48 -2.48
C PHE C 412 -3.56 20.29 -3.02
N MET C 413 -4.24 19.27 -3.53
CA MET C 413 -3.56 18.08 -4.14
C MET C 413 -2.62 18.47 -5.31
N TYR C 414 -2.95 19.56 -6.01
CA TYR C 414 -2.29 19.94 -7.24
C TYR C 414 -1.32 21.14 -7.04
N THR C 415 -1.09 21.50 -5.78
CA THR C 415 -0.24 22.65 -5.40
C THR C 415 1.23 22.30 -5.56
N LYS C 416 1.93 22.92 -6.52
CA LYS C 416 3.26 22.41 -6.85
C LYS C 416 4.42 23.03 -6.14
N PHE C 417 4.25 24.20 -5.53
CA PHE C 417 5.28 24.74 -4.64
C PHE C 417 4.72 24.90 -3.24
N VAL C 418 5.44 24.40 -2.23
CA VAL C 418 5.10 24.70 -0.85
C VAL C 418 6.32 25.26 -0.14
N ILE C 419 6.17 26.43 0.46
CA ILE C 419 7.24 27.05 1.25
C ILE C 419 6.84 26.95 2.74
N VAL C 420 7.70 26.36 3.60
CA VAL C 420 7.41 26.30 5.02
C VAL C 420 8.32 27.20 5.84
N CYS C 421 7.72 28.04 6.69
CA CYS C 421 8.49 28.96 7.53
C CYS C 421 8.08 28.86 8.99
N ASP C 422 8.84 29.52 9.87
CA ASP C 422 8.50 29.64 11.30
C ASP C 422 7.47 30.72 11.51
N ASP C 423 6.97 30.81 12.73
CA ASP C 423 5.90 31.75 13.05
C ASP C 423 6.34 33.21 13.21
N ASP C 424 7.61 33.52 13.09
CA ASP C 424 8.04 34.93 13.04
C ASP C 424 7.91 35.52 11.65
N VAL C 425 7.37 34.77 10.70
CA VAL C 425 7.27 35.21 9.33
C VAL C 425 5.83 35.46 9.05
N ASN C 426 5.54 36.60 8.45
CA ASN C 426 4.20 36.84 7.94
C ASN C 426 4.11 36.23 6.56
N ALA C 427 3.28 35.21 6.44
CA ALA C 427 3.17 34.42 5.21
C ALA C 427 2.72 35.23 4.05
N ARG C 428 2.16 36.40 4.35
CA ARG C 428 1.50 37.20 3.32
C ARG C 428 2.34 38.35 2.80
N ASP C 429 3.63 38.38 3.21
CA ASP C 429 4.55 39.46 2.88
C ASP C 429 5.80 38.83 2.27
N TRP C 430 5.99 39.05 0.97
CA TRP C 430 7.14 38.49 0.31
C TRP C 430 8.45 38.99 0.90
N ASN C 431 8.45 40.15 1.52
CA ASN C 431 9.63 40.57 2.26
C ASN C 431 10.02 39.64 3.39
N ASP C 432 9.05 39.05 4.07
CA ASP C 432 9.38 38.12 5.13
C ASP C 432 9.74 36.75 4.55
N VAL C 433 8.94 36.30 3.59
CA VAL C 433 9.12 34.98 3.04
C VAL C 433 10.45 34.88 2.33
N ILE C 434 10.77 35.86 1.49
CA ILE C 434 12.08 35.85 0.81
C ILE C 434 13.24 35.94 1.83
N TRP C 435 13.09 36.79 2.84
CA TRP C 435 14.06 36.81 3.92
C TRP C 435 14.32 35.38 4.50
N ALA C 436 13.26 34.63 4.77
CA ALA C 436 13.38 33.33 5.39
C ALA C 436 14.06 32.33 4.48
N ILE C 437 13.61 32.31 3.23
CA ILE C 437 14.25 31.52 2.20
C ILE C 437 15.76 31.79 2.05
N THR C 438 16.12 33.06 2.01
CA THR C 438 17.51 33.46 1.75
C THR C 438 18.40 33.46 3.00
N THR C 439 17.84 33.32 4.20
CA THR C 439 18.68 33.24 5.41
C THR C 439 18.57 31.91 6.18
N ARG C 440 17.59 31.06 5.85
CA ARG C 440 17.43 29.78 6.56
C ARG C 440 17.54 28.50 5.71
N MET C 441 17.71 28.63 4.40
CA MET C 441 17.93 27.47 3.53
C MET C 441 19.33 27.34 2.96
N ASP C 442 19.78 26.08 2.90
CA ASP C 442 20.79 25.66 1.90
C ASP C 442 20.00 24.92 0.85
N PRO C 443 20.00 25.44 -0.37
CA PRO C 443 19.07 25.00 -1.38
C PRO C 443 19.01 23.50 -1.56
N ALA C 444 20.14 22.86 -1.73
CA ALA C 444 20.15 21.44 -2.03
C ALA C 444 19.77 20.60 -0.81
N ARG C 445 20.16 20.99 0.38
CA ARG C 445 19.77 20.25 1.59
C ARG C 445 18.30 20.37 1.93
N ASP C 446 17.71 21.53 1.61
CA ASP C 446 16.42 21.93 2.21
C ASP C 446 15.26 21.98 1.22
N THR C 447 15.50 21.49 0.01
CA THR C 447 14.50 21.45 -1.03
C THR C 447 14.06 20.02 -1.19
N VAL C 448 12.77 19.80 -1.21
CA VAL C 448 12.22 18.48 -1.46
C VAL C 448 11.58 18.44 -2.84
N LEU C 449 12.03 17.52 -3.69
CA LEU C 449 11.41 17.32 -5.01
C LEU C 449 10.77 15.96 -5.07
N VAL C 450 9.56 15.88 -5.60
CA VAL C 450 8.91 14.64 -5.75
C VAL C 450 8.39 14.56 -7.14
N GLU C 451 8.58 13.42 -7.80
CA GLU C 451 8.20 13.30 -9.19
C GLU C 451 7.01 12.43 -9.39
N ASN C 452 6.38 12.56 -10.55
CA ASN C 452 5.28 11.71 -10.97
C ASN C 452 4.16 11.78 -9.98
N THR C 453 3.75 13.03 -9.72
CA THR C 453 2.63 13.31 -8.87
C THR C 453 1.49 13.89 -9.71
N PRO C 454 0.26 13.81 -9.18
CA PRO C 454 -0.88 14.39 -9.89
C PRO C 454 -0.78 15.90 -10.11
N ILE C 455 -1.06 16.30 -11.34
CA ILE C 455 -0.96 17.68 -11.75
C ILE C 455 -2.16 17.93 -12.65
N ASP C 456 -2.66 19.15 -12.58
CA ASP C 456 -3.74 19.61 -13.41
C ASP C 456 -3.41 19.36 -14.90
N TYR C 457 -4.33 18.71 -15.60
CA TYR C 457 -4.09 18.30 -16.99
C TYR C 457 -3.87 19.49 -17.94
N LEU C 458 -4.36 20.66 -17.56
CA LEU C 458 -4.18 21.84 -18.37
C LEU C 458 -2.89 22.57 -18.07
N ASP C 459 -2.10 22.08 -17.13
CA ASP C 459 -0.87 22.77 -16.82
C ASP C 459 0.15 22.29 -17.82
N PHE C 460 0.34 23.11 -18.86
CA PHE C 460 1.26 22.84 -19.95
C PHE C 460 2.75 22.78 -19.59
N ALA C 461 3.07 23.16 -18.37
CA ALA C 461 4.47 23.23 -17.96
C ALA C 461 5.02 21.90 -17.50
N SER C 462 4.11 20.97 -17.21
CA SER C 462 4.47 19.62 -16.74
C SER C 462 4.87 18.79 -17.95
N PRO C 463 5.68 17.75 -17.74
CA PRO C 463 6.25 17.01 -18.87
C PRO C 463 5.21 16.24 -19.62
N VAL C 464 4.17 15.82 -18.94
CA VAL C 464 3.11 14.98 -19.50
C VAL C 464 1.77 15.44 -18.95
N SER C 465 0.72 15.40 -19.75
CA SER C 465 -0.55 15.83 -19.23
C SER C 465 -0.97 15.03 -18.00
N GLY C 466 -1.31 15.72 -16.92
CA GLY C 466 -1.75 15.07 -15.71
C GLY C 466 -0.71 14.61 -14.71
N LEU C 467 0.55 14.82 -15.02
CA LEU C 467 1.59 14.25 -14.25
C LEU C 467 2.81 15.21 -14.18
N GLY C 468 3.36 15.40 -12.99
CA GLY C 468 4.46 16.34 -12.82
C GLY C 468 5.07 16.34 -11.42
N SER C 469 6.04 17.22 -11.20
CA SER C 469 6.75 17.23 -9.95
C SER C 469 6.27 18.37 -9.12
N LYS C 470 6.70 18.33 -7.87
CA LYS C 470 6.35 19.29 -6.83
C LYS C 470 7.61 19.59 -6.10
N MET C 471 7.66 20.79 -5.53
CA MET C 471 8.82 21.25 -4.83
C MET C 471 8.39 21.77 -3.48
N GLY C 472 9.05 21.34 -2.41
CA GLY C 472 8.80 21.94 -1.09
C GLY C 472 10.04 22.60 -0.61
N LEU C 473 9.95 23.83 -0.14
CA LEU C 473 11.12 24.54 0.39
C LEU C 473 11.01 24.61 1.91
N ASP C 474 11.92 23.92 2.59
CA ASP C 474 11.96 23.98 4.04
C ASP C 474 12.77 25.19 4.44
N ALA C 475 12.09 26.26 4.83
CA ALA C 475 12.77 27.49 5.24
C ALA C 475 12.63 27.73 6.73
N THR C 476 12.47 26.69 7.52
CA THR C 476 12.45 26.81 8.96
C THR C 476 13.86 26.95 9.50
N ASN C 477 13.99 27.45 10.72
CA ASN C 477 15.30 27.43 11.38
C ASN C 477 15.71 25.99 11.60
N LYS C 478 16.98 25.70 11.32
CA LYS C 478 17.49 24.34 11.44
C LYS C 478 17.98 24.03 12.85
N TRP C 479 17.50 22.90 13.37
CA TRP C 479 17.74 22.49 14.74
C TRP C 479 18.92 21.52 14.71
N PRO C 480 19.53 21.26 15.87
CA PRO C 480 20.62 20.28 15.93
C PRO C 480 20.17 18.99 15.32
N GLY C 481 21.03 18.41 14.46
CA GLY C 481 20.68 17.26 13.67
C GLY C 481 20.53 17.68 12.24
N GLU C 482 19.79 18.77 12.02
CA GLU C 482 19.56 19.29 10.68
C GLU C 482 20.77 20.10 10.22
N THR C 483 21.58 20.56 11.17
CA THR C 483 22.76 21.35 10.86
C THR C 483 23.74 21.14 11.96
N GLN C 484 25.02 21.20 11.65
CA GLN C 484 26.07 21.12 12.69
C GLN C 484 26.61 22.52 13.03
N ARG C 485 26.07 23.57 12.45
CA ARG C 485 26.51 24.92 12.73
C ARG C 485 25.74 25.57 13.90
N GLU C 486 26.30 26.66 14.38
CA GLU C 486 25.69 27.50 15.33
C GLU C 486 24.69 28.37 14.54
N TRP C 487 23.40 28.20 14.80
CA TRP C 487 22.38 28.93 14.07
C TRP C 487 22.34 30.39 14.51
N GLY C 488 21.79 31.27 13.68
CA GLY C 488 21.87 32.68 13.96
C GLY C 488 20.77 33.13 14.90
N ARG C 489 21.11 34.09 15.75
CA ARG C 489 20.16 34.63 16.70
C ARG C 489 19.63 35.85 15.98
N PRO C 490 18.33 35.92 15.71
CA PRO C 490 17.82 37.13 15.06
C PRO C 490 17.85 38.36 15.94
N ILE C 491 17.94 39.52 15.29
CA ILE C 491 17.93 40.80 15.95
C ILE C 491 16.53 41.09 16.38
N LYS C 492 16.31 41.18 17.68
CA LYS C 492 15.02 41.61 18.26
C LYS C 492 15.14 43.04 18.78
N LYS C 493 14.16 43.90 18.47
CA LYS C 493 14.16 45.28 18.99
C LYS C 493 13.84 45.37 20.46
N ASP C 494 14.38 46.40 21.14
CA ASP C 494 14.03 46.67 22.55
C ASP C 494 12.65 47.29 22.63
N PRO C 495 11.68 46.58 23.22
CA PRO C 495 10.30 47.13 23.23
C PRO C 495 10.16 48.49 23.97
N ASP C 496 11.02 48.74 24.95
CA ASP C 496 11.10 50.04 25.60
C ASP C 496 11.56 51.16 24.68
N VAL C 497 12.50 50.88 23.77
CA VAL C 497 12.92 51.85 22.78
C VAL C 497 11.82 52.12 21.78
N VAL C 498 11.16 51.07 21.31
CA VAL C 498 10.09 51.23 20.34
C VAL C 498 8.96 52.08 20.90
N ALA C 499 8.57 51.79 22.15
CA ALA C 499 7.49 52.51 22.80
C ALA C 499 7.81 54.02 22.94
N HIS C 500 9.03 54.32 23.37
CA HIS C 500 9.47 55.69 23.55
C HIS C 500 9.39 56.43 22.21
N ILE C 501 9.83 55.77 21.13
CA ILE C 501 9.78 56.42 19.85
C ILE C 501 8.33 56.61 19.39
N ASP C 502 7.43 55.63 19.61
CA ASP C 502 5.99 55.86 19.31
C ASP C 502 5.51 57.13 19.99
N ALA C 503 5.88 57.31 21.26
CA ALA C 503 5.44 58.46 22.02
C ALA C 503 5.87 59.79 21.43
N ILE C 504 7.13 59.90 20.97
CA ILE C 504 7.67 61.19 20.52
C ILE C 504 7.57 61.36 19.04
N TRP C 505 6.98 60.39 18.37
CA TRP C 505 7.01 60.34 16.91
C TRP C 505 6.33 61.55 16.25
N ASP C 506 5.16 61.92 16.71
CA ASP C 506 4.47 63.09 16.16
C ASP C 506 5.27 64.38 16.41
N GLU C 507 5.82 64.53 17.62
CA GLU C 507 6.63 65.70 18.00
C GLU C 507 7.88 65.80 17.12
N LEU C 508 8.43 64.65 16.72
CA LEU C 508 9.58 64.61 15.83
C LEU C 508 9.26 65.19 14.46
N ALA C 509 8.05 64.92 13.98
CA ALA C 509 7.51 65.56 12.78
C ALA C 509 8.41 65.37 11.57
N ILE C 510 8.70 64.14 11.25
CA ILE C 510 9.60 63.85 10.15
C ILE C 510 8.87 63.94 8.80
N PHE C 511 7.55 63.71 8.77
CA PHE C 511 6.81 63.69 7.47
C PHE C 511 5.84 64.86 7.24
MN MN D . -4.04 4.24 30.46
C9 4LU E . 3.12 -3.99 25.75
C8 4LU E . 2.93 -5.36 25.86
C7 4LU E . 3.93 -6.20 26.36
C10 4LU E . 5.57 -1.46 26.92
C6 4LU E . 5.17 -5.60 26.74
N3 4LU E . 7.59 -0.47 28.51
C2 4LU E . 6.62 0.35 28.06
C13 4LU E . 6.27 -6.28 28.81
C5 4LU E . 6.40 -6.34 27.30
C1 4LU E . 7.68 -4.28 26.28
O2 4LU E . 6.66 1.68 28.43
N1 4LU E . 5.64 -0.14 27.26
C4 4LU E . 7.59 -1.78 28.18
O4 4LU E . 8.52 -2.54 28.61
C4A 4LU E . 6.59 -2.29 27.35
N5 4LU E . 6.58 -3.69 27.05
C3 4LU E . 7.74 -5.70 26.86
C12 4LU E . 6.47 -7.79 26.81
C5A 4LU E . 5.33 -4.21 26.64
C7M 4LU E . 3.62 -7.68 26.44
C8M 4LU E . 1.60 -5.91 25.41
C9A 4LU E . 4.31 -3.38 26.16
N10 4LU E . 4.57 -1.98 26.03
C1' 4LU E . 3.46 -1.09 25.57
C2' 4LU E . 2.52 -0.42 26.58
O2' 4LU E . 2.18 -1.26 27.70
C3' 4LU E . 1.24 0.03 25.84
O3' 4LU E . 1.59 1.06 24.89
C4' 4LU E . 0.13 0.51 26.78
O4' 4LU E . -1.05 0.82 26.03
C5' 4LU E . 0.54 1.73 27.61
O5' 4LU E . -0.60 2.26 28.30
P 4LU E . -0.68 3.84 28.66
O2P 4LU E . -0.66 4.53 27.28
O3P 4LU E . -2.00 4.00 29.38
O1P 4LU E . 0.53 4.06 29.55
NA NA F . -3.07 1.68 27.99
MN MN G . 21.64 -26.06 -24.00
C9 4LU H . 10.91 -23.96 -19.41
C8 4LU H . 10.01 -24.85 -18.89
C7 4LU H . 8.68 -24.83 -19.31
C10 4LU H . 11.16 -21.46 -22.09
C6 4LU H . 8.24 -23.88 -20.24
N3 4LU H . 10.54 -20.26 -24.43
C2 4LU H . 11.82 -20.25 -23.97
C13 4LU H . 6.54 -24.45 -22.01
C5 4LU H . 6.80 -23.71 -20.73
C1 4LU H . 7.71 -21.28 -21.15
O2 4LU H . 12.76 -19.64 -24.75
N1 4LU H . 12.15 -20.84 -22.78
C4 4LU H . 9.55 -20.84 -23.72
O4 4LU H . 8.38 -20.81 -24.21
C4A 4LU H . 9.83 -21.43 -22.48
N5 4LU H . 8.78 -22.07 -21.72
C3 4LU H . 6.51 -22.22 -20.96
C12 4LU H . 5.74 -24.14 -19.72
C5A 4LU H . 9.20 -23.01 -20.76
C7M 4LU H . 7.74 -25.84 -18.72
C8M 4LU H . 10.53 -25.84 -17.89
C9A 4LU H . 10.54 -23.05 -20.37
N10 4LU H . 11.45 -22.06 -20.87
C1' 4LU H . 12.88 -22.12 -20.50
C2' 4LU H . 13.82 -22.97 -21.30
O2' 4LU H . 13.25 -24.22 -21.62
C3' 4LU H . 15.05 -23.18 -20.44
O3' 4LU H . 15.60 -21.91 -20.14
C4' 4LU H . 16.15 -23.98 -21.10
O4' 4LU H . 17.15 -24.23 -20.08
C5' 4LU H . 16.76 -23.28 -22.32
O5' 4LU H . 17.73 -24.17 -22.90
P 4LU H . 18.82 -23.61 -23.93
O2P 4LU H . 19.60 -22.54 -23.15
O3P 4LU H . 19.69 -24.78 -24.28
O1P 4LU H . 17.96 -23.09 -25.08
NA NA I . 18.44 -26.26 -22.54
S SO4 J . 26.57 -17.82 -17.39
O1 SO4 J . 27.44 -18.81 -16.71
O2 SO4 J . 27.26 -16.50 -17.52
O3 SO4 J . 26.27 -18.32 -18.74
O4 SO4 J . 25.31 -17.74 -16.63
MN MN K . -21.54 20.16 -4.81
C9 4LU L . -15.53 29.23 -10.57
C8 4LU L . -15.89 30.59 -10.68
C7 4LU L . -15.95 31.19 -11.96
C10 4LU L . -15.05 26.22 -12.79
C6 4LU L . -15.69 30.40 -13.12
N3 4LU L . -15.30 24.70 -15.08
C2 4LU L . -15.19 24.11 -13.88
C13 4LU L . -16.94 30.56 -15.36
C5 4LU L . -15.69 30.89 -14.56
C1 4LU L . -14.12 28.83 -15.06
O2 4LU L . -15.20 22.74 -13.84
N1 4LU L . -15.06 24.86 -12.74
C4 4LU L . -15.30 26.03 -15.20
O4 4LU L . -15.42 26.51 -16.34
C4A 4LU L . -15.14 26.84 -14.05
N5 4LU L . -15.13 28.26 -14.18
C3 4LU L . -14.50 30.28 -15.33
C12 4LU L . -15.33 32.35 -14.64
C5A 4LU L . -15.34 29.03 -12.98
C7M 4LU L . -16.35 32.64 -12.02
C8M 4LU L . -16.16 31.36 -9.40
C9A 4LU L . -15.28 28.43 -11.70
N10 4LU L . -14.86 27.04 -11.63
C1' 4LU L . -14.83 26.37 -10.31
C2' 4LU L . -16.11 25.68 -9.86
O2' 4LU L . -17.30 26.31 -10.37
C3' 4LU L . -16.19 25.67 -8.33
O3' 4LU L . -14.97 25.27 -7.69
C4' 4LU L . -17.31 24.76 -7.81
O4' 4LU L . -17.11 24.63 -6.39
C5' 4LU L . -17.35 23.37 -8.46
O5' 4LU L . -18.56 22.71 -8.08
P 4LU L . -18.63 21.23 -7.45
O2P 4LU L . -17.66 21.21 -6.28
O3P 4LU L . -20.07 21.28 -7.01
O1P 4LU L . -18.23 20.28 -8.57
NA NA M . -19.67 23.17 -5.39
#